data_7MPM
#
_entry.id   7MPM
#
_cell.length_a   70.777
_cell.length_b   127.472
_cell.length_c   128.588
_cell.angle_alpha   90.000
_cell.angle_beta   95.286
_cell.angle_gamma   90.000
#
_symmetry.space_group_name_H-M   'P 1 21 1'
#
loop_
_entity.id
_entity.type
_entity.pdbx_description
1 polymer 'NanoRNase C'
2 polymer "5'-phosphorylated AA"
3 water water
#
loop_
_entity_poly.entity_id
_entity_poly.type
_entity_poly.pdbx_seq_one_letter_code
_entity_poly.pdbx_strand_id
1 'polypeptide(L)'
;SMTEIRVHQGDLPNLDNYRIDAVAVDTETLGLQPHRDRLCVVQLSSGDGTADVIQIAKGQKSAPNLVRLLSDRDITKIFH
FGRFDLAILAHTFGVMPDVVFCTKIASKLTRTYTDRHGLKEICGELLNVNISKQQQSSDWAAETLSRAQIEYAASDVLYL
HRLKDIFEERLKREERESVAKACFQFLPMRANLDLLGWSEIDIFAHS
;
A,C,E,G,I,K,M,O
2 'polyribonucleotide' AA B,D,F,H,J,L,N,P
#
# COMPACT_ATOMS: atom_id res chain seq x y z
N MET A 2 30.96 6.95 36.21
CA MET A 2 31.20 8.39 36.31
C MET A 2 29.87 9.14 36.47
N THR A 3 28.91 8.82 35.60
CA THR A 3 27.58 9.40 35.71
C THR A 3 26.88 8.83 36.94
N GLU A 4 26.53 9.71 37.89
CA GLU A 4 25.83 9.27 39.09
C GLU A 4 24.36 9.03 38.77
N ILE A 5 23.90 7.80 38.96
CA ILE A 5 22.51 7.41 38.76
C ILE A 5 21.97 6.91 40.09
N ARG A 6 21.00 7.62 40.65
CA ARG A 6 20.38 7.25 41.92
C ARG A 6 19.10 6.48 41.65
N VAL A 7 19.03 5.25 42.15
CA VAL A 7 17.87 4.39 41.93
C VAL A 7 16.99 4.42 43.16
N HIS A 8 15.68 4.59 42.96
CA HIS A 8 14.72 4.65 44.06
C HIS A 8 13.59 3.67 43.83
N GLN A 9 12.96 3.27 44.95
CA GLN A 9 11.74 2.48 44.92
C GLN A 9 10.56 3.41 45.22
N GLY A 10 9.62 3.47 44.30
CA GLY A 10 8.36 4.18 44.53
C GLY A 10 8.32 5.66 44.25
N ASP A 11 9.28 6.41 44.78
CA ASP A 11 9.24 7.86 44.70
C ASP A 11 10.64 8.37 45.02
N LEU A 12 10.88 9.64 44.65
CA LEU A 12 12.03 10.33 45.18
C LEU A 12 11.91 10.41 46.70
N PRO A 13 13.03 10.37 47.43
CA PRO A 13 12.95 10.56 48.89
C PRO A 13 12.53 11.97 49.27
N ASN A 14 12.90 12.97 48.47
CA ASN A 14 12.59 14.37 48.70
C ASN A 14 12.88 15.11 47.40
N LEU A 15 12.68 16.42 47.42
CA LEU A 15 12.88 17.23 46.23
C LEU A 15 14.13 18.10 46.32
N ASP A 16 15.12 17.69 47.13
CA ASP A 16 16.29 18.54 47.34
C ASP A 16 17.05 18.80 46.05
N ASN A 17 17.03 17.86 45.13
CA ASN A 17 17.76 18.02 43.87
C ASN A 17 16.92 18.68 42.79
N TYR A 18 15.68 19.08 43.10
CA TYR A 18 14.77 19.55 42.07
C TYR A 18 14.13 20.88 42.45
N ARG A 19 14.88 21.73 43.15
CA ARG A 19 14.51 23.14 43.33
C ARG A 19 15.04 23.92 42.13
N ILE A 20 14.41 23.68 40.98
CA ILE A 20 14.90 24.12 39.68
C ILE A 20 13.72 24.53 38.81
N ASP A 21 14.03 25.26 37.74
CA ASP A 21 13.03 25.81 36.83
CA ASP A 21 12.95 25.77 36.89
C ASP A 21 12.59 24.82 35.77
N ALA A 22 13.34 23.74 35.56
CA ALA A 22 13.02 22.79 34.51
C ALA A 22 13.58 21.43 34.89
N VAL A 23 12.78 20.38 34.69
CA VAL A 23 13.20 19.03 35.02
C VAL A 23 13.01 18.14 33.79
N ALA A 24 14.01 17.33 33.49
CA ALA A 24 13.91 16.36 32.41
C ALA A 24 13.21 15.11 32.93
N VAL A 25 12.27 14.58 32.14
CA VAL A 25 11.42 13.48 32.54
C VAL A 25 11.35 12.46 31.41
N ASP A 26 11.37 11.17 31.76
CA ASP A 26 11.07 10.10 30.80
C ASP A 26 10.43 8.95 31.58
N THR A 27 9.82 8.01 30.85
CA THR A 27 9.20 6.85 31.51
C THR A 27 9.59 5.57 30.80
N GLU A 28 9.51 4.45 31.52
CA GLU A 28 9.59 3.13 30.92
C GLU A 28 8.39 2.33 31.37
N THR A 29 7.91 1.45 30.50
CA THR A 29 6.63 0.79 30.70
C THR A 29 6.76 -0.64 30.20
N LEU A 30 5.67 -1.39 30.33
CA LEU A 30 5.60 -2.71 29.70
C LEU A 30 5.15 -2.64 28.25
N GLY A 31 5.01 -1.46 27.66
CA GLY A 31 4.60 -1.37 26.28
C GLY A 31 3.95 -0.03 25.94
N LEU A 32 3.45 0.03 24.72
CA LEU A 32 3.00 1.30 24.16
C LEU A 32 1.54 1.60 24.44
N GLN A 33 0.83 0.72 25.14
CA GLN A 33 -0.60 0.91 25.35
C GLN A 33 -0.90 1.21 26.82
N PRO A 34 -1.11 2.47 27.18
CA PRO A 34 -1.16 2.82 28.61
C PRO A 34 -2.28 2.15 29.38
N HIS A 35 -3.39 1.78 28.73
CA HIS A 35 -4.42 1.06 29.48
C HIS A 35 -4.05 -0.40 29.76
N ARG A 36 -3.16 -0.99 28.97
CA ARG A 36 -2.72 -2.37 29.18
C ARG A 36 -1.36 -2.47 29.88
N ASP A 37 -0.45 -1.55 29.57
CA ASP A 37 0.98 -1.70 29.83
C ASP A 37 1.37 -0.70 30.91
N ARG A 38 1.68 -1.22 32.10
CA ARG A 38 1.79 -0.39 33.28
C ARG A 38 3.07 0.45 33.25
N LEU A 39 3.01 1.58 33.95
CA LEU A 39 4.21 2.37 34.23
C LEU A 39 5.18 1.57 35.10
N CYS A 40 6.42 1.44 34.65
CA CYS A 40 7.43 0.67 35.39
C CYS A 40 8.55 1.53 35.97
N VAL A 41 8.92 2.61 35.27
CA VAL A 41 10.05 3.44 35.67
C VAL A 41 9.71 4.89 35.33
N VAL A 42 10.09 5.81 36.22
CA VAL A 42 10.13 7.23 35.89
C VAL A 42 11.55 7.72 36.11
N GLN A 43 12.10 8.42 35.12
CA GLN A 43 13.46 8.94 35.19
C GLN A 43 13.41 10.46 35.22
N LEU A 44 14.29 11.06 36.03
CA LEU A 44 14.36 12.50 36.18
C LEU A 44 15.82 12.94 36.11
N SER A 45 16.05 14.15 35.58
CA SER A 45 17.35 14.76 35.73
C SER A 45 17.18 16.26 35.93
N SER A 46 18.03 16.83 36.77
CA SER A 46 18.07 18.27 36.92
C SER A 46 18.91 18.94 35.84
N GLY A 47 19.58 18.17 35.00
CA GLY A 47 20.49 18.74 34.04
C GLY A 47 21.92 18.84 34.53
N ASP A 48 22.22 18.42 35.75
CA ASP A 48 23.57 18.50 36.29
C ASP A 48 24.42 17.28 35.94
N GLY A 49 24.00 16.48 34.97
CA GLY A 49 24.73 15.27 34.63
C GLY A 49 24.47 14.08 35.52
N THR A 50 23.51 14.16 36.43
CA THR A 50 23.07 13.02 37.23
C THR A 50 21.62 12.74 36.90
N ALA A 51 21.14 11.58 37.36
CA ALA A 51 19.77 11.20 37.10
C ALA A 51 19.22 10.38 38.25
N ASP A 52 17.90 10.46 38.40
CA ASP A 52 17.15 9.66 39.35
C ASP A 52 16.29 8.70 38.55
N VAL A 53 16.34 7.42 38.89
CA VAL A 53 15.60 6.37 38.22
C VAL A 53 14.70 5.74 39.28
N ILE A 54 13.39 5.88 39.10
CA ILE A 54 12.40 5.54 40.11
C ILE A 54 11.63 4.33 39.61
N GLN A 55 11.75 3.20 40.31
CA GLN A 55 10.96 2.04 39.96
C GLN A 55 9.54 2.17 40.52
N ILE A 56 8.56 1.98 39.65
CA ILE A 56 7.15 2.11 40.00
C ILE A 56 6.58 0.70 40.13
N ALA A 57 5.97 0.41 41.28
CA ALA A 57 5.45 -0.92 41.54
C ALA A 57 4.13 -1.15 40.79
N LYS A 58 3.84 -2.42 40.51
CA LYS A 58 2.54 -2.77 39.99
C LYS A 58 1.46 -2.33 40.96
N GLY A 59 0.42 -1.68 40.44
CA GLY A 59 -0.66 -1.20 41.28
C GLY A 59 -0.35 0.05 42.06
N GLN A 60 0.82 0.66 41.88
CA GLN A 60 1.17 1.82 42.68
C GLN A 60 0.32 3.02 42.29
N LYS A 61 -0.30 3.65 43.29
CA LYS A 61 -1.23 4.73 43.05
C LYS A 61 -0.68 6.11 43.39
N SER A 62 0.40 6.18 44.15
CA SER A 62 0.88 7.43 44.71
CA SER A 62 0.87 7.45 44.66
C SER A 62 2.39 7.53 44.56
N ALA A 63 2.86 8.73 44.22
CA ALA A 63 4.29 9.04 44.21
C ALA A 63 4.41 10.52 44.54
N PRO A 64 4.22 10.88 45.82
CA PRO A 64 3.90 12.29 46.16
C PRO A 64 4.95 13.29 45.71
N ASN A 65 6.24 12.98 45.86
CA ASN A 65 7.27 13.95 45.49
C ASN A 65 7.35 14.10 43.97
N LEU A 66 7.42 12.99 43.26
CA LEU A 66 7.38 13.05 41.80
C LEU A 66 6.17 13.84 41.32
N VAL A 67 5.00 13.57 41.90
CA VAL A 67 3.79 14.18 41.38
C VAL A 67 3.76 15.67 41.73
N ARG A 68 4.38 16.05 42.85
CA ARG A 68 4.56 17.47 43.18
C ARG A 68 5.27 18.21 42.05
N LEU A 69 6.38 17.65 41.56
CA LEU A 69 7.08 18.27 40.43
C LEU A 69 6.21 18.31 39.20
N LEU A 70 5.52 17.20 38.91
CA LEU A 70 4.70 17.14 37.70
C LEU A 70 3.61 18.21 37.69
N SER A 71 3.14 18.60 38.87
CA SER A 71 2.04 19.55 39.01
CA SER A 71 2.04 19.56 38.98
C SER A 71 2.52 20.99 39.24
N ASP A 72 3.82 21.20 39.42
CA ASP A 72 4.32 22.52 39.78
C ASP A 72 4.39 23.37 38.52
N ARG A 73 3.48 24.35 38.38
CA ARG A 73 3.46 25.12 37.15
C ARG A 73 4.68 26.04 37.01
N ASP A 74 5.45 26.23 38.06
CA ASP A 74 6.69 26.99 37.93
C ASP A 74 7.86 26.14 37.41
N ILE A 75 7.65 24.85 37.14
CA ILE A 75 8.73 24.00 36.67
C ILE A 75 8.32 23.44 35.32
N THR A 76 9.10 23.73 34.29
CA THR A 76 8.86 23.14 32.98
C THR A 76 9.31 21.69 32.97
N LYS A 77 8.44 20.79 32.55
CA LYS A 77 8.81 19.39 32.40
C LYS A 77 9.29 19.17 30.96
N ILE A 78 10.56 18.78 30.80
CA ILE A 78 11.16 18.54 29.48
C ILE A 78 11.05 17.06 29.17
N PHE A 79 10.52 16.75 27.99
CA PHE A 79 10.41 15.38 27.53
C PHE A 79 11.01 15.28 26.13
N HIS A 80 11.31 14.06 25.73
CA HIS A 80 11.41 13.74 24.31
C HIS A 80 10.20 12.88 23.96
N PHE A 81 9.40 13.35 23.01
CA PHE A 81 8.11 12.77 22.69
C PHE A 81 7.25 12.63 23.95
N GLY A 82 7.05 13.78 24.61
CA GLY A 82 6.25 13.82 25.81
C GLY A 82 4.82 13.35 25.63
N ARG A 83 4.32 13.31 24.38
CA ARG A 83 2.99 12.78 24.12
C ARG A 83 2.78 11.43 24.82
N PHE A 84 3.78 10.54 24.74
CA PHE A 84 3.65 9.24 25.40
C PHE A 84 3.80 9.37 26.91
N ASP A 85 4.84 10.06 27.37
CA ASP A 85 5.11 10.10 28.81
C ASP A 85 3.95 10.75 29.56
N LEU A 86 3.43 11.84 29.01
CA LEU A 86 2.32 12.54 29.64
C LEU A 86 1.12 11.62 29.80
N ALA A 87 0.86 10.79 28.80
CA ALA A 87 -0.29 9.88 28.87
C ALA A 87 -0.14 8.87 30.00
N ILE A 88 0.99 8.16 30.04
CA ILE A 88 1.10 7.12 31.05
C ILE A 88 1.23 7.74 32.44
N LEU A 89 1.88 8.90 32.57
CA LEU A 89 1.97 9.56 33.88
C LEU A 89 0.59 9.95 34.39
N ALA A 90 -0.20 10.63 33.53
CA ALA A 90 -1.54 11.05 33.94
C ALA A 90 -2.43 9.84 34.19
N HIS A 91 -2.29 8.79 33.38
CA HIS A 91 -3.11 7.61 33.60
C HIS A 91 -2.79 6.94 34.93
N THR A 92 -1.52 6.97 35.35
CA THR A 92 -1.12 6.21 36.53
C THR A 92 -1.40 6.99 37.80
N PHE A 93 -1.04 8.27 37.81
CA PHE A 93 -1.14 9.08 39.02
C PHE A 93 -2.26 10.10 38.98
N GLY A 94 -2.95 10.26 37.84
CA GLY A 94 -4.11 11.12 37.80
C GLY A 94 -3.81 12.59 37.67
N VAL A 95 -2.56 12.96 37.38
CA VAL A 95 -2.16 14.37 37.27
C VAL A 95 -1.54 14.57 35.89
N MET A 96 -2.14 15.45 35.09
CA MET A 96 -1.57 15.81 33.79
C MET A 96 -0.74 17.07 33.94
N PRO A 97 0.58 17.03 33.71
CA PRO A 97 1.36 18.27 33.69
C PRO A 97 0.82 19.26 32.67
N ASP A 98 0.95 20.55 32.96
CA ASP A 98 0.50 21.56 32.02
C ASP A 98 1.59 22.49 31.52
N VAL A 99 2.83 22.38 32.00
CA VAL A 99 3.93 23.24 31.56
C VAL A 99 5.02 22.32 31.04
N VAL A 100 5.14 22.20 29.71
CA VAL A 100 5.98 21.17 29.13
C VAL A 100 6.78 21.73 27.96
N PHE A 101 7.87 21.03 27.64
CA PHE A 101 8.69 21.24 26.45
C PHE A 101 8.97 19.85 25.88
N CYS A 102 8.87 19.70 24.57
CA CYS A 102 9.09 18.41 23.93
C CYS A 102 10.16 18.54 22.86
N THR A 103 11.26 17.77 23.01
CA THR A 103 12.35 17.86 22.05
C THR A 103 11.98 17.25 20.70
N LYS A 104 11.03 16.32 20.65
CA LYS A 104 10.66 15.77 19.34
C LYS A 104 9.87 16.79 18.54
N ILE A 105 8.89 17.44 19.17
CA ILE A 105 8.18 18.54 18.51
C ILE A 105 9.15 19.65 18.15
N ALA A 106 10.03 20.02 19.08
CA ALA A 106 11.02 21.05 18.75
C ALA A 106 11.87 20.65 17.54
N SER A 107 12.26 19.38 17.46
CA SER A 107 13.06 18.92 16.32
C SER A 107 12.25 19.03 15.02
N LYS A 108 10.97 18.62 15.05
CA LYS A 108 10.14 18.72 13.86
C LYS A 108 9.96 20.15 13.40
N LEU A 109 10.05 21.11 14.33
CA LEU A 109 9.90 22.52 13.99
C LEU A 109 11.20 23.20 13.60
N THR A 110 12.37 22.55 13.79
CA THR A 110 13.66 23.21 13.55
C THR A 110 14.60 22.41 12.67
N ARG A 111 14.67 21.10 12.86
CA ARG A 111 15.56 20.26 12.04
C ARG A 111 14.80 19.89 10.77
N THR A 112 14.57 20.92 9.95
CA THR A 112 13.81 20.80 8.71
C THR A 112 14.61 20.14 7.61
N TYR A 113 15.90 19.90 7.85
CA TYR A 113 16.82 19.32 6.89
C TYR A 113 16.95 17.81 7.03
N THR A 114 16.04 17.17 7.78
CA THR A 114 16.08 15.73 7.97
C THR A 114 14.67 15.23 8.21
N ASP A 115 14.49 13.91 8.08
CA ASP A 115 13.25 13.28 8.52
C ASP A 115 13.47 12.38 9.74
N ARG A 116 14.63 12.45 10.37
CA ARG A 116 14.96 11.60 11.50
C ARG A 116 14.94 12.44 12.77
N HIS A 117 13.90 12.25 13.58
CA HIS A 117 13.65 13.06 14.76
C HIS A 117 13.72 12.25 16.05
N GLY A 118 14.27 11.03 16.00
CA GLY A 118 14.41 10.26 17.23
C GLY A 118 15.47 10.85 18.15
N LEU A 119 15.37 10.49 19.44
CA LEU A 119 16.31 11.03 20.43
C LEU A 119 17.75 10.63 20.12
N LYS A 120 17.97 9.38 19.68
CA LYS A 120 19.32 8.96 19.36
C LYS A 120 19.90 9.82 18.25
N GLU A 121 19.13 10.03 17.18
CA GLU A 121 19.58 10.87 16.06
CA GLU A 121 19.61 10.86 16.08
C GLU A 121 19.88 12.30 16.53
N ILE A 122 19.01 12.86 17.35
CA ILE A 122 19.17 14.24 17.80
C ILE A 122 20.40 14.38 18.66
N CYS A 123 20.57 13.46 19.62
CA CYS A 123 21.76 13.52 20.49
C CYS A 123 23.02 13.40 19.67
N GLY A 124 23.01 12.49 18.68
CA GLY A 124 24.20 12.32 17.86
C GLY A 124 24.55 13.59 17.11
N GLU A 125 23.56 14.22 16.50
CA GLU A 125 23.81 15.42 15.70
C GLU A 125 24.14 16.62 16.58
N LEU A 126 23.32 16.88 17.59
CA LEU A 126 23.44 18.14 18.33
C LEU A 126 24.53 18.08 19.39
N LEU A 127 24.80 16.91 19.96
CA LEU A 127 25.70 16.80 21.09
C LEU A 127 26.86 15.85 20.86
N ASN A 128 26.87 15.12 19.74
CA ASN A 128 27.85 14.06 19.54
CA ASN A 128 27.83 14.05 19.52
C ASN A 128 27.81 13.06 20.68
N VAL A 129 26.60 12.80 21.19
CA VAL A 129 26.37 11.85 22.27
C VAL A 129 25.68 10.62 21.67
N ASN A 130 26.20 9.43 21.98
CA ASN A 130 25.63 8.20 21.46
C ASN A 130 24.63 7.63 22.44
N ILE A 131 23.39 7.47 22.00
CA ILE A 131 22.34 6.78 22.75
C ILE A 131 22.26 5.36 22.22
N SER A 132 22.32 4.38 23.12
CA SER A 132 22.15 2.98 22.74
C SER A 132 20.73 2.54 23.05
N LYS A 133 20.04 2.00 22.05
CA LYS A 133 18.64 1.61 22.19
C LYS A 133 18.46 0.13 22.51
N GLN A 134 19.53 -0.59 22.85
CA GLN A 134 19.43 -2.03 23.00
C GLN A 134 18.44 -2.46 24.08
N GLN A 135 18.32 -1.68 25.17
CA GLN A 135 17.43 -2.03 26.26
C GLN A 135 16.04 -1.42 26.11
N GLN A 136 15.74 -0.75 25.00
CA GLN A 136 14.44 -0.11 24.84
C GLN A 136 13.31 -1.13 24.98
N SER A 137 13.40 -2.24 24.25
CA SER A 137 12.50 -3.38 24.42
C SER A 137 13.13 -4.36 25.40
N SER A 138 12.78 -4.23 26.68
CA SER A 138 13.23 -5.14 27.72
C SER A 138 12.12 -5.22 28.75
N ASP A 139 12.25 -6.16 29.70
CA ASP A 139 11.26 -6.32 30.76
C ASP A 139 11.46 -5.20 31.79
N TRP A 140 10.84 -4.06 31.57
CA TRP A 140 10.99 -2.95 32.50
C TRP A 140 10.24 -3.17 33.80
N ALA A 141 9.45 -4.25 33.91
CA ALA A 141 8.77 -4.58 35.14
C ALA A 141 9.60 -5.44 36.07
N ALA A 142 10.80 -5.84 35.67
CA ALA A 142 11.63 -6.71 36.49
C ALA A 142 11.86 -6.12 37.87
N GLU A 143 11.88 -6.98 38.88
CA GLU A 143 12.09 -6.51 40.25
C GLU A 143 13.40 -5.74 40.37
N THR A 144 14.47 -6.27 39.78
CA THR A 144 15.75 -5.57 39.73
C THR A 144 16.08 -5.24 38.28
N LEU A 145 16.21 -3.95 37.98
CA LEU A 145 16.66 -3.57 36.65
C LEU A 145 18.14 -3.91 36.49
N SER A 146 18.51 -4.27 35.26
CA SER A 146 19.90 -4.53 34.95
C SER A 146 20.68 -3.20 34.87
N ARG A 147 22.01 -3.31 35.00
CA ARG A 147 22.86 -2.14 34.80
C ARG A 147 22.60 -1.52 33.44
N ALA A 148 22.47 -2.35 32.40
CA ALA A 148 22.19 -1.83 31.07
C ALA A 148 20.86 -1.08 31.03
N GLN A 149 19.83 -1.62 31.70
CA GLN A 149 18.53 -0.95 31.73
C GLN A 149 18.61 0.39 32.43
N ILE A 150 19.24 0.41 33.61
CA ILE A 150 19.35 1.65 34.38
C ILE A 150 20.07 2.71 33.58
N GLU A 151 21.10 2.31 32.85
CA GLU A 151 21.88 3.27 32.09
CA GLU A 151 21.89 3.26 32.09
C GLU A 151 21.11 3.78 30.87
N TYR A 152 20.32 2.91 30.22
CA TYR A 152 19.46 3.39 29.14
C TYR A 152 18.44 4.38 29.67
N ALA A 153 17.78 4.02 30.77
CA ALA A 153 16.74 4.88 31.32
C ALA A 153 17.31 6.25 31.67
N ALA A 154 18.47 6.27 32.34
CA ALA A 154 19.08 7.55 32.69
C ALA A 154 19.49 8.33 31.44
N SER A 155 19.99 7.64 30.41
CA SER A 155 20.45 8.34 29.21
C SER A 155 19.32 9.11 28.53
N ASP A 156 18.07 8.69 28.72
CA ASP A 156 16.97 9.41 28.11
C ASP A 156 16.68 10.75 28.78
N VAL A 157 17.18 11.01 29.99
CA VAL A 157 16.96 12.30 30.63
C VAL A 157 18.23 13.12 30.80
N LEU A 158 19.42 12.53 30.66
CA LEU A 158 20.65 13.24 30.99
C LEU A 158 20.92 14.42 30.07
N TYR A 159 20.37 14.43 28.87
CA TYR A 159 20.75 15.41 27.85
C TYR A 159 19.61 16.33 27.45
N LEU A 160 18.42 16.19 28.05
CA LEU A 160 17.29 16.96 27.55
C LEU A 160 17.46 18.47 27.78
N HIS A 161 18.07 18.88 28.90
CA HIS A 161 18.30 20.31 29.11
C HIS A 161 19.19 20.88 28.02
N ARG A 162 20.28 20.19 27.70
CA ARG A 162 21.19 20.64 26.66
C ARG A 162 20.49 20.67 25.30
N LEU A 163 19.62 19.71 25.02
CA LEU A 163 18.86 19.73 23.77
C LEU A 163 17.87 20.90 23.76
N LYS A 164 17.16 21.11 24.88
CA LYS A 164 16.22 22.22 24.96
C LYS A 164 16.90 23.55 24.68
N ASP A 165 18.09 23.75 25.25
CA ASP A 165 18.86 24.97 25.03
CA ASP A 165 18.86 24.97 25.03
C ASP A 165 19.12 25.20 23.55
N ILE A 166 19.62 24.18 22.86
CA ILE A 166 19.89 24.34 21.43
C ILE A 166 18.60 24.59 20.66
N PHE A 167 17.56 23.80 20.92
CA PHE A 167 16.31 23.96 20.18
C PHE A 167 15.70 25.34 20.40
N GLU A 168 15.81 25.88 21.61
CA GLU A 168 15.34 27.24 21.83
C GLU A 168 16.11 28.23 20.96
N GLU A 169 17.42 28.00 20.80
CA GLU A 169 18.21 28.83 19.89
C GLU A 169 17.69 28.74 18.46
N ARG A 170 17.39 27.53 17.99
CA ARG A 170 16.89 27.37 16.61
C ARG A 170 15.49 27.95 16.47
N LEU A 171 14.64 27.76 17.47
CA LEU A 171 13.30 28.34 17.41
C LEU A 171 13.36 29.85 17.33
N LYS A 172 14.29 30.48 18.07
CA LYS A 172 14.43 31.93 17.99
C LYS A 172 14.95 32.35 16.62
N ARG A 173 15.96 31.64 16.11
CA ARG A 173 16.60 31.99 14.86
C ARG A 173 15.63 31.96 13.69
N GLU A 174 14.79 30.92 13.62
CA GLU A 174 13.79 30.80 12.56
C GLU A 174 12.45 31.41 12.94
N GLU A 175 12.34 32.05 14.10
CA GLU A 175 11.17 32.83 14.49
C GLU A 175 9.92 31.96 14.63
N ARG A 176 10.09 30.83 15.31
CA ARG A 176 8.98 29.89 15.51
C ARG A 176 8.68 29.68 16.99
N GLU A 177 9.09 30.62 17.85
CA GLU A 177 8.88 30.45 19.29
C GLU A 177 7.41 30.35 19.65
N SER A 178 6.57 31.21 19.06
CA SER A 178 5.16 31.17 19.42
C SER A 178 4.48 29.91 18.87
N VAL A 179 4.93 29.42 17.71
CA VAL A 179 4.40 28.17 17.20
C VAL A 179 4.72 27.03 18.16
N ALA A 180 5.98 26.92 18.56
CA ALA A 180 6.38 25.88 19.51
C ALA A 180 5.57 25.99 20.80
N LYS A 181 5.41 27.21 21.32
CA LYS A 181 4.67 27.39 22.56
C LYS A 181 3.25 26.86 22.44
N ALA A 182 2.57 27.14 21.33
CA ALA A 182 1.20 26.66 21.19
C ALA A 182 1.18 25.14 21.06
N CYS A 183 2.18 24.54 20.41
CA CYS A 183 2.24 23.08 20.35
C CYS A 183 2.40 22.49 21.75
N PHE A 184 3.27 23.06 22.56
CA PHE A 184 3.51 22.54 23.90
C PHE A 184 2.28 22.72 24.78
N GLN A 185 1.56 23.84 24.59
CA GLN A 185 0.35 24.09 25.36
C GLN A 185 -0.71 23.03 25.06
N PHE A 186 -0.80 22.58 23.79
CA PHE A 186 -1.79 21.56 23.44
C PHE A 186 -1.34 20.14 23.76
N LEU A 187 -0.04 19.90 23.84
CA LEU A 187 0.46 18.53 24.02
C LEU A 187 -0.20 17.77 25.17
N PRO A 188 -0.41 18.33 26.36
CA PRO A 188 -1.12 17.56 27.41
C PRO A 188 -2.48 17.09 26.97
N MET A 189 -3.23 17.92 26.22
CA MET A 189 -4.55 17.49 25.76
C MET A 189 -4.46 16.48 24.63
N ARG A 190 -3.41 16.57 23.80
CA ARG A 190 -3.14 15.51 22.83
C ARG A 190 -2.88 14.18 23.53
N ALA A 191 -2.14 14.21 24.65
CA ALA A 191 -1.96 12.99 25.45
C ALA A 191 -3.28 12.54 26.06
N ASN A 192 -4.10 13.49 26.52
CA ASN A 192 -5.40 13.12 27.05
CA ASN A 192 -5.42 13.15 27.04
C ASN A 192 -6.27 12.48 25.97
N LEU A 193 -6.28 13.06 24.76
CA LEU A 193 -7.03 12.48 23.66
C LEU A 193 -6.64 11.03 23.42
N ASP A 194 -5.34 10.73 23.56
CA ASP A 194 -4.86 9.35 23.43
C ASP A 194 -5.50 8.45 24.49
N LEU A 195 -5.46 8.89 25.75
CA LEU A 195 -6.05 8.09 26.83
C LEU A 195 -7.55 7.87 26.64
N LEU A 196 -8.23 8.87 26.09
CA LEU A 196 -9.69 8.81 25.96
C LEU A 196 -10.14 8.00 24.76
N GLY A 197 -9.24 7.65 23.86
CA GLY A 197 -9.59 6.75 22.77
C GLY A 197 -9.30 7.26 21.37
N TRP A 198 -8.60 8.39 21.24
CA TRP A 198 -8.25 8.93 19.93
C TRP A 198 -6.77 8.74 19.60
N SER A 199 -6.11 7.72 20.16
CA SER A 199 -4.67 7.61 19.98
C SER A 199 -4.28 7.41 18.52
N GLU A 200 -5.17 6.86 17.70
CA GLU A 200 -4.88 6.64 16.29
C GLU A 200 -5.45 7.72 15.39
N ILE A 201 -5.94 8.82 15.94
CA ILE A 201 -6.64 9.84 15.16
C ILE A 201 -5.89 11.15 15.26
N ASP A 202 -5.51 11.71 14.11
CA ASP A 202 -5.08 13.11 14.02
C ASP A 202 -6.35 13.96 14.07
N ILE A 203 -6.61 14.56 15.23
CA ILE A 203 -7.89 15.26 15.42
C ILE A 203 -8.03 16.46 14.49
N PHE A 204 -6.92 16.96 13.94
CA PHE A 204 -6.96 18.14 13.07
C PHE A 204 -6.99 17.79 11.59
N ALA A 205 -6.89 16.52 11.24
CA ALA A 205 -6.88 16.12 9.84
C ALA A 205 -8.26 16.28 9.21
N HIS A 206 -8.27 16.57 7.91
CA HIS A 206 -9.52 16.59 7.16
C HIS A 206 -10.19 15.22 7.15
N SER A 207 -9.39 14.17 7.02
CA SER A 207 -9.92 12.81 7.11
C SER A 207 -8.84 11.83 7.59
N THR C 3 42.22 19.15 -1.32
CA THR C 3 41.58 20.05 -2.27
C THR C 3 41.45 21.46 -1.69
N GLU C 4 41.73 22.46 -2.52
CA GLU C 4 41.55 23.85 -2.12
C GLU C 4 40.07 24.22 -2.11
N ILE C 5 39.55 24.60 -0.93
CA ILE C 5 38.17 25.06 -0.80
C ILE C 5 38.21 26.49 -0.28
N ARG C 6 37.81 27.43 -1.14
CA ARG C 6 37.70 28.83 -0.76
C ARG C 6 36.32 29.08 -0.17
N VAL C 7 36.26 29.61 1.04
CA VAL C 7 34.99 29.88 1.70
C VAL C 7 34.75 31.39 1.67
N HIS C 8 33.56 31.80 1.24
CA HIS C 8 33.24 33.22 1.15
C HIS C 8 31.95 33.54 1.89
N GLN C 9 31.82 34.80 2.27
CA GLN C 9 30.61 35.31 2.87
C GLN C 9 29.84 36.09 1.81
N GLY C 10 28.64 35.64 1.50
CA GLY C 10 27.73 36.42 0.65
C GLY C 10 27.85 36.25 -0.86
N ASP C 11 29.05 36.39 -1.40
CA ASP C 11 29.25 36.34 -2.85
C ASP C 11 30.70 35.99 -3.14
N LEU C 12 30.95 35.56 -4.39
CA LEU C 12 32.33 35.51 -4.85
C LEU C 12 32.94 36.91 -4.80
N PRO C 13 34.23 37.02 -4.50
CA PRO C 13 34.87 38.35 -4.57
C PRO C 13 34.96 38.88 -5.99
N ASN C 14 35.07 37.98 -6.97
CA ASN C 14 35.18 38.35 -8.38
C ASN C 14 34.96 37.06 -9.18
N LEU C 15 35.01 37.17 -10.50
CA LEU C 15 34.80 36.02 -11.37
C LEU C 15 36.11 35.55 -12.03
N ASP C 16 37.25 35.85 -11.40
CA ASP C 16 38.54 35.53 -12.03
C ASP C 16 38.67 34.02 -12.27
N ASN C 17 38.10 33.21 -11.41
CA ASN C 17 38.17 31.76 -11.55
C ASN C 17 37.05 31.18 -12.43
N TYR C 18 36.19 32.02 -13.00
CA TYR C 18 34.99 31.51 -13.68
C TYR C 18 34.83 32.12 -15.06
N ARG C 19 35.95 32.38 -15.74
CA ARG C 19 35.94 32.72 -17.16
C ARG C 19 36.03 31.42 -17.96
N ILE C 20 34.94 30.65 -17.90
CA ILE C 20 34.88 29.29 -18.42
C ILE C 20 33.52 29.09 -19.10
N ASP C 21 33.40 27.97 -19.83
CA ASP C 21 32.20 27.62 -20.58
CA ASP C 21 32.16 27.71 -20.55
C ASP C 21 31.16 26.88 -19.76
N ALA C 22 31.55 26.30 -18.60
CA ALA C 22 30.62 25.55 -17.76
C ALA C 22 31.08 25.60 -16.31
N VAL C 23 30.11 25.80 -15.41
CA VAL C 23 30.39 25.89 -13.99
C VAL C 23 29.52 24.88 -13.25
N ALA C 24 30.12 24.18 -12.28
CA ALA C 24 29.39 23.25 -11.43
C ALA C 24 28.78 24.02 -10.26
N VAL C 25 27.52 23.72 -9.97
CA VAL C 25 26.75 24.50 -8.99
C VAL C 25 26.00 23.53 -8.09
N ASP C 26 25.95 23.85 -6.79
CA ASP C 26 25.14 23.12 -5.84
C ASP C 26 24.71 24.09 -4.75
N THR C 27 23.70 23.70 -3.99
CA THR C 27 23.22 24.54 -2.89
C THR C 27 23.04 23.72 -1.63
N GLU C 28 23.09 24.40 -0.46
CA GLU C 28 22.63 23.81 0.79
C GLU C 28 21.64 24.78 1.42
N THR C 29 20.69 24.21 2.17
CA THR C 29 19.54 24.93 2.69
C THR C 29 19.17 24.35 4.05
N LEU C 30 18.15 24.95 4.67
CA LEU C 30 17.58 24.39 5.89
C LEU C 30 16.55 23.29 5.60
N GLY C 31 16.34 22.89 4.35
CA GLY C 31 15.43 21.80 4.06
C GLY C 31 14.94 21.86 2.63
N LEU C 32 13.99 20.97 2.33
CA LEU C 32 13.58 20.76 0.95
C LEU C 32 12.47 21.68 0.47
N GLN C 33 11.97 22.58 1.32
CA GLN C 33 10.83 23.42 0.97
C GLN C 33 11.29 24.87 0.79
N PRO C 34 11.47 25.33 -0.46
CA PRO C 34 12.12 26.64 -0.67
C PRO C 34 11.37 27.80 -0.07
N HIS C 35 10.06 27.73 0.06
CA HIS C 35 9.34 28.84 0.68
C HIS C 35 9.55 28.88 2.19
N ARG C 36 9.85 27.74 2.82
CA ARG C 36 10.13 27.73 4.25
C ARG C 36 11.62 27.72 4.58
N ASP C 37 12.43 27.05 3.77
CA ASP C 37 13.79 26.67 4.14
C ASP C 37 14.77 27.49 3.31
N ARG C 38 15.48 28.39 3.97
CA ARG C 38 16.24 29.40 3.26
C ARG C 38 17.48 28.80 2.61
N LEU C 39 17.95 29.48 1.57
CA LEU C 39 19.25 29.18 0.98
C LEU C 39 20.35 29.53 1.97
N CYS C 40 21.25 28.59 2.23
CA CYS C 40 22.31 28.77 3.21
C CYS C 40 23.69 28.81 2.60
N VAL C 41 23.91 28.04 1.55
CA VAL C 41 25.23 27.90 0.93
C VAL C 41 25.01 27.72 -0.56
N VAL C 42 25.88 28.34 -1.36
CA VAL C 42 25.99 28.02 -2.79
C VAL C 42 27.41 27.56 -3.04
N GLN C 43 27.58 26.44 -3.74
CA GLN C 43 28.89 25.91 -4.06
C GLN C 43 29.14 26.00 -5.56
N LEU C 44 30.37 26.36 -5.93
CA LEU C 44 30.79 26.43 -7.32
C LEU C 44 32.11 25.71 -7.51
N SER C 45 32.30 25.14 -8.70
CA SER C 45 33.61 24.67 -9.12
C SER C 45 33.78 24.91 -10.60
N SER C 46 34.97 25.35 -10.99
CA SER C 46 35.32 25.47 -12.41
C SER C 46 35.71 24.15 -13.03
N GLY C 47 35.83 23.08 -12.23
CA GLY C 47 36.29 21.81 -12.73
C GLY C 47 37.77 21.55 -12.56
N ASP C 48 38.51 22.48 -11.96
CA ASP C 48 39.95 22.34 -11.80
C ASP C 48 40.35 21.67 -10.50
N GLY C 49 39.42 21.01 -9.82
CA GLY C 49 39.72 20.40 -8.55
C GLY C 49 39.63 21.32 -7.34
N THR C 50 39.28 22.59 -7.54
CA THR C 50 39.03 23.52 -6.45
C THR C 50 37.56 23.90 -6.43
N ALA C 51 37.11 24.39 -5.27
CA ALA C 51 35.71 24.78 -5.13
C ALA C 51 35.62 26.07 -4.32
N ASP C 52 34.53 26.79 -4.57
CA ASP C 52 34.15 27.96 -3.78
C ASP C 52 32.88 27.63 -3.03
N VAL C 53 32.84 27.96 -1.75
CA VAL C 53 31.72 27.67 -0.88
C VAL C 53 31.27 29.00 -0.30
N ILE C 54 30.06 29.43 -0.67
CA ILE C 54 29.59 30.78 -0.39
C ILE C 54 28.48 30.69 0.65
N GLN C 55 28.70 31.28 1.82
CA GLN C 55 27.66 31.32 2.84
C GLN C 55 26.69 32.44 2.52
N ILE C 56 25.41 32.11 2.47
CA ILE C 56 24.34 33.05 2.17
C ILE C 56 23.69 33.43 3.48
N ALA C 57 23.63 34.72 3.80
CA ALA C 57 23.04 35.16 5.04
C ALA C 57 21.51 35.09 4.99
N LYS C 58 20.91 34.94 6.16
CA LYS C 58 19.47 35.05 6.26
C LYS C 58 19.02 36.39 5.71
N GLY C 59 17.97 36.37 4.88
CA GLY C 59 17.47 37.61 4.29
C GLY C 59 18.37 38.25 3.25
N GLN C 60 19.43 37.59 2.81
CA GLN C 60 20.29 38.17 1.80
C GLN C 60 19.56 38.24 0.46
N LYS C 61 19.57 39.42 -0.17
CA LYS C 61 18.81 39.60 -1.40
C LYS C 61 19.67 39.59 -2.65
N SER C 62 20.98 39.76 -2.52
CA SER C 62 21.84 40.01 -3.66
C SER C 62 23.11 39.17 -3.56
N ALA C 63 23.57 38.68 -4.71
CA ALA C 63 24.90 38.06 -4.82
C ALA C 63 25.38 38.28 -6.24
N PRO C 64 25.85 39.51 -6.55
CA PRO C 64 25.93 39.91 -7.95
C PRO C 64 26.87 39.07 -8.80
N ASN C 65 27.99 38.63 -8.25
CA ASN C 65 28.93 37.86 -9.05
C ASN C 65 28.40 36.46 -9.32
N LEU C 66 27.91 35.80 -8.26
CA LEU C 66 27.23 34.52 -8.45
C LEU C 66 26.10 34.64 -9.45
N VAL C 67 25.28 35.69 -9.32
CA VAL C 67 24.09 35.78 -10.15
C VAL C 67 24.45 36.10 -11.59
N ARG C 68 25.53 36.87 -11.81
CA ARG C 68 26.05 37.09 -13.16
C ARG C 68 26.31 35.77 -13.88
N LEU C 69 26.95 34.83 -13.18
CA LEU C 69 27.21 33.52 -13.77
C LEU C 69 25.91 32.80 -14.08
N LEU C 70 24.96 32.84 -13.15
CA LEU C 70 23.72 32.11 -13.32
C LEU C 70 22.94 32.60 -14.54
N SER C 71 23.09 33.87 -14.90
CA SER C 71 22.33 34.44 -16.01
C SER C 71 23.13 34.51 -17.30
N ASP C 72 24.39 34.08 -17.28
CA ASP C 72 25.25 34.15 -18.46
C ASP C 72 24.93 32.97 -19.37
N ARG C 73 24.31 33.24 -20.51
CA ARG C 73 23.90 32.13 -21.36
C ARG C 73 25.06 31.47 -22.07
N ASP C 74 26.25 32.07 -22.03
CA ASP C 74 27.43 31.40 -22.57
C ASP C 74 28.05 30.40 -21.60
N ILE C 75 27.55 30.30 -20.38
CA ILE C 75 28.12 29.38 -19.39
C ILE C 75 27.04 28.36 -19.06
N THR C 76 27.32 27.08 -19.33
CA THR C 76 26.40 26.05 -18.89
C THR C 76 26.53 25.85 -17.39
N LYS C 77 25.41 25.86 -16.68
CA LYS C 77 25.41 25.55 -15.25
C LYS C 77 25.16 24.05 -15.08
N ILE C 78 26.15 23.34 -14.53
CA ILE C 78 26.03 21.90 -14.27
C ILE C 78 25.52 21.70 -12.86
N PHE C 79 24.48 20.87 -12.72
CA PHE C 79 23.94 20.47 -11.43
C PHE C 79 23.83 18.97 -11.38
N HIS C 80 23.73 18.45 -10.15
CA HIS C 80 23.14 17.13 -9.91
C HIS C 80 21.78 17.35 -9.26
N PHE C 81 20.73 16.88 -9.92
CA PHE C 81 19.35 17.21 -9.56
C PHE C 81 19.16 18.73 -9.47
N GLY C 82 19.42 19.39 -10.60
CA GLY C 82 19.22 20.83 -10.69
C GLY C 82 17.80 21.29 -10.43
N ARG C 83 16.81 20.42 -10.62
CA ARG C 83 15.43 20.76 -10.27
C ARG C 83 15.35 21.46 -8.93
N PHE C 84 16.09 20.95 -7.92
CA PHE C 84 16.04 21.58 -6.60
C PHE C 84 16.84 22.86 -6.58
N ASP C 85 18.08 22.82 -7.07
CA ASP C 85 18.96 24.00 -6.96
C ASP C 85 18.38 25.19 -7.71
N LEU C 86 17.87 24.96 -8.93
CA LEU C 86 17.27 26.03 -9.71
C LEU C 86 16.14 26.70 -8.95
N ALA C 87 15.30 25.90 -8.29
CA ALA C 87 14.18 26.50 -7.56
C ALA C 87 14.66 27.41 -6.45
N ILE C 88 15.55 26.92 -5.57
CA ILE C 88 15.93 27.75 -4.43
C ILE C 88 16.75 28.96 -4.90
N LEU C 89 17.58 28.79 -5.94
CA LEU C 89 18.34 29.92 -6.46
C LEU C 89 17.43 30.97 -7.06
N ALA C 90 16.47 30.55 -7.89
CA ALA C 90 15.55 31.51 -8.49
C ALA C 90 14.68 32.17 -7.43
N HIS C 91 14.25 31.40 -6.42
CA HIS C 91 13.42 31.95 -5.36
C HIS C 91 14.17 33.00 -4.55
N THR C 92 15.47 32.78 -4.33
CA THR C 92 16.23 33.66 -3.45
C THR C 92 16.66 34.92 -4.17
N PHE C 93 17.25 34.77 -5.36
CA PHE C 93 17.85 35.90 -6.06
C PHE C 93 17.09 36.35 -7.31
N GLY C 94 16.04 35.64 -7.71
CA GLY C 94 15.15 36.17 -8.73
C GLY C 94 15.62 35.96 -10.15
N VAL C 95 16.65 35.14 -10.34
CA VAL C 95 17.19 34.81 -11.67
C VAL C 95 17.13 33.31 -11.84
N MET C 96 16.38 32.86 -12.84
CA MET C 96 16.36 31.45 -13.15
C MET C 96 17.36 31.17 -14.27
N PRO C 97 18.41 30.40 -14.03
CA PRO C 97 19.31 30.00 -15.14
C PRO C 97 18.52 29.31 -16.24
N ASP C 98 18.93 29.51 -17.50
CA ASP C 98 18.29 28.84 -18.63
C ASP C 98 19.23 28.01 -19.50
N VAL C 99 20.50 27.87 -19.13
CA VAL C 99 21.43 26.97 -19.82
C VAL C 99 21.99 26.03 -18.76
N VAL C 100 21.52 24.78 -18.74
CA VAL C 100 21.81 23.88 -17.64
C VAL C 100 22.10 22.48 -18.16
N PHE C 101 22.77 21.70 -17.33
CA PHE C 101 22.98 20.27 -17.51
C PHE C 101 22.77 19.62 -16.16
N CYS C 102 22.00 18.52 -16.12
CA CYS C 102 21.70 17.82 -14.88
C CYS C 102 22.22 16.39 -14.96
N THR C 103 23.15 16.05 -14.06
CA THR C 103 23.69 14.70 -14.03
C THR C 103 22.69 13.68 -13.55
N LYS C 104 21.64 14.09 -12.82
CA LYS C 104 20.67 13.08 -12.41
C LYS C 104 19.77 12.70 -13.58
N ILE C 105 19.25 13.69 -14.31
CA ILE C 105 18.54 13.42 -15.56
C ILE C 105 19.41 12.64 -16.52
N ALA C 106 20.67 13.06 -16.67
CA ALA C 106 21.58 12.32 -17.55
C ALA C 106 21.71 10.87 -17.10
N SER C 107 21.85 10.63 -15.80
CA SER C 107 21.95 9.26 -15.32
C SER C 107 20.69 8.47 -15.67
N LYS C 108 19.52 9.07 -15.45
CA LYS C 108 18.26 8.37 -15.76
C LYS C 108 18.14 8.07 -17.25
N LEU C 109 18.82 8.83 -18.10
CA LEU C 109 18.76 8.60 -19.54
C LEU C 109 19.86 7.66 -20.05
N THR C 110 20.81 7.26 -19.20
CA THR C 110 21.95 6.46 -19.66
C THR C 110 22.26 5.27 -18.77
N ARG C 111 22.17 5.42 -17.44
CA ARG C 111 22.43 4.30 -16.54
C ARG C 111 21.13 3.50 -16.37
N THR C 112 20.72 2.90 -17.49
CA THR C 112 19.49 2.13 -17.59
C THR C 112 19.62 0.76 -16.93
N TYR C 113 20.82 0.39 -16.50
CA TYR C 113 21.11 -0.89 -15.90
C TYR C 113 21.07 -0.83 -14.38
N THR C 114 20.52 0.23 -13.81
CA THR C 114 20.41 0.37 -12.36
C THR C 114 19.21 1.26 -12.05
N ASP C 115 18.76 1.24 -10.80
CA ASP C 115 17.78 2.22 -10.34
C ASP C 115 18.38 3.20 -9.35
N ARG C 116 19.69 3.23 -9.20
CA ARG C 116 20.33 4.10 -8.22
CA ARG C 116 20.33 4.10 -8.22
C ARG C 116 20.99 5.25 -8.96
N HIS C 117 20.39 6.44 -8.84
CA HIS C 117 20.82 7.61 -9.60
C HIS C 117 21.31 8.73 -8.70
N GLY C 118 21.54 8.46 -7.42
CA GLY C 118 22.08 9.47 -6.54
C GLY C 118 23.51 9.83 -6.87
N LEU C 119 23.91 11.04 -6.45
CA LEU C 119 25.26 11.51 -6.76
C LEU C 119 26.33 10.60 -6.16
N LYS C 120 26.11 10.13 -4.92
CA LYS C 120 27.08 9.23 -4.30
C LYS C 120 27.27 7.98 -5.15
N GLU C 121 26.16 7.38 -5.59
CA GLU C 121 26.23 6.16 -6.39
CA GLU C 121 26.24 6.17 -6.38
C GLU C 121 26.92 6.41 -7.72
N ILE C 122 26.60 7.54 -8.36
CA ILE C 122 27.18 7.87 -9.65
C ILE C 122 28.67 8.10 -9.53
N CYS C 123 29.09 8.84 -8.50
CA CYS C 123 30.51 9.11 -8.32
C CYS C 123 31.29 7.83 -8.05
N GLY C 124 30.71 6.91 -7.27
CA GLY C 124 31.40 5.65 -7.02
C GLY C 124 31.60 4.83 -8.28
N GLU C 125 30.55 4.73 -9.09
CA GLU C 125 30.63 3.90 -10.29
C GLU C 125 31.48 4.55 -11.37
N LEU C 126 31.22 5.82 -11.68
CA LEU C 126 31.87 6.42 -12.84
C LEU C 126 33.29 6.89 -12.54
N LEU C 127 33.59 7.24 -11.28
CA LEU C 127 34.85 7.88 -10.95
C LEU C 127 35.64 7.17 -9.86
N ASN C 128 35.06 6.17 -9.20
CA ASN C 128 35.63 5.57 -8.00
C ASN C 128 35.93 6.65 -6.95
N VAL C 129 35.04 7.63 -6.86
CA VAL C 129 35.12 8.70 -5.89
C VAL C 129 34.06 8.44 -4.84
N ASN C 130 34.44 8.52 -3.57
CA ASN C 130 33.53 8.25 -2.47
C ASN C 130 32.97 9.56 -1.93
N ILE C 131 31.67 9.74 -2.05
CA ILE C 131 30.96 10.87 -1.45
C ILE C 131 30.45 10.42 -0.09
N SER C 132 30.77 11.17 0.96
CA SER C 132 30.24 10.90 2.29
C SER C 132 29.03 11.78 2.53
N LYS C 133 27.89 11.17 2.84
CA LYS C 133 26.64 11.91 3.02
C LYS C 133 26.37 12.29 4.47
N GLN C 134 27.35 12.16 5.36
CA GLN C 134 27.11 12.36 6.79
CA GLN C 134 27.10 12.36 6.78
C GLN C 134 26.57 13.76 7.09
N GLN C 135 27.10 14.78 6.42
CA GLN C 135 26.70 16.17 6.71
C GLN C 135 25.52 16.66 5.87
N GLN C 136 24.93 15.81 5.02
CA GLN C 136 23.81 16.26 4.20
C GLN C 136 22.71 16.86 5.07
N SER C 137 22.32 16.15 6.13
CA SER C 137 21.36 16.62 7.13
C SER C 137 22.17 17.24 8.27
N SER C 138 22.40 18.55 8.18
CA SER C 138 23.12 19.25 9.23
C SER C 138 22.62 20.69 9.25
N ASP C 139 23.00 21.44 10.27
CA ASP C 139 22.54 22.83 10.36
C ASP C 139 23.34 23.67 9.39
N TRP C 140 22.85 23.74 8.15
CA TRP C 140 23.52 24.54 7.13
C TRP C 140 23.45 26.04 7.36
N ALA C 141 22.61 26.51 8.31
CA ALA C 141 22.51 27.93 8.59
C ALA C 141 23.46 28.39 9.67
N ALA C 142 24.30 27.48 10.21
CA ALA C 142 25.22 27.86 11.27
C ALA C 142 26.10 29.01 10.81
N GLU C 143 26.44 29.90 11.73
CA GLU C 143 27.28 31.05 11.38
C GLU C 143 28.63 30.59 10.86
N THR C 144 29.21 29.58 11.48
CA THR C 144 30.47 29.01 11.03
C THR C 144 30.21 27.56 10.66
N LEU C 145 30.44 27.21 9.40
CA LEU C 145 30.28 25.83 8.96
C LEU C 145 31.44 25.01 9.48
N SER C 146 31.17 23.77 9.85
CA SER C 146 32.24 22.89 10.27
C SER C 146 33.10 22.51 9.07
N ARG C 147 34.32 22.05 9.37
CA ARG C 147 35.18 21.53 8.32
C ARG C 147 34.48 20.42 7.54
N ALA C 148 33.77 19.54 8.24
CA ALA C 148 33.10 18.45 7.55
C ALA C 148 31.97 18.95 6.65
N GLN C 149 31.24 19.97 7.09
CA GLN C 149 30.21 20.56 6.23
C GLN C 149 30.83 21.20 4.99
N ILE C 150 31.93 21.93 5.16
CA ILE C 150 32.57 22.60 4.04
C ILE C 150 33.04 21.57 3.03
N GLU C 151 33.62 20.47 3.52
CA GLU C 151 34.14 19.45 2.62
C GLU C 151 33.00 18.72 1.91
N TYR C 152 31.89 18.47 2.61
CA TYR C 152 30.75 17.85 1.93
C TYR C 152 30.21 18.77 0.84
N ALA C 153 29.98 20.04 1.18
CA ALA C 153 29.41 20.97 0.19
C ALA C 153 30.29 21.05 -1.05
N ALA C 154 31.62 21.08 -0.87
CA ALA C 154 32.51 21.15 -2.03
C ALA C 154 32.49 19.85 -2.82
N SER C 155 32.39 18.71 -2.14
CA SER C 155 32.40 17.42 -2.83
C SER C 155 31.25 17.32 -3.83
N ASP C 156 30.16 18.05 -3.59
CA ASP C 156 29.01 18.03 -4.49
C ASP C 156 29.25 18.77 -5.81
N VAL C 157 30.27 19.64 -5.91
CA VAL C 157 30.57 20.29 -7.17
C VAL C 157 31.92 19.88 -7.78
N LEU C 158 32.82 19.27 -7.00
CA LEU C 158 34.17 19.01 -7.48
C LEU C 158 34.22 18.02 -8.64
N TYR C 159 33.15 17.24 -8.85
CA TYR C 159 33.19 16.15 -9.81
C TYR C 159 32.18 16.28 -10.95
N LEU C 160 31.37 17.34 -10.96
CA LEU C 160 30.28 17.41 -11.93
C LEU C 160 30.80 17.58 -13.36
N HIS C 161 31.92 18.30 -13.56
CA HIS C 161 32.48 18.38 -14.91
C HIS C 161 32.87 17.00 -15.41
N ARG C 162 33.55 16.21 -14.56
CA ARG C 162 33.97 14.87 -14.96
C ARG C 162 32.78 13.97 -15.24
N LEU C 163 31.74 14.06 -14.40
CA LEU C 163 30.52 13.29 -14.65
C LEU C 163 29.86 13.71 -15.96
N LYS C 164 29.76 15.03 -16.19
CA LYS C 164 29.14 15.53 -17.42
C LYS C 164 29.86 15.00 -18.65
N ASP C 165 31.19 14.99 -18.63
CA ASP C 165 31.93 14.48 -19.78
CA ASP C 165 31.93 14.48 -19.78
C ASP C 165 31.57 13.03 -20.06
N ILE C 166 31.45 12.22 -19.02
CA ILE C 166 31.12 10.81 -19.21
C ILE C 166 29.67 10.66 -19.68
N PHE C 167 28.73 11.37 -19.03
CA PHE C 167 27.33 11.26 -19.48
C PHE C 167 27.17 11.75 -20.90
N GLU C 168 27.95 12.75 -21.31
CA GLU C 168 27.89 13.18 -22.70
C GLU C 168 28.34 12.07 -23.65
N GLU C 169 29.40 11.33 -23.28
CA GLU C 169 29.79 10.18 -24.07
C GLU C 169 28.67 9.15 -24.16
N ARG C 170 28.00 8.88 -23.03
CA ARG C 170 26.95 7.86 -23.03
C ARG C 170 25.73 8.33 -23.81
N LEU C 171 25.39 9.62 -23.71
CA LEU C 171 24.27 10.14 -24.48
C LEU C 171 24.53 10.06 -25.97
N LYS C 172 25.77 10.35 -26.39
CA LYS C 172 26.10 10.17 -27.80
C LYS C 172 26.05 8.69 -28.19
N ARG C 173 26.59 7.82 -27.33
CA ARG C 173 26.67 6.40 -27.67
C ARG C 173 25.28 5.80 -27.91
N GLU C 174 24.33 6.10 -27.02
CA GLU C 174 22.97 5.58 -27.15
C GLU C 174 22.05 6.49 -27.95
N GLU C 175 22.57 7.59 -28.50
CA GLU C 175 21.84 8.44 -29.45
C GLU C 175 20.65 9.14 -28.78
N ARG C 176 20.90 9.70 -27.59
CA ARG C 176 19.86 10.35 -26.80
C ARG C 176 20.21 11.82 -26.52
N GLU C 177 21.10 12.41 -27.31
CA GLU C 177 21.52 13.80 -27.04
C GLU C 177 20.36 14.77 -27.16
N SER C 178 19.51 14.60 -28.18
CA SER C 178 18.41 15.55 -28.36
C SER C 178 17.37 15.40 -27.26
N VAL C 179 17.17 14.18 -26.77
CA VAL C 179 16.24 13.96 -25.67
C VAL C 179 16.72 14.66 -24.40
N ALA C 180 18.00 14.45 -24.07
CA ALA C 180 18.56 15.12 -22.89
C ALA C 180 18.46 16.64 -23.02
N LYS C 181 18.79 17.17 -24.20
CA LYS C 181 18.72 18.61 -24.40
C LYS C 181 17.32 19.16 -24.14
N ALA C 182 16.29 18.45 -24.61
CA ALA C 182 14.93 18.92 -24.34
C ALA C 182 14.59 18.84 -22.85
N CYS C 183 15.07 17.79 -22.15
CA CYS C 183 14.82 17.73 -20.71
C CYS C 183 15.48 18.89 -19.98
N PHE C 184 16.73 19.19 -20.33
CA PHE C 184 17.43 20.32 -19.72
C PHE C 184 16.77 21.65 -20.07
N GLN C 185 16.25 21.77 -21.29
CA GLN C 185 15.55 23.00 -21.67
CA GLN C 185 15.55 23.00 -21.67
C GLN C 185 14.31 23.22 -20.83
N PHE C 186 13.58 22.14 -20.52
CA PHE C 186 12.38 22.27 -19.69
C PHE C 186 12.70 22.37 -18.19
N LEU C 187 13.87 21.91 -17.75
CA LEU C 187 14.16 21.81 -16.32
C LEU C 187 13.95 23.12 -15.57
N PRO C 188 14.37 24.29 -16.06
CA PRO C 188 14.07 25.51 -15.29
C PRO C 188 12.58 25.73 -15.10
N MET C 189 11.74 25.41 -16.08
CA MET C 189 10.29 25.55 -15.90
CA MET C 189 10.31 25.58 -15.86
C MET C 189 9.73 24.50 -14.94
N ARG C 190 10.30 23.29 -14.94
CA ARG C 190 9.94 22.33 -13.91
C ARG C 190 10.24 22.87 -12.51
N ALA C 191 11.37 23.57 -12.36
CA ALA C 191 11.68 24.17 -11.07
C ALA C 191 10.70 25.29 -10.74
N ASN C 192 10.38 26.11 -11.73
CA ASN C 192 9.37 27.16 -11.54
CA ASN C 192 9.37 27.16 -11.55
C ASN C 192 8.03 26.58 -11.14
N LEU C 193 7.63 25.48 -11.79
CA LEU C 193 6.37 24.81 -11.42
C LEU C 193 6.36 24.41 -9.95
N ASP C 194 7.52 23.95 -9.43
CA ASP C 194 7.60 23.61 -8.01
C ASP C 194 7.37 24.84 -7.14
N LEU C 195 8.04 25.94 -7.47
CA LEU C 195 7.86 27.17 -6.69
C LEU C 195 6.42 27.68 -6.74
N LEU C 196 5.75 27.50 -7.87
CA LEU C 196 4.39 28.02 -8.03
C LEU C 196 3.33 27.19 -7.33
N GLY C 197 3.64 25.96 -6.92
CA GLY C 197 2.65 25.15 -6.22
C GLY C 197 2.41 23.77 -6.78
N TRP C 198 3.21 23.34 -7.78
CA TRP C 198 3.02 22.03 -8.39
C TRP C 198 4.15 21.07 -8.06
N SER C 199 4.80 21.24 -6.90
CA SER C 199 5.99 20.44 -6.60
C SER C 199 5.66 18.96 -6.47
N GLU C 200 4.44 18.62 -6.08
CA GLU C 200 4.05 17.22 -5.91
C GLU C 200 3.33 16.66 -7.12
N ILE C 201 3.31 17.37 -8.24
CA ILE C 201 2.52 16.98 -9.40
C ILE C 201 3.44 16.73 -10.58
N ASP C 202 3.34 15.54 -11.16
CA ASP C 202 3.93 15.29 -12.47
C ASP C 202 2.98 15.90 -13.51
N ILE C 203 3.35 17.08 -14.04
CA ILE C 203 2.44 17.83 -14.88
C ILE C 203 2.10 17.07 -16.17
N PHE C 204 2.92 16.11 -16.56
CA PHE C 204 2.70 15.34 -17.78
C PHE C 204 1.95 14.04 -17.54
N ALA C 205 1.70 13.64 -16.30
CA ALA C 205 1.04 12.37 -16.06
C ALA C 205 -0.43 12.41 -16.49
N HIS C 206 -0.96 11.24 -16.84
CA HIS C 206 -2.39 11.15 -17.11
C HIS C 206 -3.20 11.37 -15.84
N SER C 207 -2.71 10.85 -14.72
CA SER C 207 -3.40 11.10 -13.45
C SER C 207 -2.39 11.24 -12.33
N THR E 3 26.96 -31.01 23.00
CA THR E 3 25.56 -31.24 23.34
C THR E 3 25.04 -32.51 22.66
N GLU E 4 24.40 -33.38 23.45
CA GLU E 4 24.01 -34.70 22.97
C GLU E 4 22.72 -34.62 22.17
N ILE E 5 22.79 -35.04 20.92
CA ILE E 5 21.63 -35.07 20.03
C ILE E 5 21.54 -36.49 19.46
N ARG E 6 20.48 -37.21 19.83
CA ARG E 6 20.26 -38.57 19.32
C ARG E 6 19.44 -38.48 18.03
N VAL E 7 19.98 -39.04 16.95
CA VAL E 7 19.30 -39.04 15.67
C VAL E 7 18.66 -40.41 15.45
N HIS E 8 17.40 -40.43 15.06
CA HIS E 8 16.68 -41.67 14.83
C HIS E 8 16.07 -41.67 13.44
N GLN E 9 15.78 -42.87 12.94
CA GLN E 9 15.07 -43.05 11.69
C GLN E 9 13.65 -43.49 12.02
N GLY E 10 12.67 -42.73 11.58
CA GLY E 10 11.28 -43.15 11.68
C GLY E 10 10.55 -42.83 12.98
N ASP E 11 11.13 -43.19 14.11
CA ASP E 11 10.43 -43.10 15.39
C ASP E 11 11.47 -43.11 16.50
N LEU E 12 11.05 -42.69 17.69
CA LEU E 12 11.83 -42.98 18.88
C LEU E 12 11.90 -44.49 19.06
N PRO E 13 13.01 -45.01 19.58
CA PRO E 13 13.07 -46.45 19.85
C PRO E 13 12.18 -46.88 21.00
N ASN E 14 11.95 -45.98 21.95
CA ASN E 14 11.08 -46.22 23.10
C ASN E 14 10.84 -44.88 23.76
N LEU E 15 10.05 -44.87 24.83
CA LEU E 15 9.72 -43.64 25.54
C LEU E 15 10.45 -43.51 26.86
N ASP E 16 11.57 -44.22 27.04
CA ASP E 16 12.26 -44.23 28.34
C ASP E 16 12.75 -42.84 28.74
N ASN E 17 13.05 -41.98 27.77
CA ASN E 17 13.46 -40.63 28.10
C ASN E 17 12.29 -39.66 28.20
N TYR E 18 11.05 -40.13 28.06
CA TYR E 18 9.92 -39.21 28.01
C TYR E 18 8.80 -39.63 28.96
N ARG E 19 9.17 -40.18 30.11
CA ARG E 19 8.23 -40.35 31.23
C ARG E 19 8.22 -39.05 32.04
N ILE E 20 7.62 -38.02 31.46
CA ILE E 20 7.69 -36.65 31.98
C ILE E 20 6.34 -35.96 31.81
N ASP E 21 6.19 -34.83 32.52
CA ASP E 21 4.97 -34.03 32.46
C ASP E 21 4.87 -33.16 31.21
N ALA E 22 5.98 -32.86 30.54
CA ALA E 22 5.95 -31.91 29.44
C ALA E 22 7.11 -32.19 28.50
N VAL E 23 6.85 -32.13 27.20
CA VAL E 23 7.85 -32.45 26.18
C VAL E 23 7.93 -31.31 25.16
N ALA E 24 9.15 -30.92 24.81
CA ALA E 24 9.36 -29.91 23.80
C ALA E 24 9.33 -30.56 22.42
N VAL E 25 8.61 -29.95 21.48
CA VAL E 25 8.37 -30.55 20.17
C VAL E 25 8.57 -29.50 19.10
N ASP E 26 9.21 -29.89 17.99
CA ASP E 26 9.35 -29.04 16.82
C ASP E 26 9.39 -29.92 15.59
N THR E 27 9.17 -29.31 14.41
CA THR E 27 9.20 -30.07 13.16
C THR E 27 10.05 -29.33 12.14
N GLU E 28 10.54 -30.10 11.15
CA GLU E 28 11.09 -29.53 9.94
C GLU E 28 10.44 -30.26 8.76
N THR E 29 10.29 -29.53 7.65
CA THR E 29 9.49 -29.93 6.50
C THR E 29 10.14 -29.40 5.23
N LEU E 30 9.56 -29.73 4.07
CA LEU E 30 10.00 -29.10 2.83
C LEU E 30 9.31 -27.75 2.58
N GLY E 31 8.52 -27.24 3.51
CA GLY E 31 7.95 -25.93 3.33
C GLY E 31 6.76 -25.69 4.25
N LEU E 32 6.12 -24.55 4.02
CA LEU E 32 5.06 -24.08 4.90
C LEU E 32 3.68 -24.59 4.51
N GLN E 33 3.56 -25.43 3.48
CA GLN E 33 2.25 -25.86 3.00
C GLN E 33 2.08 -27.34 3.28
N PRO E 34 1.40 -27.71 4.37
CA PRO E 34 1.33 -29.12 4.75
C PRO E 34 0.81 -30.05 3.67
N HIS E 35 -0.11 -29.61 2.81
CA HIS E 35 -0.62 -30.53 1.77
C HIS E 35 0.41 -30.79 0.68
N ARG E 36 1.37 -29.90 0.49
CA ARG E 36 2.41 -30.04 -0.52
C ARG E 36 3.75 -30.47 0.06
N ASP E 37 4.08 -29.98 1.25
CA ASP E 37 5.44 -30.03 1.80
C ASP E 37 5.49 -31.03 2.95
N ARG E 38 6.18 -32.14 2.73
CA ARG E 38 6.06 -33.27 3.66
C ARG E 38 6.82 -33.01 4.95
N LEU E 39 6.33 -33.67 6.02
CA LEU E 39 7.07 -33.74 7.27
C LEU E 39 8.39 -34.47 7.05
N CYS E 40 9.49 -33.84 7.46
CA CYS E 40 10.81 -34.42 7.26
C CYS E 40 11.51 -34.78 8.56
N VAL E 41 11.31 -33.97 9.60
CA VAL E 41 12.00 -34.16 10.87
C VAL E 41 11.00 -33.85 11.97
N VAL E 42 11.05 -34.62 13.06
CA VAL E 42 10.41 -34.26 14.31
C VAL E 42 11.47 -34.22 15.40
N GLN E 43 11.49 -33.14 16.16
CA GLN E 43 12.47 -32.97 17.23
C GLN E 43 11.76 -32.97 18.58
N LEU E 44 12.40 -33.60 19.57
CA LEU E 44 11.89 -33.71 20.92
C LEU E 44 12.98 -33.39 21.92
N SER E 45 12.59 -32.75 23.02
CA SER E 45 13.49 -32.64 24.15
C SER E 45 12.70 -32.81 25.43
N SER E 46 13.28 -33.52 26.38
CA SER E 46 12.70 -33.61 27.72
C SER E 46 13.04 -32.41 28.59
N GLY E 47 13.87 -31.50 28.10
CA GLY E 47 14.34 -30.39 28.92
C GLY E 47 15.64 -30.63 29.65
N ASP E 48 16.26 -31.81 29.48
CA ASP E 48 17.49 -32.10 30.19
C ASP E 48 18.74 -31.66 29.43
N GLY E 49 18.58 -30.79 28.42
CA GLY E 49 19.71 -30.34 27.64
C GLY E 49 20.12 -31.27 26.52
N THR E 50 19.38 -32.36 26.30
CA THR E 50 19.60 -33.26 25.18
C THR E 50 18.37 -33.26 24.29
N ALA E 51 18.53 -33.65 23.03
CA ALA E 51 17.42 -33.68 22.08
C ALA E 51 17.39 -34.99 21.30
N ASP E 52 16.20 -35.30 20.80
CA ASP E 52 16.01 -36.38 19.84
C ASP E 52 15.54 -35.78 18.52
N VAL E 53 16.23 -36.14 17.45
CA VAL E 53 15.96 -35.64 16.12
C VAL E 53 15.55 -36.87 15.30
N ILE E 54 14.29 -36.93 14.90
CA ILE E 54 13.71 -38.09 14.24
C ILE E 54 13.47 -37.76 12.77
N GLN E 55 14.14 -38.49 11.88
CA GLN E 55 13.93 -38.33 10.45
C GLN E 55 12.70 -39.11 10.01
N ILE E 56 11.78 -38.41 9.37
CA ILE E 56 10.53 -38.98 8.88
C ILE E 56 10.69 -39.26 7.40
N ALA E 57 10.45 -40.50 6.98
CA ALA E 57 10.65 -40.84 5.58
C ALA E 57 9.47 -40.32 4.74
N LYS E 58 9.73 -40.15 3.45
CA LYS E 58 8.65 -39.84 2.51
C LYS E 58 7.62 -40.97 2.53
N GLY E 59 6.34 -40.61 2.56
CA GLY E 59 5.30 -41.61 2.62
C GLY E 59 5.13 -42.31 3.94
N GLN E 60 5.90 -41.95 4.97
CA GLN E 60 5.82 -42.65 6.25
C GLN E 60 4.45 -42.40 6.89
N LYS E 61 3.76 -43.49 7.26
CA LYS E 61 2.39 -43.37 7.76
C LYS E 61 2.30 -43.43 9.28
N SER E 62 3.29 -43.99 9.98
CA SER E 62 3.15 -44.17 11.41
C SER E 62 4.46 -43.85 12.12
N ALA E 63 4.33 -43.37 13.34
CA ALA E 63 5.47 -43.20 14.25
C ALA E 63 4.94 -43.46 15.65
N PRO E 64 4.80 -44.73 16.03
CA PRO E 64 3.95 -45.06 17.19
C PRO E 64 4.41 -44.46 18.50
N ASN E 65 5.72 -44.43 18.79
CA ASN E 65 6.15 -43.89 20.08
C ASN E 65 5.97 -42.38 20.14
N LEU E 66 6.40 -41.67 19.08
CA LEU E 66 6.13 -40.23 19.00
C LEU E 66 4.64 -39.95 19.11
N VAL E 67 3.81 -40.70 18.38
CA VAL E 67 2.39 -40.39 18.37
C VAL E 67 1.75 -40.72 19.71
N ARG E 68 2.29 -41.71 20.43
CA ARG E 68 1.80 -41.96 21.78
C ARG E 68 2.03 -40.74 22.69
N LEU E 69 3.20 -40.11 22.60
CA LEU E 69 3.43 -38.87 23.35
C LEU E 69 2.45 -37.78 22.95
N LEU E 70 2.27 -37.59 21.64
CA LEU E 70 1.40 -36.53 21.16
C LEU E 70 -0.03 -36.73 21.62
N SER E 71 -0.44 -37.98 21.85
CA SER E 71 -1.80 -38.33 22.24
C SER E 71 -2.02 -38.33 23.74
N ASP E 72 -0.94 -38.32 24.52
CA ASP E 72 -1.03 -38.52 25.96
C ASP E 72 -1.49 -37.21 26.63
N ARG E 73 -2.74 -37.18 27.07
CA ARG E 73 -3.28 -35.98 27.70
C ARG E 73 -2.60 -35.62 29.01
N ASP E 74 -1.82 -36.53 29.60
CA ASP E 74 -1.06 -36.20 30.80
C ASP E 74 0.27 -35.54 30.48
N ILE E 75 0.61 -35.34 29.21
CA ILE E 75 1.87 -34.73 28.84
C ILE E 75 1.57 -33.46 28.04
N THR E 76 2.02 -32.32 28.55
CA THR E 76 1.90 -31.08 27.80
C THR E 76 2.94 -31.04 26.69
N LYS E 77 2.48 -30.80 25.45
CA LYS E 77 3.40 -30.60 24.35
C LYS E 77 3.71 -29.11 24.24
N ILE E 78 4.99 -28.76 24.38
CA ILE E 78 5.46 -27.36 24.31
C ILE E 78 5.97 -27.12 22.91
N PHE E 79 5.48 -26.05 22.27
CA PHE E 79 5.92 -25.66 20.94
C PHE E 79 6.35 -24.19 20.95
N HIS E 80 7.13 -23.80 19.95
CA HIS E 80 7.20 -22.41 19.53
C HIS E 80 6.46 -22.31 18.20
N PHE E 81 5.41 -21.48 18.17
CA PHE E 81 4.46 -21.41 17.06
C PHE E 81 3.92 -22.81 16.73
N GLY E 82 3.29 -23.40 17.75
CA GLY E 82 2.67 -24.71 17.59
C GLY E 82 1.61 -24.79 16.50
N ARG E 83 1.02 -23.64 16.12
CA ARG E 83 0.04 -23.64 15.04
C ARG E 83 0.54 -24.40 13.82
N PHE E 84 1.80 -24.16 13.45
CA PHE E 84 2.36 -24.87 12.30
C PHE E 84 2.64 -26.34 12.61
N ASP E 85 3.34 -26.61 13.72
CA ASP E 85 3.75 -27.99 14.04
C ASP E 85 2.54 -28.90 14.19
N LEU E 86 1.51 -28.41 14.89
CA LEU E 86 0.30 -29.18 15.09
C LEU E 86 -0.34 -29.55 13.75
N ALA E 87 -0.36 -28.62 12.79
CA ALA E 87 -0.97 -28.90 11.50
C ALA E 87 -0.23 -30.01 10.77
N ILE E 88 1.10 -29.91 10.66
CA ILE E 88 1.80 -30.92 9.87
C ILE E 88 1.80 -32.28 10.59
N LEU E 89 1.91 -32.28 11.92
CA LEU E 89 1.86 -33.54 12.67
C LEU E 89 0.50 -34.22 12.52
N ALA E 90 -0.58 -33.46 12.65
CA ALA E 90 -1.91 -34.04 12.50
C ALA E 90 -2.14 -34.51 11.06
N HIS E 91 -1.70 -33.72 10.08
CA HIS E 91 -1.86 -34.13 8.69
C HIS E 91 -1.09 -35.41 8.40
N THR E 92 0.08 -35.57 9.00
CA THR E 92 0.94 -36.69 8.62
C THR E 92 0.51 -37.98 9.30
N PHE E 93 0.24 -37.93 10.60
CA PHE E 93 -0.05 -39.13 11.39
C PHE E 93 -1.49 -39.23 11.86
N GLY E 94 -2.34 -38.25 11.55
CA GLY E 94 -3.76 -38.37 11.86
C GLY E 94 -4.13 -38.15 13.30
N VAL E 95 -3.25 -37.59 14.10
CA VAL E 95 -3.50 -37.35 15.52
C VAL E 95 -3.22 -35.88 15.79
N MET E 96 -4.20 -35.19 16.37
CA MET E 96 -4.00 -33.79 16.75
C MET E 96 -3.82 -33.72 18.26
N PRO E 97 -2.66 -33.33 18.77
CA PRO E 97 -2.50 -33.13 20.22
C PRO E 97 -3.52 -32.13 20.74
N ASP E 98 -3.94 -32.31 21.99
CA ASP E 98 -4.92 -31.39 22.57
C ASP E 98 -4.45 -30.73 23.85
N VAL E 99 -3.26 -31.05 24.37
CA VAL E 99 -2.72 -30.43 25.57
C VAL E 99 -1.41 -29.76 25.16
N VAL E 100 -1.42 -28.43 24.97
CA VAL E 100 -0.27 -27.75 24.40
C VAL E 100 0.03 -26.44 25.13
N PHE E 101 1.26 -26.00 24.95
CA PHE E 101 1.74 -24.68 25.36
C PHE E 101 2.55 -24.13 24.19
N CYS E 102 2.31 -22.87 23.83
CA CYS E 102 2.99 -22.23 22.70
C CYS E 102 3.74 -20.99 23.16
N THR E 103 5.06 -20.99 23.00
CA THR E 103 5.88 -19.85 23.42
C THR E 103 5.68 -18.62 22.55
N LYS E 104 5.20 -18.79 21.30
CA LYS E 104 4.96 -17.59 20.51
C LYS E 104 3.69 -16.87 20.96
N ILE E 105 2.61 -17.62 21.21
CA ILE E 105 1.42 -17.02 21.77
C ILE E 105 1.72 -16.46 23.16
N ALA E 106 2.48 -17.21 23.97
CA ALA E 106 2.91 -16.71 25.27
C ALA E 106 3.70 -15.43 25.13
N SER E 107 4.61 -15.36 24.15
CA SER E 107 5.35 -14.12 23.96
C SER E 107 4.42 -12.96 23.59
N LYS E 108 3.46 -13.22 22.70
CA LYS E 108 2.54 -12.14 22.29
C LYS E 108 1.69 -11.66 23.45
N LEU E 109 1.45 -12.52 24.45
CA LEU E 109 0.65 -12.14 25.61
C LEU E 109 1.46 -11.49 26.74
N THR E 110 2.80 -11.46 26.63
CA THR E 110 3.62 -11.01 27.76
C THR E 110 4.72 -10.04 27.35
N ARG E 111 5.37 -10.28 26.22
CA ARG E 111 6.42 -9.37 25.74
C ARG E 111 5.76 -8.26 24.92
N THR E 112 4.98 -7.44 25.64
CA THR E 112 4.21 -6.36 25.05
C THR E 112 5.08 -5.16 24.72
N TYR E 113 6.37 -5.21 25.08
CA TYR E 113 7.31 -4.12 24.86
C TYR E 113 8.12 -4.30 23.60
N THR E 114 7.73 -5.22 22.72
CA THR E 114 8.43 -5.45 21.48
C THR E 114 7.42 -6.02 20.48
N ASP E 115 7.78 -5.98 19.20
CA ASP E 115 7.00 -6.66 18.19
C ASP E 115 7.76 -7.83 17.59
N ARG E 116 8.87 -8.21 18.21
CA ARG E 116 9.71 -9.31 17.74
CA ARG E 116 9.69 -9.31 17.73
C ARG E 116 9.46 -10.52 18.62
N HIS E 117 8.72 -11.51 18.10
CA HIS E 117 8.31 -12.69 18.85
C HIS E 117 8.87 -13.99 18.30
N GLY E 118 9.85 -13.92 17.41
CA GLY E 118 10.47 -15.14 16.91
C GLY E 118 11.28 -15.85 17.98
N LEU E 119 11.49 -17.15 17.76
CA LEU E 119 12.21 -17.93 18.76
C LEU E 119 13.63 -17.41 18.96
N LYS E 120 14.29 -16.99 17.89
CA LYS E 120 15.66 -16.49 18.03
C LYS E 120 15.68 -15.26 18.93
N GLU E 121 14.73 -14.35 18.70
CA GLU E 121 14.67 -13.14 19.49
CA GLU E 121 14.64 -13.13 19.50
C GLU E 121 14.34 -13.45 20.95
N ILE E 122 13.40 -14.37 21.19
CA ILE E 122 13.02 -14.74 22.56
C ILE E 122 14.19 -15.39 23.29
N CYS E 123 14.86 -16.34 22.64
CA CYS E 123 16.01 -17.01 23.28
C CYS E 123 17.10 -16.00 23.60
N GLY E 124 17.34 -15.05 22.70
CA GLY E 124 18.36 -14.06 22.99
C GLY E 124 18.01 -13.23 24.22
N GLU E 125 16.77 -12.76 24.30
CA GLU E 125 16.37 -11.88 25.39
C GLU E 125 16.23 -12.62 26.72
N LEU E 126 15.56 -13.77 26.72
CA LEU E 126 15.22 -14.44 27.98
C LEU E 126 16.33 -15.34 28.52
N LEU E 127 17.16 -15.91 27.64
CA LEU E 127 18.15 -16.88 28.05
C LEU E 127 19.56 -16.51 27.67
N ASN E 128 19.74 -15.43 26.91
CA ASN E 128 21.04 -15.11 26.34
C ASN E 128 21.58 -16.31 25.56
N VAL E 129 20.71 -16.94 24.79
CA VAL E 129 21.06 -18.08 23.95
C VAL E 129 20.92 -17.65 22.50
N ASN E 130 21.94 -17.90 21.69
CA ASN E 130 21.94 -17.50 20.29
C ASN E 130 21.46 -18.66 19.43
N ILE E 131 20.29 -18.48 18.83
CA ILE E 131 19.78 -19.40 17.81
C ILE E 131 20.32 -18.92 16.46
N SER E 132 20.97 -19.82 15.72
CA SER E 132 21.41 -19.52 14.36
C SER E 132 20.38 -20.08 13.39
N LYS E 133 19.90 -19.24 12.46
CA LYS E 133 18.85 -19.64 11.54
C LYS E 133 19.38 -19.98 10.15
N GLN E 134 20.69 -20.21 10.02
CA GLN E 134 21.27 -20.46 8.70
C GLN E 134 20.61 -21.65 8.00
N GLN E 135 20.34 -22.73 8.74
CA GLN E 135 19.82 -23.96 8.16
C GLN E 135 18.29 -24.00 8.11
N GLN E 136 17.62 -22.95 8.57
CA GLN E 136 16.15 -22.94 8.54
C GLN E 136 15.63 -23.29 7.16
N SER E 137 16.15 -22.63 6.12
CA SER E 137 15.84 -22.93 4.73
C SER E 137 16.96 -23.82 4.17
N SER E 138 16.77 -25.13 4.29
CA SER E 138 17.71 -26.12 3.79
C SER E 138 16.91 -27.33 3.34
N ASP E 139 17.57 -28.28 2.68
CA ASP E 139 16.88 -29.48 2.21
C ASP E 139 16.68 -30.43 3.39
N TRP E 140 15.56 -30.25 4.11
CA TRP E 140 15.27 -31.08 5.27
C TRP E 140 14.90 -32.51 4.91
N ALA E 141 14.69 -32.80 3.63
CA ALA E 141 14.38 -34.14 3.16
C ALA E 141 15.61 -34.95 2.81
N ALA E 142 16.80 -34.37 2.95
CA ALA E 142 18.05 -35.08 2.67
C ALA E 142 18.12 -36.40 3.43
N GLU E 143 18.61 -37.44 2.77
CA GLU E 143 18.75 -38.73 3.44
C GLU E 143 19.64 -38.60 4.67
N THR E 144 20.72 -37.84 4.56
CA THR E 144 21.61 -37.58 5.68
C THR E 144 21.62 -36.07 5.95
N LEU E 145 21.14 -35.68 7.13
CA LEU E 145 21.21 -34.29 7.54
C LEU E 145 22.64 -33.91 7.92
N SER E 146 23.04 -32.69 7.59
CA SER E 146 24.34 -32.21 8.03
C SER E 146 24.31 -31.96 9.54
N ARG E 147 25.52 -31.89 10.12
CA ARG E 147 25.60 -31.58 11.55
C ARG E 147 24.96 -30.23 11.85
N ALA E 148 25.12 -29.26 10.95
CA ALA E 148 24.48 -27.95 11.13
C ALA E 148 22.96 -28.05 11.10
N GLN E 149 22.41 -28.88 10.23
CA GLN E 149 20.96 -29.09 10.22
C GLN E 149 20.50 -29.73 11.53
N ILE E 150 21.23 -30.75 11.99
CA ILE E 150 20.88 -31.44 13.22
C ILE E 150 20.94 -30.49 14.41
N GLU E 151 21.97 -29.64 14.46
CA GLU E 151 22.09 -28.71 15.57
C GLU E 151 21.00 -27.65 15.54
N TYR E 152 20.63 -27.16 14.35
CA TYR E 152 19.51 -26.21 14.27
C TYR E 152 18.22 -26.86 14.75
N ALA E 153 17.96 -28.08 14.26
CA ALA E 153 16.73 -28.75 14.65
C ALA E 153 16.68 -28.96 16.16
N ALA E 154 17.79 -29.38 16.77
CA ALA E 154 17.80 -29.58 18.22
C ALA E 154 17.63 -28.26 18.97
N SER E 155 18.25 -27.18 18.47
CA SER E 155 18.17 -25.88 19.15
C SER E 155 16.73 -25.38 19.25
N ASP E 156 15.86 -25.78 18.32
CA ASP E 156 14.46 -25.37 18.41
C ASP E 156 13.71 -26.05 19.56
N VAL E 157 14.20 -27.17 20.10
CA VAL E 157 13.52 -27.78 21.24
C VAL E 157 14.33 -27.73 22.52
N LEU E 158 15.64 -27.45 22.45
CA LEU E 158 16.47 -27.55 23.64
C LEU E 158 16.08 -26.55 24.74
N TYR E 159 15.40 -25.47 24.39
CA TYR E 159 15.18 -24.40 25.36
C TYR E 159 13.73 -24.14 25.69
N LEU E 160 12.78 -24.93 25.14
CA LEU E 160 11.39 -24.55 25.29
C LEU E 160 10.88 -24.73 26.72
N HIS E 161 11.38 -25.71 27.46
CA HIS E 161 11.00 -25.84 28.87
C HIS E 161 11.41 -24.60 29.65
N ARG E 162 12.64 -24.13 29.44
CA ARG E 162 13.10 -22.95 30.14
C ARG E 162 12.31 -21.72 29.74
N LEU E 163 11.95 -21.60 28.46
CA LEU E 163 11.11 -20.48 28.05
C LEU E 163 9.72 -20.56 28.66
N LYS E 164 9.13 -21.76 28.67
CA LYS E 164 7.82 -21.95 29.26
C LYS E 164 7.81 -21.56 30.75
N ASP E 165 8.85 -21.95 31.48
CA ASP E 165 8.96 -21.52 32.88
C ASP E 165 8.88 -20.00 33.01
N ILE E 166 9.69 -19.28 32.22
CA ILE E 166 9.72 -17.82 32.30
C ILE E 166 8.37 -17.23 31.86
N PHE E 167 7.82 -17.74 30.76
CA PHE E 167 6.54 -17.21 30.27
C PHE E 167 5.41 -17.46 31.27
N GLU E 168 5.43 -18.59 31.97
CA GLU E 168 4.44 -18.83 33.00
C GLU E 168 4.58 -17.82 34.13
N GLU E 169 5.81 -17.46 34.50
CA GLU E 169 6.00 -16.38 35.48
C GLU E 169 5.39 -15.07 34.98
N ARG E 170 5.60 -14.73 33.70
CA ARG E 170 5.10 -13.46 33.17
C ARG E 170 3.58 -13.47 33.05
N LEU E 171 2.99 -14.59 32.61
CA LEU E 171 1.53 -14.67 32.57
C LEU E 171 0.91 -14.53 33.95
N LYS E 172 1.55 -15.10 34.97
CA LYS E 172 1.04 -14.94 36.33
C LYS E 172 1.19 -13.50 36.81
N ARG E 173 2.34 -12.89 36.53
CA ARG E 173 2.60 -11.52 36.99
C ARG E 173 1.58 -10.54 36.42
N GLU E 174 1.26 -10.67 35.14
CA GLU E 174 0.32 -9.78 34.49
C GLU E 174 -1.11 -10.31 34.52
N GLU E 175 -1.33 -11.45 35.19
CA GLU E 175 -2.68 -11.99 35.42
C GLU E 175 -3.37 -12.38 34.12
N ARG E 176 -2.64 -13.10 33.26
CA ARG E 176 -3.16 -13.50 31.96
C ARG E 176 -3.16 -15.00 31.79
N GLU E 177 -3.12 -15.75 32.89
CA GLU E 177 -3.05 -17.22 32.80
C GLU E 177 -4.28 -17.80 32.13
N SER E 178 -5.48 -17.29 32.49
CA SER E 178 -6.69 -17.88 31.92
C SER E 178 -6.81 -17.51 30.44
N VAL E 179 -6.32 -16.34 30.06
CA VAL E 179 -6.29 -15.96 28.64
C VAL E 179 -5.38 -16.89 27.85
N ALA E 180 -4.16 -17.10 28.35
CA ALA E 180 -3.24 -17.99 27.65
C ALA E 180 -3.82 -19.40 27.52
N LYS E 181 -4.45 -19.89 28.60
CA LYS E 181 -5.03 -21.23 28.59
C LYS E 181 -6.09 -21.37 27.51
N ALA E 182 -6.97 -20.38 27.37
CA ALA E 182 -7.99 -20.46 26.33
C ALA E 182 -7.36 -20.42 24.93
N CYS E 183 -6.30 -19.63 24.75
CA CYS E 183 -5.61 -19.62 23.46
C CYS E 183 -5.00 -20.98 23.16
N PHE E 184 -4.39 -21.62 24.18
CA PHE E 184 -3.78 -22.93 23.97
C PHE E 184 -4.83 -23.99 23.71
N GLN E 185 -6.00 -23.85 24.33
CA GLN E 185 -7.09 -24.80 24.11
CA GLN E 185 -7.07 -24.81 24.09
C GLN E 185 -7.61 -24.70 22.68
N PHE E 186 -7.68 -23.48 22.14
CA PHE E 186 -8.13 -23.32 20.76
C PHE E 186 -7.07 -23.66 19.72
N LEU E 187 -5.79 -23.61 20.08
CA LEU E 187 -4.73 -23.73 19.08
C LEU E 187 -4.84 -25.00 18.22
N PRO E 188 -5.14 -26.18 18.77
CA PRO E 188 -5.30 -27.35 17.87
C PRO E 188 -6.38 -27.15 16.83
N MET E 189 -7.48 -26.46 17.16
CA MET E 189 -8.51 -26.21 16.16
C MET E 189 -8.09 -25.11 15.19
N ARG E 190 -7.32 -24.14 15.66
CA ARG E 190 -6.71 -23.20 14.72
C ARG E 190 -5.86 -23.92 13.69
N ALA E 191 -5.11 -24.95 14.12
CA ALA E 191 -4.30 -25.71 13.17
C ALA E 191 -5.18 -26.54 12.24
N ASN E 192 -6.24 -27.13 12.77
CA ASN E 192 -7.19 -27.86 11.93
CA ASN E 192 -7.20 -27.85 11.93
C ASN E 192 -7.83 -26.94 10.88
N LEU E 193 -8.24 -25.73 11.30
CA LEU E 193 -8.77 -24.76 10.34
C LEU E 193 -7.79 -24.53 9.19
N ASP E 194 -6.49 -24.45 9.50
CA ASP E 194 -5.50 -24.26 8.45
C ASP E 194 -5.52 -25.43 7.47
N LEU E 195 -5.54 -26.65 8.00
CA LEU E 195 -5.56 -27.83 7.14
C LEU E 195 -6.83 -27.89 6.30
N LEU E 196 -7.95 -27.42 6.84
CA LEU E 196 -9.22 -27.55 6.15
C LEU E 196 -9.41 -26.50 5.06
N GLY E 197 -8.58 -25.46 5.02
CA GLY E 197 -8.66 -24.47 3.96
C GLY E 197 -8.73 -23.03 4.42
N TRP E 198 -8.63 -22.78 5.73
CA TRP E 198 -8.73 -21.42 6.24
C TRP E 198 -7.39 -20.84 6.68
N SER E 199 -6.28 -21.37 6.16
CA SER E 199 -4.97 -20.93 6.65
C SER E 199 -4.74 -19.44 6.43
N GLU E 200 -5.40 -18.82 5.46
CA GLU E 200 -5.20 -17.39 5.22
C GLU E 200 -6.28 -16.53 5.89
N ILE E 201 -7.13 -17.11 6.73
CA ILE E 201 -8.31 -16.42 7.24
C ILE E 201 -8.21 -16.36 8.75
N ASP E 202 -8.28 -15.16 9.30
CA ASP E 202 -8.52 -14.98 10.73
C ASP E 202 -10.02 -15.14 10.92
N ILE E 203 -10.43 -16.30 11.44
CA ILE E 203 -11.85 -16.64 11.54
C ILE E 203 -12.61 -15.71 12.48
N PHE E 204 -11.92 -14.97 13.34
CA PHE E 204 -12.58 -14.08 14.29
C PHE E 204 -12.66 -12.64 13.82
N ALA E 205 -12.04 -12.33 12.68
CA ALA E 205 -12.01 -10.97 12.17
C ALA E 205 -13.38 -10.56 11.66
N HIS E 206 -13.66 -9.25 11.74
CA HIS E 206 -14.90 -8.75 11.19
C HIS E 206 -14.90 -8.86 9.67
N SER E 207 -13.77 -8.59 9.03
CA SER E 207 -13.64 -8.84 7.60
C SER E 207 -12.21 -9.23 7.27
N THR G 3 -34.82 31.97 1.42
CA THR G 3 -33.50 32.22 2.01
C THR G 3 -32.87 33.47 1.40
N GLU G 4 -32.80 34.53 2.19
CA GLU G 4 -32.17 35.76 1.76
C GLU G 4 -30.66 35.58 1.76
N ILE G 5 -30.02 35.87 0.61
CA ILE G 5 -28.57 35.82 0.51
C ILE G 5 -28.13 37.17 -0.06
N ARG G 6 -27.42 37.94 0.75
CA ARG G 6 -26.94 39.27 0.36
C ARG G 6 -25.55 39.09 -0.22
N VAL G 7 -25.35 39.54 -1.46
CA VAL G 7 -24.06 39.43 -2.13
C VAL G 7 -23.36 40.78 -2.08
N HIS G 8 -22.07 40.79 -1.73
CA HIS G 8 -21.30 42.02 -1.59
C HIS G 8 -20.03 41.94 -2.42
N GLN G 9 -19.51 43.10 -2.80
CA GLN G 9 -18.19 43.19 -3.41
C GLN G 9 -17.19 43.69 -2.38
N GLY G 10 -16.17 42.89 -2.12
CA GLY G 10 -15.07 43.36 -1.25
C GLY G 10 -15.29 43.24 0.24
N ASP G 11 -16.38 43.77 0.76
CA ASP G 11 -16.58 43.79 2.21
C ASP G 11 -18.06 44.01 2.49
N LEU G 12 -18.47 43.63 3.70
CA LEU G 12 -19.74 44.11 4.22
C LEU G 12 -19.74 45.63 4.24
N PRO G 13 -20.92 46.26 4.19
CA PRO G 13 -20.97 47.73 4.36
C PRO G 13 -20.90 48.15 5.82
N ASN G 14 -21.25 47.27 6.75
CA ASN G 14 -21.28 47.54 8.18
C ASN G 14 -21.49 46.19 8.87
N LEU G 15 -21.48 46.22 10.21
CA LEU G 15 -21.68 45.00 11.01
C LEU G 15 -23.03 44.99 11.72
N ASP G 16 -24.03 45.68 11.15
CA ASP G 16 -25.32 45.80 11.84
C ASP G 16 -26.00 44.45 12.00
N ASN G 17 -25.77 43.53 11.08
CA ASN G 17 -26.32 42.19 11.18
C ASN G 17 -25.45 41.26 12.02
N TYR G 18 -24.35 41.75 12.63
CA TYR G 18 -23.42 40.88 13.33
C TYR G 18 -23.08 41.41 14.72
N ARG G 19 -24.06 42.02 15.39
CA ARG G 19 -23.95 42.32 16.82
C ARG G 19 -24.46 41.12 17.61
N ILE G 20 -23.69 40.03 17.53
CA ILE G 20 -24.08 38.71 17.99
C ILE G 20 -22.87 38.06 18.66
N ASP G 21 -23.12 36.96 19.38
CA ASP G 21 -22.05 36.29 20.11
CA ASP G 21 -22.07 36.28 20.12
C ASP G 21 -21.28 35.29 19.27
N ALA G 22 -21.84 34.83 18.15
CA ALA G 22 -21.16 33.87 17.30
C ALA G 22 -21.60 34.10 15.87
N VAL G 23 -20.64 33.98 14.94
CA VAL G 23 -20.87 34.18 13.51
C VAL G 23 -20.35 32.96 12.78
N ALA G 24 -21.14 32.47 11.82
CA ALA G 24 -20.74 31.35 10.98
C ALA G 24 -19.93 31.89 9.80
N VAL G 25 -18.81 31.23 9.50
CA VAL G 25 -17.86 31.70 8.51
C VAL G 25 -17.47 30.54 7.61
N ASP G 26 -17.36 30.80 6.30
CA ASP G 26 -16.77 29.84 5.39
C ASP G 26 -16.10 30.62 4.25
N THR G 27 -15.25 29.93 3.48
CA THR G 27 -14.58 30.58 2.35
C THR G 27 -14.64 29.71 1.11
N GLU G 28 -14.54 30.35 -0.05
CA GLU G 28 -14.24 29.68 -1.31
C GLU G 28 -13.00 30.29 -1.93
N THR G 29 -12.26 29.47 -2.67
CA THR G 29 -10.95 29.82 -3.20
C THR G 29 -10.78 29.20 -4.57
N LEU G 30 -9.62 29.42 -5.18
CA LEU G 30 -9.29 28.70 -6.40
C LEU G 30 -8.67 27.32 -6.14
N GLY G 31 -8.57 26.87 -4.90
CA GLY G 31 -7.99 25.57 -4.63
C GLY G 31 -7.56 25.44 -3.18
N LEU G 32 -6.90 24.31 -2.89
CA LEU G 32 -6.56 23.96 -1.52
C LEU G 32 -5.22 24.52 -1.05
N GLN G 33 -4.48 25.24 -1.89
CA GLN G 33 -3.12 25.67 -1.53
C GLN G 33 -3.09 27.19 -1.36
N PRO G 34 -3.13 27.70 -0.13
CA PRO G 34 -3.35 29.15 0.04
C PRO G 34 -2.27 30.02 -0.55
N HIS G 35 -1.04 29.52 -0.72
CA HIS G 35 -0.02 30.35 -1.33
C HIS G 35 -0.18 30.47 -2.85
N ARG G 36 -0.87 29.52 -3.47
CA ARG G 36 -1.14 29.56 -4.91
C ARG G 36 -2.56 30.01 -5.24
N ASP G 37 -3.53 29.60 -4.44
CA ASP G 37 -4.95 29.65 -4.80
C ASP G 37 -5.62 30.74 -3.98
N ARG G 38 -6.05 31.81 -4.65
CA ARG G 38 -6.44 33.00 -3.91
C ARG G 38 -7.80 32.82 -3.25
N LEU G 39 -7.99 33.58 -2.19
CA LEU G 39 -9.33 33.73 -1.61
C LEU G 39 -10.26 34.41 -2.60
N CYS G 40 -11.40 33.77 -2.88
CA CYS G 40 -12.41 34.29 -3.81
C CYS G 40 -13.70 34.73 -3.15
N VAL G 41 -14.13 34.06 -2.08
CA VAL G 41 -15.43 34.32 -1.46
C VAL G 41 -15.30 34.13 0.04
N VAL G 42 -15.89 35.04 0.81
CA VAL G 42 -16.09 34.82 2.24
C VAL G 42 -17.60 34.83 2.50
N GLN G 43 -18.09 33.82 3.20
CA GLN G 43 -19.50 33.70 3.53
C GLN G 43 -19.69 33.85 5.03
N LEU G 44 -20.78 34.52 5.41
CA LEU G 44 -21.11 34.76 6.81
C LEU G 44 -22.59 34.50 7.04
N SER G 45 -22.90 34.03 8.24
CA SER G 45 -24.30 33.96 8.66
C SER G 45 -24.39 34.23 10.15
N SER G 46 -25.42 34.98 10.54
CA SER G 46 -25.72 35.22 11.93
C SER G 46 -26.53 34.09 12.55
N GLY G 47 -26.96 33.11 11.76
CA GLY G 47 -27.81 32.06 12.25
C GLY G 47 -29.30 32.33 12.12
N ASP G 48 -29.69 33.47 11.56
CA ASP G 48 -31.10 33.80 11.36
C ASP G 48 -31.66 33.26 10.06
N GLY G 49 -30.96 32.35 9.40
CA GLY G 49 -31.42 31.83 8.13
C GLY G 49 -31.08 32.69 6.92
N THR G 50 -30.36 33.78 7.11
CA THR G 50 -29.85 34.59 6.00
C THR G 50 -28.33 34.46 5.95
N ALA G 51 -27.76 34.87 4.82
CA ALA G 51 -26.33 34.78 4.64
C ALA G 51 -25.82 35.97 3.85
N ASP G 52 -24.55 36.30 4.10
CA ASP G 52 -23.83 37.28 3.32
C ASP G 52 -22.73 36.56 2.56
N VAL G 53 -22.65 36.83 1.27
CA VAL G 53 -21.66 36.22 0.40
C VAL G 53 -20.82 37.37 -0.15
N ILE G 54 -19.54 37.40 0.21
CA ILE G 54 -18.66 38.50 -0.13
C ILE G 54 -17.66 38.02 -1.16
N GLN G 55 -17.71 38.61 -2.36
CA GLN G 55 -16.70 38.31 -3.38
C GLN G 55 -15.44 39.09 -3.08
N ILE G 56 -14.33 38.38 -3.02
CA ILE G 56 -13.03 38.97 -2.75
C ILE G 56 -12.31 39.12 -4.09
N ALA G 57 -11.82 40.32 -4.37
CA ALA G 57 -11.14 40.58 -5.62
C ALA G 57 -9.71 40.04 -5.59
N LYS G 58 -9.21 39.70 -6.77
CA LYS G 58 -7.81 39.31 -6.89
C LYS G 58 -6.93 40.44 -6.37
N GLY G 59 -5.95 40.09 -5.55
CA GLY G 59 -5.06 41.07 -4.96
C GLY G 59 -5.68 41.94 -3.90
N GLN G 60 -6.89 41.64 -3.43
CA GLN G 60 -7.53 42.46 -2.41
C GLN G 60 -6.83 42.25 -1.06
N LYS G 61 -6.44 43.35 -0.42
CA LYS G 61 -5.65 43.27 0.80
C LYS G 61 -6.41 43.56 2.08
N SER G 62 -7.53 44.27 2.02
CA SER G 62 -8.24 44.64 3.24
C SER G 62 -9.73 44.45 3.04
N ALA G 63 -10.43 44.26 4.16
CA ALA G 63 -11.88 44.12 4.24
C ALA G 63 -12.23 44.51 5.67
N PRO G 64 -12.19 45.81 5.99
CA PRO G 64 -12.14 46.21 7.40
C PRO G 64 -13.34 45.75 8.22
N ASN G 65 -14.56 45.75 7.67
CA ASN G 65 -15.70 45.31 8.48
C ASN G 65 -15.61 43.82 8.77
N LEU G 66 -15.41 43.02 7.71
CA LEU G 66 -15.18 41.59 7.90
C LEU G 66 -14.06 41.33 8.90
N VAL G 67 -12.92 42.02 8.73
CA VAL G 67 -11.77 41.75 9.57
C VAL G 67 -12.05 42.16 11.02
N ARG G 68 -12.82 43.23 11.22
CA ARG G 68 -13.20 43.61 12.59
C ARG G 68 -13.98 42.46 13.25
N LEU G 69 -14.89 41.83 12.51
CA LEU G 69 -15.58 40.66 13.03
C LEU G 69 -14.59 39.54 13.36
N LEU G 70 -13.70 39.23 12.42
CA LEU G 70 -12.77 38.12 12.62
C LEU G 70 -11.85 38.36 13.81
N SER G 71 -11.55 39.63 14.09
CA SER G 71 -10.65 40.00 15.17
C SER G 71 -11.35 40.11 16.52
N ASP G 72 -12.68 40.18 16.53
CA ASP G 72 -13.43 40.50 17.75
C ASP G 72 -13.43 39.28 18.68
N ARG G 73 -12.72 39.39 19.82
CA ARG G 73 -12.60 38.27 20.75
C ARG G 73 -13.91 37.96 21.47
N ASP G 74 -14.88 38.86 21.45
CA ASP G 74 -16.17 38.57 22.04
C ASP G 74 -17.09 37.80 21.11
N ILE G 75 -16.68 37.51 19.88
CA ILE G 75 -17.55 36.84 18.92
C ILE G 75 -16.85 35.56 18.50
N THR G 76 -17.45 34.42 18.82
CA THR G 76 -16.91 33.13 18.38
C THR G 76 -17.13 32.97 16.88
N LYS G 77 -16.06 32.62 16.15
CA LYS G 77 -16.20 32.31 14.73
C LYS G 77 -16.43 30.81 14.59
N ILE G 78 -17.57 30.44 14.00
CA ILE G 78 -17.94 29.04 13.79
C ILE G 78 -17.53 28.66 12.37
N PHE G 79 -16.80 27.56 12.23
CA PHE G 79 -16.43 27.02 10.93
C PHE G 79 -16.82 25.56 10.88
N HIS G 80 -16.93 25.04 9.65
CA HIS G 80 -16.76 23.61 9.41
C HIS G 80 -15.39 23.41 8.77
N PHE G 81 -14.54 22.64 9.44
CA PHE G 81 -13.14 22.49 9.08
C PHE G 81 -12.45 23.85 8.98
N GLY G 82 -12.46 24.57 10.10
CA GLY G 82 -11.87 25.90 10.13
C GLY G 82 -10.38 25.92 9.88
N ARG G 83 -9.71 24.77 10.04
CA ARG G 83 -8.28 24.72 9.71
C ARG G 83 -8.01 25.36 8.35
N PHE G 84 -8.84 25.05 7.34
CA PHE G 84 -8.61 25.62 6.01
C PHE G 84 -8.98 27.10 5.99
N ASP G 85 -10.17 27.46 6.49
CA ASP G 85 -10.65 28.84 6.38
C ASP G 85 -9.74 29.80 7.12
N LEU G 86 -9.28 29.40 8.31
CA LEU G 86 -8.39 30.23 9.11
C LEU G 86 -7.09 30.52 8.35
N ALA G 87 -6.52 29.51 7.71
CA ALA G 87 -5.29 29.70 6.97
C ALA G 87 -5.48 30.73 5.85
N ILE G 88 -6.50 30.53 5.00
CA ILE G 88 -6.65 31.43 3.85
C ILE G 88 -7.04 32.83 4.31
N LEU G 89 -7.84 32.94 5.38
CA LEU G 89 -8.23 34.25 5.87
C LEU G 89 -7.03 35.00 6.44
N ALA G 90 -6.22 34.34 7.27
CA ALA G 90 -5.05 34.99 7.84
C ALA G 90 -4.03 35.31 6.75
N HIS G 91 -3.88 34.43 5.76
CA HIS G 91 -2.92 34.69 4.70
C HIS G 91 -3.34 35.89 3.86
N THR G 92 -4.63 36.08 3.64
CA THR G 92 -5.09 37.12 2.74
C THR G 92 -5.17 38.48 3.44
N PHE G 93 -5.76 38.54 4.63
CA PHE G 93 -6.01 39.81 5.30
C PHE G 93 -5.09 40.07 6.49
N GLY G 94 -4.23 39.12 6.85
CA GLY G 94 -3.22 39.34 7.87
C GLY G 94 -3.67 39.16 9.30
N VAL G 95 -4.90 38.71 9.53
CA VAL G 95 -5.44 38.57 10.87
C VAL G 95 -5.87 37.13 11.08
N MET G 96 -5.38 36.52 12.15
CA MET G 96 -5.76 35.16 12.49
C MET G 96 -6.82 35.20 13.58
N PRO G 97 -8.07 34.81 13.30
CA PRO G 97 -9.06 34.67 14.37
C PRO G 97 -8.56 33.73 15.45
N ASP G 98 -8.83 34.08 16.72
CA ASP G 98 -8.39 33.23 17.83
C ASP G 98 -9.52 32.83 18.78
N VAL G 99 -10.78 33.01 18.40
CA VAL G 99 -11.91 32.52 19.19
C VAL G 99 -12.80 31.77 18.21
N VAL G 100 -12.70 30.44 18.20
CA VAL G 100 -13.31 29.66 17.12
C VAL G 100 -14.00 28.40 17.68
N PHE G 101 -14.88 27.87 16.85
CA PHE G 101 -15.53 26.57 17.06
C PHE G 101 -15.52 25.88 15.70
N CYS G 102 -15.18 24.60 15.67
CA CYS G 102 -15.12 23.84 14.43
C CYS G 102 -16.04 22.64 14.52
N THR G 103 -17.03 22.58 13.62
CA THR G 103 -17.98 21.47 13.63
C THR G 103 -17.33 20.17 13.18
N LYS G 104 -16.25 20.22 12.41
CA LYS G 104 -15.65 18.96 12.00
C LYS G 104 -14.86 18.34 13.14
N ILE G 105 -14.07 19.15 13.85
CA ILE G 105 -13.44 18.67 15.09
C ILE G 105 -14.50 18.22 16.08
N ALA G 106 -15.58 19.01 16.24
CA ALA G 106 -16.63 18.62 17.18
C ALA G 106 -17.25 17.30 16.77
N SER G 107 -17.48 17.09 15.48
CA SER G 107 -18.02 15.82 15.00
C SER G 107 -17.07 14.67 15.33
N LYS G 108 -15.77 14.87 15.07
CA LYS G 108 -14.82 13.81 15.38
C LYS G 108 -14.76 13.51 16.87
N LEU G 109 -15.08 14.48 17.72
CA LEU G 109 -15.12 14.23 19.16
C LEU G 109 -16.45 13.68 19.67
N THR G 110 -17.47 13.62 18.86
CA THR G 110 -18.77 13.22 19.38
C THR G 110 -19.45 12.14 18.54
N ARG G 111 -19.36 12.24 17.22
CA ARG G 111 -19.99 11.28 16.33
C ARG G 111 -19.03 10.10 16.17
N THR G 112 -18.84 9.40 17.28
CA THR G 112 -17.89 8.29 17.36
C THR G 112 -18.42 7.03 16.69
N TYR G 113 -19.67 7.06 16.24
CA TYR G 113 -20.33 5.92 15.64
C TYR G 113 -20.27 5.93 14.12
N THR G 114 -19.39 6.76 13.55
CA THR G 114 -19.25 6.86 12.10
C THR G 114 -17.83 7.34 11.83
N ASP G 115 -17.39 7.18 10.58
CA ASP G 115 -16.17 7.82 10.13
C ASP G 115 -16.44 8.87 9.06
N ARG G 116 -17.70 9.29 8.89
CA ARG G 116 -18.06 10.29 7.90
C ARG G 116 -18.34 11.60 8.64
N HIS G 117 -17.42 12.55 8.54
CA HIS G 117 -17.49 13.81 9.28
C HIS G 117 -17.62 15.02 8.35
N GLY G 118 -18.01 14.80 7.09
CA GLY G 118 -18.19 15.92 6.19
C GLY G 118 -19.42 16.73 6.54
N LEU G 119 -19.42 17.99 6.10
CA LEU G 119 -20.56 18.85 6.42
C LEU G 119 -21.84 18.30 5.82
N LYS G 120 -21.78 17.79 4.59
CA LYS G 120 -22.98 17.21 4.00
C LYS G 120 -23.52 16.09 4.88
N GLU G 121 -22.64 15.17 5.29
CA GLU G 121 -23.07 14.05 6.12
C GLU G 121 -23.66 14.54 7.43
N ILE G 122 -22.99 15.49 8.07
CA ILE G 122 -23.43 15.99 9.37
C ILE G 122 -24.78 16.70 9.25
N CYS G 123 -24.94 17.52 8.21
CA CYS G 123 -26.21 18.20 8.03
C CYS G 123 -27.34 17.20 7.82
N GLY G 124 -27.09 16.16 7.03
CA GLY G 124 -28.12 15.16 6.80
C GLY G 124 -28.54 14.46 8.08
N GLU G 125 -27.57 14.05 8.88
CA GLU G 125 -27.88 13.28 10.07
C GLU G 125 -28.49 14.15 11.17
N LEU G 126 -27.89 15.30 11.45
CA LEU G 126 -28.32 16.09 12.61
C LEU G 126 -29.53 16.95 12.31
N LEU G 127 -29.68 17.43 11.06
CA LEU G 127 -30.70 18.41 10.73
C LEU G 127 -31.68 17.96 9.66
N ASN G 128 -31.43 16.82 9.02
CA ASN G 128 -32.23 16.40 7.86
C ASN G 128 -32.18 17.49 6.79
N VAL G 129 -31.02 18.12 6.62
CA VAL G 129 -30.81 19.17 5.64
C VAL G 129 -29.87 18.63 4.57
N ASN G 130 -30.26 18.79 3.31
CA ASN G 130 -29.49 18.27 2.17
C ASN G 130 -28.55 19.35 1.64
N ILE G 131 -27.26 19.08 1.70
CA ILE G 131 -26.21 19.93 1.11
C ILE G 131 -25.84 19.33 -0.24
N SER G 132 -25.93 20.12 -1.30
CA SER G 132 -25.46 19.71 -2.62
C SER G 132 -24.06 20.23 -2.83
N LYS G 133 -23.13 19.35 -3.21
CA LYS G 133 -21.73 19.73 -3.36
C LYS G 133 -21.33 19.90 -4.82
N GLN G 134 -22.31 20.02 -5.72
CA GLN G 134 -22.05 20.14 -7.15
C GLN G 134 -21.14 21.33 -7.46
N GLN G 135 -21.28 22.44 -6.75
CA GLN G 135 -20.48 23.62 -7.07
C GLN G 135 -19.18 23.70 -6.28
N GLN G 136 -18.86 22.71 -5.44
CA GLN G 136 -17.65 22.77 -4.64
C GLN G 136 -16.42 22.98 -5.52
N SER G 137 -16.30 22.20 -6.58
CA SER G 137 -15.24 22.38 -7.57
C SER G 137 -15.81 23.18 -8.73
N SER G 138 -15.64 24.51 -8.68
CA SER G 138 -16.10 25.39 -9.74
C SER G 138 -15.17 26.59 -9.74
N ASP G 139 -15.33 27.46 -10.74
CA ASP G 139 -14.48 28.64 -10.86
C ASP G 139 -14.98 29.69 -9.90
N TRP G 140 -14.51 29.63 -8.64
CA TRP G 140 -14.91 30.60 -7.64
C TRP G 140 -14.34 31.99 -7.90
N ALA G 141 -13.43 32.14 -8.86
CA ALA G 141 -12.86 33.43 -9.19
C ALA G 141 -13.64 34.15 -10.29
N ALA G 142 -14.75 33.60 -10.74
CA ALA G 142 -15.51 34.20 -11.82
C ALA G 142 -16.01 35.58 -11.41
N GLU G 143 -16.09 36.47 -12.39
CA GLU G 143 -16.52 37.83 -12.07
C GLU G 143 -17.92 37.84 -11.48
N THR G 144 -18.83 37.05 -12.05
CA THR G 144 -20.17 36.88 -11.50
C THR G 144 -20.38 35.43 -11.11
N LEU G 145 -20.67 35.19 -9.84
CA LEU G 145 -20.96 33.84 -9.39
C LEU G 145 -22.33 33.42 -9.90
N SER G 146 -22.47 32.14 -10.29
CA SER G 146 -23.78 31.66 -10.69
C SER G 146 -24.69 31.59 -9.47
N ARG G 147 -25.99 31.46 -9.73
CA ARG G 147 -26.93 31.26 -8.62
C ARG G 147 -26.59 29.98 -7.86
N ALA G 148 -26.22 28.92 -8.57
CA ALA G 148 -25.87 27.67 -7.89
C ALA G 148 -24.63 27.84 -7.01
N GLN G 149 -23.64 28.60 -7.48
CA GLN G 149 -22.47 28.87 -6.65
C GLN G 149 -22.86 29.64 -5.39
N ILE G 150 -23.66 30.68 -5.56
CA ILE G 150 -24.07 31.50 -4.43
C ILE G 150 -24.84 30.67 -3.42
N GLU G 151 -25.73 29.80 -3.89
CA GLU G 151 -26.51 28.99 -2.97
CA GLU G 151 -26.52 28.96 -3.00
C GLU G 151 -25.63 27.96 -2.26
N TYR G 152 -24.65 27.38 -2.96
CA TYR G 152 -23.73 26.46 -2.27
C TYR G 152 -22.93 27.21 -1.22
N ALA G 153 -22.39 28.37 -1.59
CA ALA G 153 -21.60 29.16 -0.65
C ALA G 153 -22.40 29.50 0.60
N ALA G 154 -23.66 29.92 0.41
CA ALA G 154 -24.51 30.25 1.55
C ALA G 154 -24.83 29.01 2.38
N SER G 155 -25.09 27.88 1.71
CA SER G 155 -25.45 26.66 2.42
C SER G 155 -24.38 26.24 3.41
N ASP G 156 -23.13 26.60 3.15
CA ASP G 156 -22.04 26.22 4.03
C ASP G 156 -22.05 26.97 5.36
N VAL G 157 -22.76 28.10 5.45
CA VAL G 157 -22.84 28.85 6.70
C VAL G 157 -24.24 28.87 7.29
N LEU G 158 -25.28 28.52 6.55
CA LEU G 158 -26.65 28.68 7.03
C LEU G 158 -26.97 27.78 8.22
N TYR G 159 -26.21 26.71 8.45
CA TYR G 159 -26.57 25.73 9.45
C TYR G 159 -25.56 25.58 10.58
N LEU G 160 -24.48 26.37 10.57
CA LEU G 160 -23.40 26.09 11.50
C LEU G 160 -23.82 26.39 12.95
N HIS G 161 -24.66 27.42 13.16
CA HIS G 161 -25.15 27.68 14.51
C HIS G 161 -25.95 26.49 15.05
N ARG G 162 -26.88 25.96 14.25
CA ARG G 162 -27.68 24.82 14.70
C ARG G 162 -26.79 23.61 14.98
N LEU G 163 -25.77 23.38 14.15
CA LEU G 163 -24.85 22.28 14.41
C LEU G 163 -24.08 22.49 15.70
N LYS G 164 -23.55 23.70 15.90
CA LYS G 164 -22.82 24.00 17.12
C LYS G 164 -23.66 23.73 18.36
N ASP G 165 -24.95 24.09 18.32
CA ASP G 165 -25.82 23.86 19.45
CA ASP G 165 -25.82 23.86 19.45
C ASP G 165 -25.91 22.37 19.77
N ILE G 166 -26.15 21.55 18.75
CA ILE G 166 -26.23 20.10 18.97
C ILE G 166 -24.89 19.55 19.45
N PHE G 167 -23.79 19.93 18.78
CA PHE G 167 -22.47 19.44 19.18
C PHE G 167 -22.12 19.85 20.60
N GLU G 168 -22.53 21.06 21.00
CA GLU G 168 -22.31 21.46 22.39
C GLU G 168 -23.08 20.58 23.35
N GLU G 169 -24.30 20.19 22.98
CA GLU G 169 -25.04 19.22 23.78
C GLU G 169 -24.28 17.91 23.89
N ARG G 170 -23.75 17.40 22.76
CA ARG G 170 -23.07 16.11 22.78
C ARG G 170 -21.77 16.19 23.58
N LEU G 171 -21.03 17.29 23.43
CA LEU G 171 -19.79 17.44 24.20
C LEU G 171 -20.07 17.48 25.70
N LYS G 172 -21.15 18.14 26.10
CA LYS G 172 -21.54 18.11 27.50
C LYS G 172 -21.91 16.70 27.94
N ARG G 173 -22.71 16.02 27.14
CA ARG G 173 -23.21 14.70 27.51
C ARG G 173 -22.08 13.70 27.72
N GLU G 174 -21.13 13.68 26.80
CA GLU G 174 -19.99 12.79 26.88
C GLU G 174 -18.82 13.39 27.65
N GLU G 175 -19.00 14.57 28.24
CA GLU G 175 -18.01 15.20 29.14
C GLU G 175 -16.68 15.43 28.44
N ARG G 176 -16.74 16.10 27.29
CA ARG G 176 -15.55 16.38 26.50
C ARG G 176 -15.40 17.86 26.21
N GLU G 177 -16.05 18.72 27.01
CA GLU G 177 -16.03 20.15 26.71
C GLU G 177 -14.62 20.71 26.78
N SER G 178 -13.85 20.29 27.78
CA SER G 178 -12.50 20.85 27.92
C SER G 178 -11.59 20.30 26.84
N VAL G 179 -11.84 19.07 26.39
CA VAL G 179 -11.10 18.52 25.25
C VAL G 179 -11.35 19.36 24.00
N ALA G 180 -12.62 19.64 23.72
CA ALA G 180 -12.95 20.43 22.55
C ALA G 180 -12.34 21.81 22.63
N LYS G 181 -12.44 22.45 23.81
CA LYS G 181 -11.91 23.80 23.98
C LYS G 181 -10.41 23.85 23.65
N ALA G 182 -9.66 22.86 24.13
CA ALA G 182 -8.23 22.82 23.85
C ALA G 182 -7.96 22.66 22.36
N CYS G 183 -8.73 21.81 21.68
CA CYS G 183 -8.58 21.67 20.24
C CYS G 183 -8.85 22.98 19.51
N PHE G 184 -9.94 23.67 19.87
CA PHE G 184 -10.27 24.94 19.23
C PHE G 184 -9.20 25.98 19.50
N GLN G 185 -8.64 25.97 20.72
CA GLN G 185 -7.59 26.92 21.07
C GLN G 185 -6.35 26.72 20.22
N PHE G 186 -6.02 25.47 19.89
CA PHE G 186 -4.86 25.20 19.06
C PHE G 186 -5.11 25.41 17.57
N LEU G 187 -6.37 25.29 17.12
CA LEU G 187 -6.68 25.33 15.69
C LEU G 187 -6.06 26.50 14.94
N PRO G 188 -6.09 27.74 15.45
CA PRO G 188 -5.44 28.84 14.71
C PRO G 188 -3.96 28.60 14.46
N MET G 189 -3.25 28.03 15.44
CA MET G 189 -1.85 27.73 15.23
C MET G 189 -1.66 26.53 14.33
N ARG G 190 -2.59 25.57 14.36
CA ARG G 190 -2.57 24.51 13.34
C ARG G 190 -2.69 25.09 11.93
N ALA G 191 -3.54 26.11 11.74
CA ALA G 191 -3.64 26.76 10.45
C ALA G 191 -2.36 27.53 10.14
N ASN G 192 -1.78 28.16 11.15
CA ASN G 192 -0.51 28.85 10.95
CA ASN G 192 -0.52 28.86 10.93
C ASN G 192 0.58 27.88 10.54
N LEU G 193 0.65 26.72 11.20
CA LEU G 193 1.63 25.70 10.81
C LEU G 193 1.48 25.31 9.34
N ASP G 194 0.23 25.21 8.86
CA ASP G 194 0.01 24.93 7.44
C ASP G 194 0.63 26.02 6.56
N LEU G 195 0.35 27.29 6.87
CA LEU G 195 0.89 28.40 6.06
C LEU G 195 2.42 28.42 6.09
N LEU G 196 3.02 28.05 7.21
CA LEU G 196 4.48 28.10 7.38
C LEU G 196 5.20 26.96 6.68
N GLY G 197 4.49 25.90 6.30
CA GLY G 197 5.11 24.83 5.56
C GLY G 197 4.93 23.46 6.18
N TRP G 198 4.06 23.32 7.17
CA TRP G 198 3.84 22.00 7.79
C TRP G 198 2.46 21.46 7.45
N SER G 199 1.91 21.83 6.30
CA SER G 199 0.53 21.45 5.98
C SER G 199 0.39 19.93 5.84
N GLU G 200 1.47 19.23 5.49
CA GLU G 200 1.43 17.78 5.32
C GLU G 200 1.93 17.01 6.54
N ILE G 201 2.20 17.68 7.65
CA ILE G 201 2.84 17.07 8.80
C ILE G 201 1.88 17.12 9.99
N ASP G 202 1.57 15.96 10.56
CA ASP G 202 0.96 15.91 11.88
C ASP G 202 2.05 16.19 12.89
N ILE G 203 2.06 17.41 13.45
CA ILE G 203 3.17 17.83 14.30
C ILE G 203 3.25 16.99 15.59
N PHE G 204 2.18 16.32 16.00
CA PHE G 204 2.17 15.53 17.22
C PHE G 204 2.51 14.06 17.01
N ALA G 205 2.68 13.63 15.76
CA ALA G 205 2.88 12.22 15.49
C ALA G 205 4.28 11.79 15.89
N HIS G 206 4.43 10.50 16.22
CA HIS G 206 5.75 9.97 16.54
C HIS G 206 6.63 9.93 15.30
N SER G 207 6.07 9.63 14.15
CA SER G 207 6.87 9.73 12.93
C SER G 207 6.02 10.12 11.73
N GLU I 4 39.41 -20.70 -16.41
CA GLU I 4 39.72 -20.13 -17.71
C GLU I 4 38.49 -19.46 -18.31
N ILE I 5 38.63 -18.19 -18.67
CA ILE I 5 37.56 -17.44 -19.29
C ILE I 5 38.06 -16.94 -20.64
N ARG I 6 37.39 -17.38 -21.70
CA ARG I 6 37.74 -16.96 -23.06
C ARG I 6 36.82 -15.82 -23.46
N VAL I 7 37.41 -14.71 -23.87
CA VAL I 7 36.66 -13.52 -24.27
C VAL I 7 36.73 -13.39 -25.78
N HIS I 8 35.59 -13.17 -26.41
CA HIS I 8 35.50 -13.10 -27.86
C HIS I 8 34.80 -11.82 -28.26
N GLN I 9 35.07 -11.37 -29.49
CA GLN I 9 34.34 -10.26 -30.09
C GLN I 9 33.36 -10.82 -31.11
N GLY I 10 32.08 -10.60 -30.88
CA GLY I 10 31.07 -10.90 -31.90
C GLY I 10 30.45 -12.29 -31.87
N ASP I 11 31.28 -13.33 -31.85
CA ASP I 11 30.79 -14.70 -31.95
C ASP I 11 31.88 -15.61 -31.42
N LEU I 12 31.48 -16.83 -31.05
CA LEU I 12 32.46 -17.89 -30.87
C LEU I 12 33.27 -18.06 -32.15
N PRO I 13 34.56 -18.38 -32.05
CA PRO I 13 35.32 -18.65 -33.28
C PRO I 13 34.90 -19.94 -33.94
N ASN I 14 34.48 -20.94 -33.16
CA ASN I 14 33.99 -22.21 -33.67
C ASN I 14 33.22 -22.89 -32.55
N LEU I 15 32.71 -24.08 -32.83
CA LEU I 15 31.92 -24.81 -31.86
C LEU I 15 32.67 -26.00 -31.26
N ASP I 16 34.01 -26.00 -31.35
CA ASP I 16 34.77 -27.17 -30.90
C ASP I 16 34.49 -27.51 -29.44
N ASN I 17 34.26 -26.50 -28.61
CA ASN I 17 34.01 -26.71 -27.19
C ASN I 17 32.55 -26.98 -26.87
N TYR I 18 31.68 -27.08 -27.88
CA TYR I 18 30.26 -27.17 -27.63
C TYR I 18 29.60 -28.29 -28.41
N ARG I 19 30.31 -29.40 -28.59
CA ARG I 19 29.72 -30.65 -29.09
C ARG I 19 29.21 -31.45 -27.90
N ILE I 20 28.13 -30.94 -27.30
CA ILE I 20 27.66 -31.39 -26.00
C ILE I 20 26.13 -31.40 -26.00
N ASP I 21 25.57 -32.03 -24.96
CA ASP I 21 24.13 -32.23 -24.83
C ASP I 21 23.41 -31.02 -24.26
N ALA I 22 24.11 -30.18 -23.51
CA ALA I 22 23.48 -29.05 -22.87
C ALA I 22 24.52 -27.95 -22.70
N VAL I 23 24.10 -26.70 -22.93
CA VAL I 23 24.99 -25.56 -22.83
C VAL I 23 24.37 -24.56 -21.86
N ALA I 24 25.21 -24.01 -20.97
CA ALA I 24 24.77 -22.97 -20.06
C ALA I 24 24.88 -21.62 -20.77
N VAL I 25 23.85 -20.77 -20.62
CA VAL I 25 23.75 -19.52 -21.34
C VAL I 25 23.32 -18.41 -20.38
N ASP I 26 23.93 -17.23 -20.50
CA ASP I 26 23.45 -16.04 -19.82
C ASP I 26 23.76 -14.83 -20.70
N THR I 27 23.15 -13.68 -20.37
CA THR I 27 23.33 -12.48 -21.16
C THR I 27 23.55 -11.30 -20.23
N GLU I 28 24.25 -10.29 -20.73
CA GLU I 28 24.30 -8.99 -20.08
C GLU I 28 23.88 -7.93 -21.09
N THR I 29 23.31 -6.83 -20.60
CA THR I 29 22.64 -5.85 -21.45
C THR I 29 22.84 -4.47 -20.84
N LEU I 30 22.29 -3.46 -21.51
CA LEU I 30 22.24 -2.13 -20.92
C LEU I 30 21.04 -1.92 -20.01
N GLY I 31 20.23 -2.95 -19.77
CA GLY I 31 19.11 -2.80 -18.86
C GLY I 31 18.07 -3.88 -19.07
N LEU I 32 16.93 -3.70 -18.41
CA LEU I 32 15.91 -4.75 -18.34
C LEU I 32 14.88 -4.68 -19.45
N GLN I 33 14.96 -3.69 -20.35
CA GLN I 33 13.93 -3.48 -21.36
C GLN I 33 14.49 -3.81 -22.74
N PRO I 34 14.21 -5.00 -23.27
CA PRO I 34 14.90 -5.43 -24.49
C PRO I 34 14.71 -4.51 -25.69
N HIS I 35 13.58 -3.79 -25.80
CA HIS I 35 13.43 -2.91 -26.94
C HIS I 35 14.30 -1.67 -26.83
N ARG I 36 14.69 -1.28 -25.62
CA ARG I 36 15.53 -0.11 -25.40
C ARG I 36 16.99 -0.47 -25.13
N ASP I 37 17.22 -1.55 -24.40
CA ASP I 37 18.50 -1.86 -23.79
C ASP I 37 19.14 -3.01 -24.56
N ARG I 38 20.22 -2.70 -25.28
CA ARG I 38 20.75 -3.66 -26.25
C ARG I 38 21.46 -4.83 -25.56
N LEU I 39 21.49 -5.96 -26.26
CA LEU I 39 22.34 -7.06 -25.86
C LEU I 39 23.81 -6.65 -25.93
N CYS I 40 24.53 -6.83 -24.82
CA CYS I 40 25.94 -6.44 -24.75
C CYS I 40 26.90 -7.61 -24.69
N VAL I 41 26.53 -8.67 -23.97
CA VAL I 41 27.40 -9.81 -23.74
C VAL I 41 26.53 -11.07 -23.78
N VAL I 42 27.07 -12.14 -24.36
CA VAL I 42 26.50 -13.47 -24.21
C VAL I 42 27.55 -14.37 -23.60
N GLN I 43 27.17 -15.12 -22.56
CA GLN I 43 28.08 -16.01 -21.86
C GLN I 43 27.66 -17.46 -22.06
N LEU I 44 28.64 -18.33 -22.32
CA LEU I 44 28.40 -19.75 -22.49
C LEU I 44 29.36 -20.54 -21.63
N SER I 45 28.93 -21.73 -21.23
CA SER I 45 29.83 -22.70 -20.63
C SER I 45 29.35 -24.10 -20.98
N SER I 46 30.32 -25.00 -21.20
CA SER I 46 30.01 -26.39 -21.45
C SER I 46 29.82 -27.19 -20.17
N GLY I 47 30.09 -26.60 -19.01
CA GLY I 47 30.08 -27.33 -17.76
C GLY I 47 31.42 -27.82 -17.30
N ASP I 48 32.49 -27.61 -18.08
CA ASP I 48 33.81 -28.10 -17.73
C ASP I 48 34.61 -27.12 -16.86
N GLY I 49 33.95 -26.14 -16.27
CA GLY I 49 34.67 -25.16 -15.45
C GLY I 49 35.28 -24.00 -16.20
N THR I 50 35.09 -23.93 -17.53
CA THR I 50 35.53 -22.79 -18.31
C THR I 50 34.31 -22.08 -18.88
N ALA I 51 34.53 -20.85 -19.34
CA ALA I 51 33.43 -20.08 -19.90
C ALA I 51 33.91 -19.26 -21.09
N ASP I 52 32.97 -18.98 -21.99
CA ASP I 52 33.17 -18.11 -23.14
C ASP I 52 32.33 -16.86 -22.94
N VAL I 53 32.95 -15.69 -23.07
CA VAL I 53 32.28 -14.41 -22.86
C VAL I 53 32.36 -13.63 -24.17
N ILE I 54 31.21 -13.42 -24.81
CA ILE I 54 31.15 -12.87 -26.16
C ILE I 54 30.60 -11.46 -26.08
N GLN I 55 31.43 -10.49 -26.44
CA GLN I 55 30.94 -9.12 -26.51
C GLN I 55 30.16 -8.93 -27.79
N ILE I 56 28.95 -8.41 -27.67
CA ILE I 56 28.06 -8.14 -28.79
C ILE I 56 28.10 -6.66 -29.07
N ALA I 57 28.37 -6.30 -30.32
CA ALA I 57 28.49 -4.91 -30.70
C ALA I 57 27.11 -4.27 -30.86
N LYS I 58 27.07 -2.95 -30.70
CA LYS I 58 25.85 -2.22 -30.99
C LYS I 58 25.46 -2.44 -32.44
N GLY I 59 24.19 -2.76 -32.68
CA GLY I 59 23.72 -2.98 -34.02
C GLY I 59 24.12 -4.31 -34.65
N GLN I 60 24.74 -5.21 -33.88
CA GLN I 60 25.16 -6.49 -34.44
C GLN I 60 23.95 -7.36 -34.72
N LYS I 61 23.88 -7.92 -35.92
CA LYS I 61 22.73 -8.72 -36.31
C LYS I 61 23.03 -10.21 -36.40
N SER I 62 24.30 -10.59 -36.39
CA SER I 62 24.69 -11.95 -36.71
C SER I 62 25.67 -12.46 -35.66
N ALA I 63 25.45 -13.71 -35.23
CA ALA I 63 26.41 -14.40 -34.37
C ALA I 63 26.29 -15.86 -34.73
N PRO I 64 26.84 -16.26 -35.88
CA PRO I 64 26.45 -17.54 -36.49
C PRO I 64 26.66 -18.74 -35.61
N ASN I 65 27.82 -18.86 -34.94
CA ASN I 65 28.08 -20.05 -34.14
C ASN I 65 27.21 -20.07 -32.90
N LEU I 66 27.13 -18.93 -32.20
CA LEU I 66 26.23 -18.84 -31.06
C LEU I 66 24.80 -19.23 -31.46
N VAL I 67 24.34 -18.70 -32.59
CA VAL I 67 22.94 -18.88 -32.95
C VAL I 67 22.68 -20.31 -33.41
N ARG I 68 23.69 -20.96 -33.99
CA ARG I 68 23.58 -22.40 -34.26
C ARG I 68 23.27 -23.18 -32.99
N LEU I 69 23.99 -22.90 -31.90
CA LEU I 69 23.69 -23.53 -30.62
C LEU I 69 22.26 -23.25 -30.19
N LEU I 70 21.84 -21.99 -30.28
CA LEU I 70 20.53 -21.62 -29.78
C LEU I 70 19.42 -22.34 -30.53
N SER I 71 19.59 -22.62 -31.81
CA SER I 71 18.52 -23.26 -32.56
C SER I 71 18.73 -24.77 -32.71
N ASP I 72 19.77 -25.33 -32.10
CA ASP I 72 20.05 -26.76 -32.21
C ASP I 72 19.15 -27.50 -31.23
N ARG I 73 18.12 -28.20 -31.74
CA ARG I 73 17.16 -28.87 -30.87
C ARG I 73 17.76 -30.05 -30.12
N ASP I 74 18.97 -30.49 -30.45
CA ASP I 74 19.60 -31.57 -29.70
C ASP I 74 20.41 -31.07 -28.51
N ILE I 75 20.47 -29.75 -28.29
CA ILE I 75 21.24 -29.18 -27.21
C ILE I 75 20.30 -28.41 -26.31
N THR I 76 20.21 -28.80 -25.04
CA THR I 76 19.39 -28.07 -24.09
C THR I 76 20.13 -26.80 -23.69
N LYS I 77 19.47 -25.66 -23.77
CA LYS I 77 20.04 -24.41 -23.31
C LYS I 77 19.63 -24.21 -21.86
N ILE I 78 20.62 -24.15 -20.95
CA ILE I 78 20.38 -23.99 -19.51
C ILE I 78 20.51 -22.51 -19.16
N PHE I 79 19.51 -21.98 -18.48
CA PHE I 79 19.53 -20.59 -18.04
C PHE I 79 19.23 -20.54 -16.55
N HIS I 80 19.59 -19.42 -15.93
CA HIS I 80 18.93 -18.98 -14.71
C HIS I 80 18.05 -17.80 -15.05
N PHE I 81 16.75 -17.95 -14.81
CA PHE I 81 15.73 -16.99 -15.26
C PHE I 81 15.88 -16.73 -16.75
N GLY I 82 15.69 -17.80 -17.53
CA GLY I 82 15.78 -17.71 -18.96
C GLY I 82 14.72 -16.84 -19.60
N ARG I 83 13.61 -16.59 -18.89
CA ARG I 83 12.60 -15.69 -19.42
C ARG I 83 13.25 -14.41 -19.95
N PHE I 84 14.22 -13.87 -19.20
CA PHE I 84 14.89 -12.66 -19.64
C PHE I 84 15.82 -12.95 -20.81
N ASP I 85 16.73 -13.92 -20.65
CA ASP I 85 17.74 -14.17 -21.68
C ASP I 85 17.09 -14.55 -23.00
N LEU I 86 16.05 -15.38 -22.95
CA LEU I 86 15.38 -15.79 -24.17
C LEU I 86 14.80 -14.59 -24.92
N ALA I 87 14.22 -13.65 -24.18
CA ALA I 87 13.64 -12.48 -24.83
C ALA I 87 14.72 -11.68 -25.57
N ILE I 88 15.83 -11.36 -24.89
CA ILE I 88 16.79 -10.47 -25.52
C ILE I 88 17.54 -11.18 -26.65
N LEU I 89 17.82 -12.47 -26.48
CA LEU I 89 18.47 -13.23 -27.55
C LEU I 89 17.57 -13.31 -28.80
N ALA I 90 16.28 -13.65 -28.62
CA ALA I 90 15.40 -13.75 -29.78
C ALA I 90 15.17 -12.38 -30.41
N HIS I 91 15.04 -11.34 -29.60
CA HIS I 91 14.89 -9.99 -30.14
C HIS I 91 16.10 -9.57 -30.94
N THR I 92 17.30 -9.97 -30.50
CA THR I 92 18.52 -9.48 -31.13
C THR I 92 18.84 -10.26 -32.40
N PHE I 93 18.79 -11.59 -32.34
CA PHE I 93 19.23 -12.43 -33.45
C PHE I 93 18.09 -13.12 -34.18
N GLY I 94 16.85 -12.96 -33.74
CA GLY I 94 15.73 -13.49 -34.51
C GLY I 94 15.47 -14.96 -34.35
N VAL I 95 16.09 -15.62 -33.36
CA VAL I 95 15.91 -17.05 -33.14
C VAL I 95 15.56 -17.27 -31.68
N MET I 96 14.42 -17.90 -31.43
CA MET I 96 13.99 -18.23 -30.08
C MET I 96 14.33 -19.67 -29.79
N PRO I 97 15.21 -19.97 -28.82
CA PRO I 97 15.44 -21.36 -28.44
C PRO I 97 14.17 -22.06 -28.00
N ASP I 98 14.08 -23.35 -28.30
CA ASP I 98 12.88 -24.13 -28.01
C ASP I 98 13.16 -25.33 -27.12
N VAL I 99 14.40 -25.54 -26.68
CA VAL I 99 14.75 -26.61 -25.77
C VAL I 99 15.54 -25.99 -24.63
N VAL I 100 14.89 -25.84 -23.45
CA VAL I 100 15.48 -25.04 -22.38
C VAL I 100 15.25 -25.68 -21.02
N PHE I 101 16.11 -25.27 -20.07
CA PHE I 101 15.98 -25.59 -18.66
C PHE I 101 16.26 -24.29 -17.92
N CYS I 102 15.45 -23.98 -16.90
CA CYS I 102 15.59 -22.76 -16.12
C CYS I 102 15.76 -23.10 -14.64
N THR I 103 16.90 -22.70 -14.07
CA THR I 103 17.14 -23.00 -12.66
C THR I 103 16.26 -22.18 -11.75
N LYS I 104 15.72 -21.04 -12.22
CA LYS I 104 14.86 -20.29 -11.32
C LYS I 104 13.48 -20.93 -11.21
N ILE I 105 12.91 -21.33 -12.34
CA ILE I 105 11.68 -22.11 -12.31
C ILE I 105 11.89 -23.41 -11.54
N ALA I 106 13.01 -24.10 -11.78
CA ALA I 106 13.30 -25.33 -11.05
C ALA I 106 13.38 -25.08 -9.54
N SER I 107 14.07 -24.01 -9.13
CA SER I 107 14.12 -23.66 -7.71
C SER I 107 12.72 -23.43 -7.15
N LYS I 108 11.90 -22.67 -7.87
CA LYS I 108 10.55 -22.39 -7.40
C LYS I 108 9.71 -23.66 -7.28
N LEU I 109 10.03 -24.67 -8.07
CA LEU I 109 9.33 -25.95 -8.01
C LEU I 109 9.91 -26.93 -6.98
N THR I 110 11.09 -26.65 -6.42
CA THR I 110 11.74 -27.62 -5.53
C THR I 110 12.17 -27.03 -4.20
N ARG I 111 12.70 -25.80 -4.21
CA ARG I 111 13.15 -25.16 -2.98
C ARG I 111 11.96 -24.45 -2.36
N THR I 112 11.00 -25.27 -1.95
CA THR I 112 9.75 -24.81 -1.35
C THR I 112 9.93 -24.36 0.09
N TYR I 113 11.13 -24.57 0.65
CA TYR I 113 11.46 -24.21 2.02
C TYR I 113 12.07 -22.82 2.13
N THR I 114 11.99 -22.02 1.06
CA THR I 114 12.52 -20.67 1.05
C THR I 114 11.71 -19.85 0.06
N ASP I 115 11.83 -18.53 0.16
CA ASP I 115 11.31 -17.64 -0.86
C ASP I 115 12.43 -16.91 -1.61
N ARG I 116 13.67 -17.29 -1.40
CA ARG I 116 14.82 -16.68 -2.05
C ARG I 116 15.29 -17.61 -3.17
N HIS I 117 15.02 -17.20 -4.41
CA HIS I 117 15.29 -18.03 -5.58
C HIS I 117 16.29 -17.40 -6.53
N GLY I 118 17.04 -16.40 -6.06
CA GLY I 118 18.06 -15.81 -6.90
C GLY I 118 19.24 -16.75 -7.10
N LEU I 119 20.00 -16.50 -8.17
CA LEU I 119 21.12 -17.39 -8.49
C LEU I 119 22.16 -17.40 -7.37
N LYS I 120 22.44 -16.23 -6.79
CA LYS I 120 23.39 -16.15 -5.69
C LYS I 120 22.96 -17.03 -4.52
N GLU I 121 21.69 -16.90 -4.09
CA GLU I 121 21.23 -17.72 -2.97
C GLU I 121 21.26 -19.20 -3.33
N ILE I 122 20.93 -19.54 -4.57
CA ILE I 122 20.91 -20.96 -4.97
C ILE I 122 22.33 -21.53 -4.94
N CYS I 123 23.29 -20.81 -5.52
CA CYS I 123 24.66 -21.28 -5.53
C CYS I 123 25.21 -21.42 -4.11
N GLY I 124 24.86 -20.48 -3.23
CA GLY I 124 25.33 -20.57 -1.87
C GLY I 124 24.83 -21.80 -1.16
N GLU I 125 23.53 -22.09 -1.31
CA GLU I 125 22.96 -23.24 -0.60
C GLU I 125 23.35 -24.57 -1.25
N LEU I 126 23.25 -24.66 -2.57
CA LEU I 126 23.42 -25.96 -3.23
C LEU I 126 24.89 -26.31 -3.45
N LEU I 127 25.76 -25.31 -3.60
CA LEU I 127 27.14 -25.58 -3.97
C LEU I 127 28.16 -24.96 -3.03
N ASN I 128 27.73 -24.19 -2.03
CA ASN I 128 28.64 -23.36 -1.23
CA ASN I 128 28.64 -23.36 -1.23
C ASN I 128 29.57 -22.56 -2.14
N VAL I 129 29.00 -22.00 -3.20
CA VAL I 129 29.69 -21.13 -4.14
C VAL I 129 29.17 -19.72 -3.92
N ASN I 130 30.09 -18.76 -3.81
CA ASN I 130 29.75 -17.36 -3.53
C ASN I 130 29.74 -16.60 -4.86
N ILE I 131 28.57 -16.14 -5.27
CA ILE I 131 28.40 -15.26 -6.42
C ILE I 131 28.41 -13.83 -5.92
N SER I 132 29.28 -12.99 -6.49
CA SER I 132 29.33 -11.58 -6.14
C SER I 132 28.55 -10.77 -7.16
N LYS I 133 27.60 -9.96 -6.68
CA LYS I 133 26.70 -9.21 -7.54
C LYS I 133 27.18 -7.80 -7.84
N GLN I 134 28.42 -7.46 -7.47
CA GLN I 134 28.88 -6.07 -7.56
C GLN I 134 28.76 -5.53 -8.99
N GLN I 135 29.09 -6.33 -9.99
CA GLN I 135 29.14 -5.83 -11.35
C GLN I 135 27.80 -5.96 -12.08
N GLN I 136 26.76 -6.45 -11.40
CA GLN I 136 25.50 -6.69 -12.09
C GLN I 136 24.98 -5.42 -12.74
N SER I 137 25.03 -4.30 -12.01
CA SER I 137 24.72 -2.98 -12.55
C SER I 137 26.05 -2.30 -12.88
N SER I 138 26.48 -2.46 -14.13
CA SER I 138 27.70 -1.82 -14.62
C SER I 138 27.46 -1.54 -16.10
N ASP I 139 28.37 -0.80 -16.71
CA ASP I 139 28.23 -0.47 -18.13
C ASP I 139 28.71 -1.66 -18.94
N TRP I 140 27.78 -2.58 -19.23
CA TRP I 140 28.09 -3.75 -20.02
C TRP I 140 28.36 -3.43 -21.49
N ALA I 141 28.09 -2.21 -21.92
CA ALA I 141 28.38 -1.81 -23.29
C ALA I 141 29.82 -1.32 -23.47
N ALA I 142 30.60 -1.28 -22.40
CA ALA I 142 31.97 -0.81 -22.49
C ALA I 142 32.74 -1.60 -23.54
N GLU I 143 33.59 -0.88 -24.29
CA GLU I 143 34.41 -1.54 -25.30
C GLU I 143 35.29 -2.61 -24.68
N THR I 144 35.89 -2.31 -23.52
CA THR I 144 36.71 -3.25 -22.80
C THR I 144 36.04 -3.51 -21.46
N LEU I 145 35.63 -4.76 -21.24
CA LEU I 145 35.10 -5.16 -19.95
C LEU I 145 36.23 -5.29 -18.94
N SER I 146 35.94 -4.90 -17.70
CA SER I 146 36.89 -5.10 -16.62
C SER I 146 36.97 -6.59 -16.26
N ARG I 147 38.06 -6.97 -15.59
CA ARG I 147 38.16 -8.33 -15.10
C ARG I 147 36.99 -8.67 -14.18
N ALA I 148 36.59 -7.73 -13.31
CA ALA I 148 35.43 -7.97 -12.46
C ALA I 148 34.18 -8.25 -13.28
N GLN I 149 33.95 -7.47 -14.34
CA GLN I 149 32.79 -7.72 -15.20
C GLN I 149 32.88 -9.09 -15.85
N ILE I 150 34.06 -9.45 -16.36
CA ILE I 150 34.23 -10.74 -17.03
C ILE I 150 33.97 -11.88 -16.04
N GLU I 151 34.46 -11.74 -14.82
CA GLU I 151 34.28 -12.81 -13.84
C GLU I 151 32.82 -12.95 -13.43
N TYR I 152 32.13 -11.82 -13.24
CA TYR I 152 30.70 -11.88 -12.93
C TYR I 152 29.94 -12.57 -14.05
N ALA I 153 30.22 -12.17 -15.29
CA ALA I 153 29.51 -12.75 -16.42
C ALA I 153 29.77 -14.25 -16.52
N ALA I 154 31.04 -14.67 -16.37
CA ALA I 154 31.36 -16.09 -16.41
C ALA I 154 30.73 -16.84 -15.24
N SER I 155 30.70 -16.21 -14.05
CA SER I 155 30.15 -16.90 -12.88
C SER I 155 28.70 -17.28 -13.07
N ASP I 156 27.97 -16.52 -13.89
CA ASP I 156 26.56 -16.79 -14.11
C ASP I 156 26.32 -18.06 -14.94
N VAL I 157 27.34 -18.57 -15.63
CA VAL I 157 27.16 -19.81 -16.39
C VAL I 157 28.02 -20.95 -15.89
N LEU I 158 29.05 -20.69 -15.08
CA LEU I 158 29.98 -21.73 -14.66
C LEU I 158 29.32 -22.84 -13.83
N TYR I 159 28.16 -22.59 -13.23
CA TYR I 159 27.56 -23.52 -12.28
C TYR I 159 26.22 -24.07 -12.71
N LEU I 160 25.70 -23.69 -13.87
CA LEU I 160 24.32 -24.06 -14.23
C LEU I 160 24.18 -25.56 -14.48
N HIS I 161 25.19 -26.21 -15.05
CA HIS I 161 25.10 -27.67 -15.24
C HIS I 161 24.97 -28.36 -13.88
N ARG I 162 25.82 -27.96 -12.92
CA ARG I 162 25.78 -28.57 -11.59
C ARG I 162 24.43 -28.31 -10.92
N LEU I 163 23.89 -27.11 -11.07
CA LEU I 163 22.59 -26.82 -10.48
C LEU I 163 21.50 -27.64 -11.16
N LYS I 164 21.55 -27.74 -12.50
CA LYS I 164 20.55 -28.51 -13.22
C LYS I 164 20.53 -29.96 -12.74
N ASP I 165 21.71 -30.55 -12.53
CA ASP I 165 21.76 -31.93 -12.03
C ASP I 165 21.09 -32.06 -10.67
N ILE I 166 21.36 -31.14 -9.76
CA ILE I 166 20.75 -31.20 -8.44
C ILE I 166 19.26 -30.96 -8.53
N PHE I 167 18.82 -29.98 -9.33
CA PHE I 167 17.39 -29.72 -9.47
C PHE I 167 16.67 -30.91 -10.10
N GLU I 168 17.33 -31.58 -11.06
CA GLU I 168 16.71 -32.78 -11.63
C GLU I 168 16.51 -33.85 -10.57
N GLU I 169 17.47 -34.00 -9.63
CA GLU I 169 17.29 -34.93 -8.53
C GLU I 169 16.09 -34.54 -7.66
N ARG I 170 15.93 -33.25 -7.39
CA ARG I 170 14.82 -32.80 -6.56
C ARG I 170 13.49 -32.95 -7.28
N LEU I 171 13.46 -32.64 -8.58
CA LEU I 171 12.23 -32.80 -9.34
C LEU I 171 11.80 -34.25 -9.36
N LYS I 172 12.76 -35.17 -9.52
CA LYS I 172 12.43 -36.59 -9.48
C LYS I 172 11.95 -37.02 -8.09
N ARG I 173 12.65 -36.58 -7.04
CA ARG I 173 12.30 -36.98 -5.67
C ARG I 173 10.87 -36.58 -5.34
N GLU I 174 10.49 -35.35 -5.68
CA GLU I 174 9.16 -34.86 -5.38
C GLU I 174 8.17 -35.09 -6.51
N GLU I 175 8.58 -35.83 -7.55
CA GLU I 175 7.69 -36.27 -8.63
C GLU I 175 7.04 -35.09 -9.34
N ARG I 176 7.86 -34.11 -9.72
CA ARG I 176 7.39 -32.90 -10.39
C ARG I 176 8.04 -32.72 -11.75
N GLU I 177 8.54 -33.82 -12.33
CA GLU I 177 9.29 -33.72 -13.59
C GLU I 177 8.40 -33.24 -14.73
N SER I 178 7.17 -33.75 -14.83
CA SER I 178 6.33 -33.34 -15.94
C SER I 178 5.83 -31.91 -15.75
N VAL I 179 5.67 -31.47 -14.51
CA VAL I 179 5.34 -30.07 -14.26
C VAL I 179 6.45 -29.17 -14.78
N ALA I 180 7.70 -29.49 -14.43
CA ALA I 180 8.82 -28.65 -14.86
C ALA I 180 8.96 -28.66 -16.37
N LYS I 181 8.82 -29.83 -16.99
CA LYS I 181 8.90 -29.92 -18.45
C LYS I 181 7.88 -28.99 -19.12
N ALA I 182 6.63 -28.99 -18.64
CA ALA I 182 5.64 -28.12 -19.24
C ALA I 182 5.98 -26.65 -19.03
N CYS I 183 6.51 -26.31 -17.85
CA CYS I 183 6.95 -24.92 -17.62
C CYS I 183 8.05 -24.53 -18.58
N PHE I 184 9.03 -25.43 -18.78
CA PHE I 184 10.11 -25.14 -19.71
C PHE I 184 9.60 -25.04 -21.14
N GLN I 185 8.60 -25.85 -21.49
CA GLN I 185 8.04 -25.78 -22.84
CA GLN I 185 8.03 -25.79 -22.84
C GLN I 185 7.38 -24.45 -23.11
N PHE I 186 6.69 -23.89 -22.12
CA PHE I 186 6.02 -22.62 -22.33
C PHE I 186 6.98 -21.43 -22.21
N LEU I 187 8.12 -21.61 -21.55
CA LEU I 187 8.98 -20.47 -21.25
C LEU I 187 9.36 -19.64 -22.47
N PRO I 188 9.77 -20.22 -23.60
CA PRO I 188 10.03 -19.37 -24.78
C PRO I 188 8.84 -18.53 -25.19
N MET I 189 7.63 -19.07 -25.07
CA MET I 189 6.45 -18.27 -25.40
C MET I 189 6.21 -17.19 -24.35
N ARG I 190 6.56 -17.47 -23.10
CA ARG I 190 6.47 -16.43 -22.07
C ARG I 190 7.44 -15.28 -22.37
N ALA I 191 8.65 -15.61 -22.86
CA ALA I 191 9.58 -14.56 -23.28
C ALA I 191 9.04 -13.81 -24.49
N ASN I 192 8.46 -14.55 -25.44
CA ASN I 192 7.84 -13.89 -26.59
C ASN I 192 6.71 -12.95 -26.16
N LEU I 193 5.86 -13.39 -25.24
CA LEU I 193 4.81 -12.50 -24.70
C LEU I 193 5.40 -11.22 -24.15
N ASP I 194 6.54 -11.31 -23.47
CA ASP I 194 7.22 -10.12 -22.98
C ASP I 194 7.60 -9.19 -24.12
N LEU I 195 8.18 -9.74 -25.20
CA LEU I 195 8.58 -8.90 -26.32
C LEU I 195 7.39 -8.25 -27.01
N LEU I 196 6.26 -8.96 -27.06
CA LEU I 196 5.08 -8.48 -27.77
C LEU I 196 4.32 -7.42 -27.00
N GLY I 197 4.60 -7.26 -25.71
CA GLY I 197 3.96 -6.20 -24.97
C GLY I 197 3.23 -6.64 -23.72
N TRP I 198 3.38 -7.90 -23.30
CA TRP I 198 2.70 -8.42 -22.12
C TRP I 198 3.66 -8.63 -20.94
N SER I 199 4.77 -7.88 -20.89
CA SER I 199 5.80 -8.18 -19.89
C SER I 199 5.29 -7.97 -18.47
N GLU I 200 4.31 -7.08 -18.27
CA GLU I 200 3.81 -6.81 -16.93
C GLU I 200 2.55 -7.62 -16.61
N ILE I 201 2.19 -8.59 -17.43
CA ILE I 201 0.93 -9.30 -17.28
C ILE I 201 1.22 -10.78 -17.02
N ASP I 202 0.65 -11.31 -15.93
CA ASP I 202 0.52 -12.76 -15.76
C ASP I 202 -0.66 -13.20 -16.60
N ILE I 203 -0.39 -13.78 -17.77
CA ILE I 203 -1.46 -14.09 -18.73
C ILE I 203 -2.44 -15.12 -18.17
N PHE I 204 -2.05 -15.88 -17.14
CA PHE I 204 -2.91 -16.91 -16.57
C PHE I 204 -3.71 -16.42 -15.37
N ALA I 205 -3.45 -15.21 -14.88
CA ALA I 205 -4.14 -14.71 -13.70
C ALA I 205 -5.61 -14.45 -13.98
N HIS I 206 -6.43 -14.53 -12.92
CA HIS I 206 -7.84 -14.14 -13.04
C HIS I 206 -7.98 -12.65 -13.31
N SER I 207 -7.19 -11.83 -12.63
CA SER I 207 -7.18 -10.40 -12.88
C SER I 207 -5.78 -9.85 -12.70
N THR K 3 -25.58 15.91 -36.56
CA THR K 3 -24.15 16.12 -36.24
C THR K 3 -23.29 15.54 -37.35
N GLU K 4 -22.69 16.42 -38.16
CA GLU K 4 -22.03 15.99 -39.40
C GLU K 4 -20.66 15.42 -39.07
N ILE K 5 -20.50 14.12 -39.32
CA ILE K 5 -19.23 13.43 -39.09
C ILE K 5 -18.88 12.73 -40.40
N ARG K 6 -17.76 13.14 -41.01
CA ARG K 6 -17.31 12.58 -42.27
C ARG K 6 -16.33 11.45 -42.00
N VAL K 7 -16.62 10.26 -42.50
CA VAL K 7 -15.77 9.10 -42.27
C VAL K 7 -14.96 8.82 -43.53
N HIS K 8 -13.65 8.67 -43.38
CA HIS K 8 -12.76 8.41 -44.51
C HIS K 8 -11.92 7.18 -44.25
N GLN K 9 -11.40 6.60 -45.34
CA GLN K 9 -10.48 5.47 -45.27
C GLN K 9 -9.07 5.98 -45.54
N GLY K 10 -8.16 5.71 -44.61
CA GLY K 10 -6.74 5.99 -44.86
C GLY K 10 -6.26 7.41 -44.63
N ASP K 11 -6.95 8.40 -45.21
CA ASP K 11 -6.48 9.78 -45.12
C ASP K 11 -7.68 10.68 -45.37
N LEU K 12 -7.50 11.96 -45.06
CA LEU K 12 -8.42 12.96 -45.59
C LEU K 12 -8.34 12.94 -47.11
N PRO K 13 -9.46 13.11 -47.80
CA PRO K 13 -9.38 13.21 -49.28
C PRO K 13 -8.66 14.46 -49.73
N ASN K 14 -8.69 15.53 -48.94
CA ASN K 14 -7.97 16.76 -49.25
C ASN K 14 -8.02 17.62 -48.00
N LEU K 15 -7.42 18.81 -48.07
CA LEU K 15 -7.31 19.70 -46.93
C LEU K 15 -8.26 20.89 -47.01
N ASP K 16 -9.33 20.80 -47.81
CA ASP K 16 -10.19 21.97 -48.03
C ASP K 16 -10.85 22.45 -46.75
N ASN K 17 -11.11 21.56 -45.80
CA ASN K 17 -11.73 21.98 -44.55
C ASN K 17 -10.71 22.35 -43.47
N TYR K 18 -9.42 22.40 -43.81
CA TYR K 18 -8.37 22.57 -42.81
C TYR K 18 -7.39 23.65 -43.22
N ARG K 19 -7.87 24.69 -43.89
CA ARG K 19 -7.08 25.89 -44.12
C ARG K 19 -7.31 26.85 -42.96
N ILE K 20 -6.80 26.46 -41.79
CA ILE K 20 -7.12 27.09 -40.52
C ILE K 20 -5.85 27.20 -39.68
N ASP K 21 -5.95 27.99 -38.60
CA ASP K 21 -4.82 28.24 -37.71
C ASP K 21 -4.64 27.18 -36.62
N ALA K 22 -5.67 26.39 -36.32
CA ALA K 22 -5.59 25.37 -35.29
C ALA K 22 -6.57 24.26 -35.63
N VAL K 23 -6.12 23.01 -35.43
CA VAL K 23 -6.92 21.82 -35.70
C VAL K 23 -7.00 20.98 -34.43
N ALA K 24 -8.20 20.49 -34.15
CA ALA K 24 -8.39 19.57 -33.04
C ALA K 24 -8.10 18.16 -33.52
N VAL K 25 -7.34 17.41 -32.73
CA VAL K 25 -6.82 16.09 -33.12
C VAL K 25 -7.04 15.12 -31.97
N ASP K 26 -7.45 13.89 -32.30
CA ASP K 26 -7.49 12.80 -31.33
C ASP K 26 -7.27 11.49 -32.10
N THR K 27 -6.95 10.43 -31.36
CA THR K 27 -6.71 9.11 -31.97
C THR K 27 -7.44 8.02 -31.22
N GLU K 28 -7.76 6.94 -31.93
CA GLU K 28 -8.20 5.71 -31.31
C GLU K 28 -7.29 4.58 -31.76
N THR K 29 -7.12 3.59 -30.89
CA THR K 29 -6.09 2.56 -31.05
C THR K 29 -6.65 1.24 -30.52
N LEU K 30 -5.87 0.18 -30.64
CA LEU K 30 -6.22 -1.09 -29.99
C LEU K 30 -5.75 -1.15 -28.54
N GLY K 31 -5.17 -0.08 -28.01
CA GLY K 31 -4.80 -0.03 -26.62
C GLY K 31 -3.78 1.04 -26.34
N LEU K 32 -3.27 1.02 -25.10
CA LEU K 32 -2.43 2.09 -24.57
C LEU K 32 -0.95 1.93 -24.89
N GLN K 33 -0.55 0.85 -25.57
CA GLN K 33 0.87 0.56 -25.76
C GLN K 33 1.22 0.73 -27.24
N PRO K 34 1.85 1.84 -27.64
CA PRO K 34 1.98 2.13 -29.08
C PRO K 34 2.82 1.13 -29.85
N HIS K 35 3.76 0.45 -29.20
CA HIS K 35 4.52 -0.57 -29.90
C HIS K 35 3.71 -1.85 -30.14
N ARG K 36 2.67 -2.10 -29.35
CA ARG K 36 1.82 -3.27 -29.53
C ARG K 36 0.50 -2.95 -30.22
N ASP K 37 -0.10 -1.81 -29.89
CA ASP K 37 -1.49 -1.51 -30.21
C ASP K 37 -1.54 -0.45 -31.31
N ARG K 38 -1.99 -0.86 -32.50
CA ARG K 38 -1.84 -0.02 -33.67
C ARG K 38 -2.82 1.16 -33.66
N LEU K 39 -2.40 2.23 -34.33
CA LEU K 39 -3.29 3.34 -34.61
C LEU K 39 -4.45 2.85 -35.48
N CYS K 40 -5.67 3.09 -35.03
CA CYS K 40 -6.87 2.65 -35.75
C CYS K 40 -7.69 3.80 -36.32
N VAL K 41 -7.79 4.90 -35.61
CA VAL K 41 -8.61 6.04 -36.02
C VAL K 41 -7.84 7.31 -35.73
N VAL K 42 -7.95 8.29 -36.62
CA VAL K 42 -7.53 9.65 -36.34
C VAL K 42 -8.73 10.55 -36.57
N GLN K 43 -9.03 11.39 -35.58
CA GLN K 43 -10.17 12.29 -35.65
C GLN K 43 -9.67 13.72 -35.74
N LEU K 44 -10.37 14.54 -36.53
CA LEU K 44 -10.00 15.92 -36.72
C LEU K 44 -11.24 16.81 -36.67
N SER K 45 -11.06 18.04 -36.20
CA SER K 45 -12.14 19.02 -36.30
C SER K 45 -11.53 20.40 -36.48
N SER K 46 -12.16 21.19 -37.35
CA SER K 46 -11.80 22.60 -37.50
C SER K 46 -12.44 23.47 -36.43
N GLY K 47 -13.24 22.91 -35.53
CA GLY K 47 -14.01 23.70 -34.60
C GLY K 47 -15.34 24.18 -35.11
N ASP K 48 -15.72 23.81 -36.33
CA ASP K 48 -16.97 24.30 -36.91
C ASP K 48 -18.15 23.44 -36.54
N GLY K 49 -18.01 22.58 -35.53
CA GLY K 49 -19.09 21.70 -35.14
C GLY K 49 -19.19 20.43 -35.95
N THR K 50 -18.29 20.21 -36.90
CA THR K 50 -18.21 18.99 -37.67
C THR K 50 -16.88 18.31 -37.39
N ALA K 51 -16.79 17.03 -37.76
CA ALA K 51 -15.57 16.26 -37.51
C ALA K 51 -15.29 15.34 -38.68
N ASP K 52 -14.01 15.02 -38.84
CA ASP K 52 -13.55 14.00 -39.76
C ASP K 52 -13.00 12.83 -38.95
N VAL K 53 -13.44 11.63 -39.28
CA VAL K 53 -13.01 10.41 -38.61
C VAL K 53 -12.33 9.55 -39.66
N ILE K 54 -11.03 9.31 -39.49
CA ILE K 54 -10.20 8.66 -40.50
C ILE K 54 -9.81 7.28 -39.98
N GLN K 55 -10.31 6.22 -40.63
CA GLN K 55 -9.91 4.88 -40.26
C GLN K 55 -8.53 4.57 -40.84
N ILE K 56 -7.61 4.16 -39.98
CA ILE K 56 -6.24 3.82 -40.36
C ILE K 56 -6.14 2.30 -40.47
N ALA K 57 -5.62 1.82 -41.60
CA ALA K 57 -5.54 0.37 -41.80
C ALA K 57 -4.33 -0.20 -41.06
N LYS K 58 -4.44 -1.48 -40.71
CA LYS K 58 -3.28 -2.22 -40.20
C LYS K 58 -2.14 -2.15 -41.21
N GLY K 59 -0.95 -1.81 -40.72
CA GLY K 59 0.21 -1.70 -41.59
C GLY K 59 0.29 -0.41 -42.40
N GLN K 60 -0.67 0.51 -42.25
CA GLN K 60 -0.63 1.75 -43.03
C GLN K 60 0.55 2.61 -42.60
N LYS K 61 1.38 3.01 -43.56
CA LYS K 61 2.61 3.71 -43.27
C LYS K 61 2.55 5.21 -43.56
N SER K 62 1.60 5.68 -44.36
CA SER K 62 1.53 7.11 -44.64
C SER K 62 0.08 7.57 -44.66
N ALA K 63 -0.08 8.88 -44.54
CA ALA K 63 -1.33 9.60 -44.64
C ALA K 63 -0.98 11.04 -45.00
N PRO K 64 -0.70 11.30 -46.27
CA PRO K 64 -0.08 12.58 -46.65
C PRO K 64 -0.84 13.82 -46.22
N ASN K 65 -2.16 13.85 -46.36
CA ASN K 65 -2.90 15.05 -46.01
C ASN K 65 -2.90 15.26 -44.49
N LEU K 66 -3.21 14.20 -43.74
CA LEU K 66 -3.11 14.29 -42.29
C LEU K 66 -1.72 14.75 -41.86
N VAL K 67 -0.67 14.13 -42.43
CA VAL K 67 0.68 14.40 -41.98
C VAL K 67 1.11 15.80 -42.37
N ARG K 68 0.59 16.33 -43.48
CA ARG K 68 0.81 17.74 -43.82
C ARG K 68 0.35 18.64 -42.68
N LEU K 69 -0.87 18.42 -42.18
CA LEU K 69 -1.37 19.18 -41.05
C LEU K 69 -0.49 19.00 -39.83
N LEU K 70 -0.09 17.76 -39.53
CA LEU K 70 0.71 17.51 -38.34
C LEU K 70 2.06 18.20 -38.42
N SER K 71 2.59 18.39 -39.63
CA SER K 71 3.91 18.98 -39.88
C SER K 71 3.88 20.49 -40.00
N ASP K 72 2.69 21.09 -40.15
CA ASP K 72 2.58 22.50 -40.53
C ASP K 72 2.82 23.37 -39.30
N ARG K 73 3.96 24.06 -39.28
CA ARG K 73 4.29 24.90 -38.12
C ARG K 73 3.31 26.05 -37.92
N ASP K 74 2.52 26.41 -38.94
CA ASP K 74 1.57 27.50 -38.77
C ASP K 74 0.21 27.05 -38.27
N ILE K 75 0.03 25.76 -37.99
CA ILE K 75 -1.25 25.24 -37.50
C ILE K 75 -1.00 24.62 -36.13
N THR K 76 -1.66 25.15 -35.10
CA THR K 76 -1.57 24.55 -33.78
C THR K 76 -2.42 23.29 -33.71
N LYS K 77 -1.82 22.20 -33.27
CA LYS K 77 -2.56 20.97 -33.06
C LYS K 77 -3.05 20.95 -31.62
N ILE K 78 -4.37 20.92 -31.44
CA ILE K 78 -5.00 20.91 -30.13
C ILE K 78 -5.36 19.48 -29.77
N PHE K 79 -4.90 19.02 -28.61
CA PHE K 79 -5.21 17.70 -28.09
C PHE K 79 -5.82 17.82 -26.71
N HIS K 80 -6.53 16.76 -26.28
CA HIS K 80 -6.71 16.48 -24.87
C HIS K 80 -5.80 15.30 -24.53
N PHE K 81 -4.88 15.51 -23.59
CA PHE K 81 -3.82 14.55 -23.28
C PHE K 81 -3.03 14.17 -24.54
N GLY K 82 -2.44 15.20 -25.16
CA GLY K 82 -1.67 14.98 -26.38
C GLY K 82 -0.49 14.06 -26.21
N ARG K 83 0.00 13.89 -24.98
CA ARG K 83 1.11 12.97 -24.74
C ARG K 83 0.87 11.63 -25.42
N PHE K 84 -0.35 11.10 -25.30
CA PHE K 84 -0.65 9.82 -25.94
C PHE K 84 -0.75 9.96 -27.46
N ASP K 85 -1.55 10.92 -27.95
CA ASP K 85 -1.77 11.02 -29.39
C ASP K 85 -0.47 11.30 -30.14
N LEU K 86 0.38 12.15 -29.57
CA LEU K 86 1.65 12.47 -30.21
C LEU K 86 2.51 11.23 -30.39
N ALA K 87 2.55 10.37 -29.37
CA ALA K 87 3.38 9.18 -29.44
C ALA K 87 2.91 8.26 -30.56
N ILE K 88 1.60 7.97 -30.60
CA ILE K 88 1.16 6.98 -31.57
C ILE K 88 1.17 7.57 -32.98
N LEU K 89 0.87 8.87 -33.13
CA LEU K 89 0.97 9.48 -34.45
C LEU K 89 2.41 9.47 -34.96
N ALA K 90 3.36 9.88 -34.13
CA ALA K 90 4.75 9.90 -34.56
C ALA K 90 5.26 8.49 -34.80
N HIS K 91 4.86 7.54 -33.96
CA HIS K 91 5.30 6.16 -34.17
C HIS K 91 4.74 5.59 -35.47
N THR K 92 3.56 6.00 -35.90
CA THR K 92 2.93 5.38 -37.06
C THR K 92 3.37 6.01 -38.37
N PHE K 93 3.39 7.34 -38.46
CA PHE K 93 3.66 8.03 -39.70
C PHE K 93 5.01 8.72 -39.73
N GLY K 94 5.76 8.71 -38.62
CA GLY K 94 7.11 9.21 -38.58
C GLY K 94 7.28 10.70 -38.38
N VAL K 95 6.20 11.44 -38.12
CA VAL K 95 6.28 12.89 -37.94
C VAL K 95 5.78 13.22 -36.54
N MET K 96 6.57 13.99 -35.81
CA MET K 96 6.20 14.44 -34.48
C MET K 96 5.75 15.89 -34.55
N PRO K 97 4.48 16.19 -34.31
CA PRO K 97 4.06 17.60 -34.28
C PRO K 97 4.84 18.37 -33.22
N ASP K 98 5.12 19.64 -33.53
CA ASP K 98 5.93 20.48 -32.65
C ASP K 98 5.26 21.81 -32.33
N VAL K 99 3.99 21.98 -32.68
CA VAL K 99 3.20 23.16 -32.30
C VAL K 99 1.89 22.59 -31.73
N VAL K 100 1.76 22.57 -30.40
CA VAL K 100 0.67 21.83 -29.76
C VAL K 100 0.06 22.64 -28.63
N PHE K 101 -1.19 22.28 -28.31
CA PHE K 101 -1.89 22.75 -27.13
C PHE K 101 -2.60 21.52 -26.54
N CYS K 102 -2.45 21.32 -25.24
CA CYS K 102 -3.05 20.18 -24.57
C CYS K 102 -4.03 20.67 -23.52
N THR K 103 -5.29 20.29 -23.66
CA THR K 103 -6.29 20.70 -22.67
C THR K 103 -6.12 20.01 -21.33
N LYS K 104 -5.49 18.83 -21.28
CA LYS K 104 -5.32 18.20 -19.98
C LYS K 104 -4.24 18.91 -19.16
N ILE K 105 -3.09 19.22 -19.77
CA ILE K 105 -2.10 20.06 -19.11
C ILE K 105 -2.69 21.42 -18.75
N ALA K 106 -3.40 22.05 -19.69
CA ALA K 106 -4.05 23.34 -19.39
C ALA K 106 -4.97 23.22 -18.18
N SER K 107 -5.76 22.15 -18.10
CA SER K 107 -6.64 21.95 -16.96
C SER K 107 -5.85 21.84 -15.65
N LYS K 108 -4.75 21.06 -15.66
CA LYS K 108 -3.95 20.89 -14.45
C LYS K 108 -3.32 22.20 -14.01
N LEU K 109 -3.10 23.13 -14.94
CA LEU K 109 -2.53 24.45 -14.62
C LEU K 109 -3.57 25.49 -14.25
N THR K 110 -4.86 25.20 -14.43
CA THR K 110 -5.88 26.23 -14.20
C THR K 110 -7.01 25.77 -13.31
N ARG K 111 -7.48 24.52 -13.49
CA ARG K 111 -8.58 24.00 -12.69
C ARG K 111 -8.02 23.43 -11.39
N THR K 112 -7.48 24.35 -10.59
CA THR K 112 -6.80 23.98 -9.37
C THR K 112 -7.78 23.62 -8.26
N TYR K 113 -9.07 23.84 -8.49
CA TYR K 113 -10.12 23.60 -7.52
C TYR K 113 -10.71 22.21 -7.63
N THR K 114 -10.08 21.32 -8.38
CA THR K 114 -10.54 19.95 -8.55
C THR K 114 -9.34 19.06 -8.81
N ASP K 115 -9.56 17.76 -8.68
CA ASP K 115 -8.56 16.79 -9.08
C ASP K 115 -9.02 15.95 -10.26
N ARG K 116 -10.13 16.32 -10.90
CA ARG K 116 -10.69 15.56 -12.02
C ARG K 116 -10.39 16.32 -13.30
N HIS K 117 -9.43 15.83 -14.09
CA HIS K 117 -8.98 16.52 -15.29
C HIS K 117 -9.28 15.77 -16.58
N GLY K 118 -10.14 14.76 -16.54
CA GLY K 118 -10.52 14.08 -17.76
C GLY K 118 -11.36 14.95 -18.68
N LEU K 119 -11.39 14.57 -19.97
CA LEU K 119 -12.12 15.37 -20.95
C LEU K 119 -13.60 15.44 -20.63
N LYS K 120 -14.17 14.32 -20.18
CA LYS K 120 -15.59 14.30 -19.82
C LYS K 120 -15.90 15.31 -18.73
N GLU K 121 -15.06 15.34 -17.70
CA GLU K 121 -15.30 16.25 -16.59
C GLU K 121 -15.08 17.69 -17.03
N ILE K 122 -14.05 17.94 -17.84
CA ILE K 122 -13.80 19.28 -18.36
C ILE K 122 -14.97 19.77 -19.20
N CYS K 123 -15.48 18.92 -20.11
CA CYS K 123 -16.58 19.35 -20.96
C CYS K 123 -17.84 19.60 -20.14
N GLY K 124 -18.09 18.78 -19.13
CA GLY K 124 -19.23 19.03 -18.26
C GLY K 124 -19.15 20.40 -17.60
N GLU K 125 -18.01 20.69 -16.97
CA GLU K 125 -17.90 21.94 -16.22
C GLU K 125 -17.89 23.15 -17.16
N LEU K 126 -17.05 23.11 -18.19
CA LEU K 126 -16.80 24.33 -18.96
C LEU K 126 -17.84 24.59 -20.04
N LEU K 127 -18.48 23.54 -20.56
CA LEU K 127 -19.38 23.69 -21.70
C LEU K 127 -20.77 23.13 -21.45
N ASN K 128 -21.01 22.46 -20.32
CA ASN K 128 -22.24 21.72 -20.11
C ASN K 128 -22.49 20.74 -21.26
N VAL K 129 -21.42 20.11 -21.72
CA VAL K 129 -21.48 19.12 -22.78
C VAL K 129 -21.14 17.76 -22.16
N ASN K 130 -21.96 16.75 -22.48
CA ASN K 130 -21.84 15.42 -21.89
C ASN K 130 -21.10 14.50 -22.87
N ILE K 131 -19.92 14.07 -22.48
CA ILE K 131 -19.16 13.05 -23.20
C ILE K 131 -19.58 11.69 -22.67
N SER K 132 -19.99 10.79 -23.55
CA SER K 132 -20.27 9.41 -23.17
C SER K 132 -19.04 8.55 -23.45
N LYS K 133 -18.57 7.83 -22.44
CA LYS K 133 -17.36 7.03 -22.58
C LYS K 133 -17.64 5.57 -22.86
N GLN K 134 -18.88 5.23 -23.20
CA GLN K 134 -19.26 3.83 -23.38
C GLN K 134 -18.37 3.12 -24.41
N GLN K 135 -17.98 3.83 -25.48
CA GLN K 135 -17.26 3.20 -26.58
C GLN K 135 -15.75 3.36 -26.48
N GLN K 136 -15.24 3.99 -25.41
CA GLN K 136 -13.81 4.16 -25.25
C GLN K 136 -13.08 2.82 -25.36
N SER K 137 -13.60 1.79 -24.70
CA SER K 137 -13.06 0.44 -24.78
C SER K 137 -13.97 -0.34 -25.73
N SER K 138 -13.62 -0.31 -27.00
CA SER K 138 -14.32 -1.03 -28.06
C SER K 138 -13.29 -1.44 -29.07
N ASP K 139 -13.72 -2.18 -30.09
CA ASP K 139 -12.80 -2.67 -31.11
C ASP K 139 -12.63 -1.59 -32.18
N TRP K 140 -11.64 -0.73 -31.94
CA TRP K 140 -11.39 0.37 -32.85
C TRP K 140 -10.78 -0.09 -34.16
N ALA K 141 -10.33 -1.34 -34.23
CA ALA K 141 -9.79 -1.89 -35.47
C ALA K 141 -10.87 -2.45 -36.39
N ALA K 142 -12.15 -2.41 -36.00
CA ALA K 142 -13.20 -3.02 -36.80
C ALA K 142 -13.29 -2.36 -38.17
N GLU K 143 -13.50 -3.19 -39.20
CA GLU K 143 -13.62 -2.69 -40.57
C GLU K 143 -14.65 -1.57 -40.67
N THR K 144 -15.82 -1.77 -40.07
CA THR K 144 -16.88 -0.76 -40.02
C THR K 144 -17.12 -0.36 -38.58
N LEU K 145 -16.89 0.91 -38.27
CA LEU K 145 -17.18 1.43 -36.95
C LEU K 145 -18.69 1.59 -36.79
N SER K 146 -19.16 1.39 -35.57
CA SER K 146 -20.56 1.66 -35.29
C SER K 146 -20.79 3.16 -35.22
N ARG K 147 -22.06 3.55 -35.33
CA ARG K 147 -22.42 4.94 -35.13
C ARG K 147 -22.01 5.41 -33.74
N ALA K 148 -22.17 4.54 -32.74
CA ALA K 148 -21.76 4.91 -31.39
C ALA K 148 -20.27 5.19 -31.32
N GLN K 149 -19.45 4.36 -31.99
CA GLN K 149 -18.02 4.59 -32.00
C GLN K 149 -17.68 5.88 -32.74
N ILE K 150 -18.29 6.08 -33.90
CA ILE K 150 -18.03 7.28 -34.69
C ILE K 150 -18.35 8.53 -33.87
N GLU K 151 -19.46 8.50 -33.14
CA GLU K 151 -19.83 9.67 -32.33
C GLU K 151 -18.86 9.89 -31.18
N TYR K 152 -18.45 8.81 -30.49
CA TYR K 152 -17.48 8.98 -29.42
C TYR K 152 -16.20 9.59 -29.96
N ALA K 153 -15.67 9.04 -31.05
CA ALA K 153 -14.45 9.54 -31.65
C ALA K 153 -14.59 11.02 -32.03
N ALA K 154 -15.73 11.39 -32.61
CA ALA K 154 -15.89 12.78 -33.01
C ALA K 154 -16.05 13.69 -31.80
N SER K 155 -16.76 13.22 -30.77
CA SER K 155 -16.95 14.00 -29.56
C SER K 155 -15.62 14.41 -28.93
N ASP K 156 -14.56 13.62 -29.12
CA ASP K 156 -13.27 13.96 -28.54
C ASP K 156 -12.60 15.15 -29.22
N VAL K 157 -13.00 15.50 -30.45
CA VAL K 157 -12.40 16.65 -31.13
C VAL K 157 -13.38 17.81 -31.32
N LEU K 158 -14.68 17.59 -31.17
CA LEU K 158 -15.65 18.62 -31.50
C LEU K 158 -15.56 19.84 -30.59
N TYR K 159 -15.00 19.70 -29.39
CA TYR K 159 -15.05 20.77 -28.40
C TYR K 159 -13.70 21.34 -28.04
N LEU K 160 -12.62 20.82 -28.63
CA LEU K 160 -11.29 21.21 -28.16
C LEU K 160 -10.99 22.69 -28.43
N HIS K 161 -11.47 23.23 -29.56
CA HIS K 161 -11.30 24.67 -29.82
C HIS K 161 -11.95 25.51 -28.74
N ARG K 162 -13.19 25.18 -28.38
CA ARG K 162 -13.89 25.94 -27.35
C ARG K 162 -13.18 25.82 -26.01
N LEU K 163 -12.71 24.61 -25.67
CA LEU K 163 -11.97 24.45 -24.43
C LEU K 163 -10.67 25.23 -24.44
N LYS K 164 -9.94 25.18 -25.55
CA LYS K 164 -8.69 25.94 -25.65
C LYS K 164 -8.94 27.42 -25.39
N ASP K 165 -10.00 27.97 -25.98
CA ASP K 165 -10.33 29.38 -25.76
CA ASP K 165 -10.34 29.38 -25.77
C ASP K 165 -10.52 29.68 -24.28
N ILE K 166 -11.29 28.83 -23.58
CA ILE K 166 -11.53 29.06 -22.16
C ILE K 166 -10.25 28.92 -21.35
N PHE K 167 -9.45 27.88 -21.63
CA PHE K 167 -8.20 27.70 -20.87
C PHE K 167 -7.22 28.83 -21.11
N GLU K 168 -7.19 29.39 -22.32
CA GLU K 168 -6.32 30.55 -22.56
C GLU K 168 -6.74 31.73 -21.71
N GLU K 169 -8.05 31.91 -21.50
CA GLU K 169 -8.53 32.95 -20.59
C GLU K 169 -8.06 32.70 -19.16
N ARG K 170 -8.17 31.45 -18.68
CA ARG K 170 -7.73 31.14 -17.32
C ARG K 170 -6.21 31.27 -17.17
N LEU K 171 -5.45 30.79 -18.15
CA LEU K 171 -4.00 30.94 -18.11
C LEU K 171 -3.60 32.40 -18.04
N LYS K 172 -4.27 33.25 -18.80
CA LYS K 172 -3.99 34.68 -18.74
C LYS K 172 -4.39 35.24 -17.39
N ARG K 173 -5.56 34.85 -16.89
CA ARG K 173 -6.05 35.39 -15.62
C ARG K 173 -5.09 35.09 -14.49
N GLU K 174 -4.61 33.84 -14.39
CA GLU K 174 -3.70 33.48 -13.31
C GLU K 174 -2.23 33.64 -13.70
N GLU K 175 -1.94 34.24 -14.86
CA GLU K 175 -0.59 34.61 -15.27
C GLU K 175 0.32 33.38 -15.41
N ARG K 176 -0.19 32.36 -16.09
CA ARG K 176 0.53 31.10 -16.25
C ARG K 176 0.79 30.78 -17.72
N GLU K 177 0.76 31.79 -18.59
CA GLU K 177 0.88 31.55 -20.02
C GLU K 177 2.25 30.98 -20.39
N SER K 178 3.33 31.56 -19.85
CA SER K 178 4.64 31.06 -20.20
C SER K 178 4.88 29.66 -19.61
N VAL K 179 4.25 29.36 -18.47
CA VAL K 179 4.34 28.00 -17.90
C VAL K 179 3.71 27.00 -18.85
N ALA K 180 2.48 27.27 -19.28
CA ALA K 180 1.82 26.36 -20.22
C ALA K 180 2.62 26.22 -21.51
N LYS K 181 3.13 27.33 -22.05
CA LYS K 181 3.88 27.27 -23.29
C LYS K 181 5.11 26.36 -23.16
N ALA K 182 5.83 26.45 -22.05
CA ALA K 182 6.98 25.58 -21.87
C ALA K 182 6.56 24.12 -21.76
N CYS K 183 5.44 23.84 -21.06
CA CYS K 183 4.96 22.46 -20.98
C CYS K 183 4.58 21.93 -22.36
N PHE K 184 3.88 22.74 -23.17
CA PHE K 184 3.51 22.31 -24.51
C PHE K 184 4.76 22.11 -25.37
N GLN K 185 5.79 22.93 -25.16
CA GLN K 185 7.02 22.80 -25.94
CA GLN K 185 7.02 22.80 -25.93
C GLN K 185 7.74 21.50 -25.63
N PHE K 186 7.72 21.06 -24.36
CA PHE K 186 8.34 19.79 -24.00
C PHE K 186 7.50 18.59 -24.38
N LEU K 187 6.18 18.76 -24.49
CA LEU K 187 5.28 17.61 -24.64
C LEU K 187 5.69 16.65 -25.76
N PRO K 188 6.06 17.12 -26.97
CA PRO K 188 6.52 16.15 -28.00
C PRO K 188 7.72 15.32 -27.56
N MET K 189 8.63 15.90 -26.79
CA MET K 189 9.73 15.07 -26.32
C MET K 189 9.30 14.16 -25.18
N ARG K 190 8.32 14.58 -24.37
CA ARG K 190 7.73 13.66 -23.39
C ARG K 190 7.13 12.45 -24.10
N ALA K 191 6.49 12.68 -25.25
CA ALA K 191 5.94 11.58 -26.02
C ALA K 191 7.04 10.70 -26.61
N ASN K 192 8.10 11.32 -27.14
CA ASN K 192 9.25 10.55 -27.61
C ASN K 192 9.86 9.72 -26.49
N LEU K 193 10.02 10.33 -25.30
CA LEU K 193 10.53 9.58 -24.14
C LEU K 193 9.71 8.32 -23.91
N ASP K 194 8.39 8.41 -24.07
CA ASP K 194 7.54 7.23 -23.90
C ASP K 194 7.85 6.18 -24.95
N LEU K 195 7.93 6.59 -26.22
CA LEU K 195 8.22 5.63 -27.29
C LEU K 195 9.55 4.95 -27.09
N LEU K 196 10.54 5.67 -26.53
CA LEU K 196 11.88 5.15 -26.40
C LEU K 196 12.05 4.22 -25.21
N GLY K 197 11.10 4.20 -24.28
CA GLY K 197 11.20 3.26 -23.18
C GLY K 197 11.06 3.85 -21.79
N TRP K 198 10.75 5.15 -21.70
CA TRP K 198 10.55 5.79 -20.40
C TRP K 198 9.08 6.10 -20.13
N SER K 199 8.15 5.34 -20.73
CA SER K 199 6.74 5.66 -20.54
C SER K 199 6.32 5.57 -19.07
N GLU K 200 7.02 4.78 -18.26
CA GLU K 200 6.64 4.63 -16.85
C GLU K 200 7.45 5.51 -15.91
N ILE K 201 8.27 6.42 -16.45
CA ILE K 201 9.23 7.17 -15.65
C ILE K 201 8.92 8.65 -15.75
N ASP K 202 8.75 9.31 -14.61
CA ASP K 202 8.79 10.76 -14.54
C ASP K 202 10.26 11.14 -14.55
N ILE K 203 10.75 11.62 -15.71
CA ILE K 203 12.17 11.86 -15.90
C ILE K 203 12.68 12.99 -15.00
N PHE K 204 11.78 13.81 -14.44
CA PHE K 204 12.17 14.94 -13.59
C PHE K 204 12.09 14.61 -12.10
N ALA K 205 11.60 13.44 -11.72
CA ALA K 205 11.44 13.11 -10.31
C ALA K 205 12.79 12.79 -9.68
N HIS K 206 12.86 13.01 -8.37
CA HIS K 206 14.09 12.68 -7.64
C HIS K 206 14.27 11.17 -7.56
N SER K 207 13.19 10.42 -7.40
CA SER K 207 13.26 8.98 -7.55
C SER K 207 11.91 8.47 -8.01
N GLU M 4 -43.92 -6.18 16.21
CA GLU M 4 -44.10 -5.90 17.63
C GLU M 4 -42.76 -5.74 18.34
N ILE M 5 -42.49 -4.54 18.85
CA ILE M 5 -41.21 -4.24 19.48
C ILE M 5 -41.47 -3.62 20.85
N ARG M 6 -41.02 -4.30 21.90
CA ARG M 6 -41.17 -3.84 23.27
C ARG M 6 -39.93 -3.03 23.67
N VAL M 7 -40.14 -1.77 24.04
CA VAL M 7 -39.05 -0.87 24.41
C VAL M 7 -39.04 -0.71 25.92
N HIS M 8 -37.87 -0.90 26.53
CA HIS M 8 -37.74 -0.88 27.99
C HIS M 8 -36.63 0.07 28.40
N GLN M 9 -36.74 0.57 29.63
CA GLN M 9 -35.69 1.38 30.24
C GLN M 9 -34.91 0.54 31.25
N GLY M 10 -33.62 0.34 30.97
CA GLY M 10 -32.70 -0.28 31.92
C GLY M 10 -32.61 -1.79 31.89
N ASP M 11 -33.74 -2.49 31.79
CA ASP M 11 -33.71 -3.93 31.93
C ASP M 11 -35.04 -4.49 31.45
N LEU M 12 -35.04 -5.78 31.16
CA LEU M 12 -36.30 -6.46 30.96
C LEU M 12 -37.14 -6.32 32.22
N PRO M 13 -38.46 -6.18 32.09
CA PRO M 13 -39.29 -6.17 33.30
C PRO M 13 -39.28 -7.51 34.01
N ASN M 14 -39.16 -8.59 33.25
CA ASN M 14 -39.14 -9.95 33.77
C ASN M 14 -38.69 -10.86 32.63
N LEU M 15 -38.43 -12.12 32.97
CA LEU M 15 -37.95 -13.11 32.01
C LEU M 15 -39.07 -13.95 31.41
N ASP M 16 -40.32 -13.47 31.47
CA ASP M 16 -41.45 -14.32 31.08
C ASP M 16 -41.40 -14.73 29.62
N ASN M 17 -40.81 -13.91 28.76
CA ASN M 17 -40.73 -14.22 27.35
C ASN M 17 -39.47 -14.99 26.97
N TYR M 18 -38.62 -15.33 27.94
CA TYR M 18 -37.32 -15.94 27.64
C TYR M 18 -37.09 -17.18 28.47
N ARG M 19 -38.12 -18.01 28.60
CA ARG M 19 -37.95 -19.37 29.10
C ARG M 19 -37.78 -20.29 27.89
N ILE M 20 -36.60 -20.19 27.27
CA ILE M 20 -36.32 -20.80 25.98
C ILE M 20 -34.90 -21.36 25.96
N ASP M 21 -34.58 -22.09 24.88
CA ASP M 21 -33.29 -22.75 24.74
C ASP M 21 -32.21 -21.81 24.23
N ALA M 22 -32.58 -20.77 23.48
CA ALA M 22 -31.63 -19.91 22.81
C ALA M 22 -32.25 -18.54 22.61
N VAL M 23 -31.46 -17.49 22.78
CA VAL M 23 -31.95 -16.13 22.68
C VAL M 23 -31.06 -15.35 21.74
N ALA M 24 -31.68 -14.54 20.87
CA ALA M 24 -30.93 -13.67 19.98
C ALA M 24 -30.60 -12.37 20.68
N VAL M 25 -29.35 -11.94 20.56
CA VAL M 25 -28.82 -10.80 21.30
C VAL M 25 -28.08 -9.89 20.33
N ASP M 26 -28.26 -8.58 20.47
CA ASP M 26 -27.44 -7.60 19.77
C ASP M 26 -27.29 -6.37 20.66
N THR M 27 -26.34 -5.50 20.32
CA THR M 27 -26.16 -4.28 21.09
C THR M 27 -26.02 -3.07 20.17
N GLU M 28 -26.36 -1.90 20.70
CA GLU M 28 -26.01 -0.64 20.07
C GLU M 28 -25.23 0.20 21.07
N THR M 29 -24.29 1.00 20.55
CA THR M 29 -23.32 1.73 21.35
C THR M 29 -23.07 3.09 20.70
N LEU M 30 -22.20 3.89 21.32
CA LEU M 30 -21.76 5.14 20.70
C LEU M 30 -20.56 4.94 19.79
N GLY M 31 -20.18 3.71 19.52
CA GLY M 31 -19.07 3.48 18.60
C GLY M 31 -18.41 2.15 18.88
N LEU M 32 -17.31 1.92 18.16
CA LEU M 32 -16.68 0.60 18.16
C LEU M 32 -15.67 0.39 19.29
N GLN M 33 -15.43 1.39 20.15
CA GLN M 33 -14.40 1.28 21.18
C GLN M 33 -15.02 1.14 22.56
N PRO M 34 -15.08 -0.08 23.12
CA PRO M 34 -15.86 -0.28 24.36
C PRO M 34 -15.35 0.51 25.55
N HIS M 35 -14.06 0.85 25.61
CA HIS M 35 -13.58 1.67 26.73
C HIS M 35 -13.96 3.14 26.58
N ARG M 36 -14.27 3.59 25.37
CA ARG M 36 -14.73 4.97 25.15
C ARG M 36 -16.23 5.05 24.92
N ASP M 37 -16.81 4.08 24.21
CA ASP M 37 -18.14 4.21 23.62
C ASP M 37 -19.10 3.32 24.39
N ARG M 38 -19.99 3.95 25.16
CA ARG M 38 -20.79 3.20 26.12
C ARG M 38 -21.85 2.35 25.42
N LEU M 39 -22.26 1.29 26.11
CA LEU M 39 -23.43 0.55 25.72
C LEU M 39 -24.67 1.43 25.83
N CYS M 40 -25.47 1.46 24.77
CA CYS M 40 -26.68 2.28 24.71
C CYS M 40 -27.96 1.48 24.63
N VAL M 41 -27.93 0.37 23.90
CA VAL M 41 -29.12 -0.44 23.66
C VAL M 41 -28.70 -1.91 23.72
N VAL M 42 -29.56 -2.74 24.27
CA VAL M 42 -29.43 -4.19 24.15
C VAL M 42 -30.73 -4.71 23.56
N GLN M 43 -30.63 -5.47 22.48
CA GLN M 43 -31.79 -6.06 21.81
C GLN M 43 -31.82 -7.55 22.05
N LEU M 44 -33.01 -8.07 22.30
CA LEU M 44 -33.23 -9.49 22.56
C LEU M 44 -34.41 -9.96 21.72
N SER M 45 -34.35 -11.22 21.30
CA SER M 45 -35.52 -11.83 20.67
C SER M 45 -35.55 -13.31 20.97
N SER M 46 -36.76 -13.83 21.19
CA SER M 46 -36.98 -15.25 21.43
C SER M 46 -37.07 -16.05 20.15
N GLY M 47 -37.14 -15.39 18.99
CA GLY M 47 -37.39 -16.07 17.74
C GLY M 47 -38.84 -16.09 17.32
N ASP M 48 -39.75 -15.55 18.13
CA ASP M 48 -41.17 -15.57 17.81
C ASP M 48 -41.60 -14.37 16.97
N GLY M 49 -40.67 -13.69 16.31
CA GLY M 49 -41.01 -12.53 15.52
C GLY M 49 -41.20 -11.25 16.31
N THR M 50 -41.01 -11.28 17.62
CA THR M 50 -41.05 -10.09 18.45
C THR M 50 -39.67 -9.81 19.02
N ALA M 51 -39.44 -8.56 19.39
CA ALA M 51 -38.15 -8.17 19.93
C ALA M 51 -38.34 -7.27 21.14
N ASP M 52 -37.36 -7.30 22.04
CA ASP M 52 -37.26 -6.38 23.15
C ASP M 52 -36.04 -5.48 22.94
N VAL M 53 -36.26 -4.17 23.02
CA VAL M 53 -35.21 -3.17 22.85
C VAL M 53 -35.05 -2.47 24.20
N ILE M 54 -33.91 -2.69 24.86
CA ILE M 54 -33.64 -2.16 26.18
C ILE M 54 -32.66 -1.01 26.08
N GLN M 55 -33.09 0.17 26.51
CA GLN M 55 -32.21 1.32 26.56
C GLN M 55 -31.38 1.30 27.85
N ILE M 56 -30.07 1.36 27.69
CA ILE M 56 -29.12 1.35 28.80
C ILE M 56 -28.69 2.78 29.05
N ALA M 57 -28.77 3.22 30.31
CA ALA M 57 -28.42 4.59 30.64
C ALA M 57 -26.90 4.73 30.77
N LYS M 58 -26.42 5.94 30.52
CA LYS M 58 -25.04 6.27 30.82
C LYS M 58 -24.75 5.95 32.28
N GLY M 59 -23.63 5.27 32.51
CA GLY M 59 -23.23 4.91 33.86
C GLY M 59 -23.97 3.74 34.48
N GLN M 60 -24.93 3.13 33.79
CA GLN M 60 -25.68 2.03 34.36
C GLN M 60 -24.76 0.84 34.59
N LYS M 61 -24.76 0.31 35.81
CA LYS M 61 -23.83 -0.75 36.17
C LYS M 61 -24.49 -2.14 36.23
N SER M 62 -25.81 -2.21 36.20
CA SER M 62 -26.47 -3.50 36.38
C SER M 62 -27.75 -3.56 35.55
N ALA M 63 -28.17 -4.79 35.26
CA ALA M 63 -29.42 -5.10 34.59
C ALA M 63 -29.78 -6.55 34.90
N PRO M 64 -30.35 -6.81 36.09
CA PRO M 64 -30.38 -8.18 36.61
C PRO M 64 -31.04 -9.20 35.69
N ASN M 65 -32.16 -8.84 35.05
CA ASN M 65 -32.88 -9.82 34.25
C ASN M 65 -32.12 -10.16 32.98
N LEU M 66 -31.61 -9.14 32.28
CA LEU M 66 -30.75 -9.37 31.14
C LEU M 66 -29.55 -10.22 31.53
N VAL M 67 -28.89 -9.86 32.63
CA VAL M 67 -27.67 -10.55 33.03
C VAL M 67 -27.97 -11.98 33.43
N ARG M 68 -29.15 -12.25 34.00
CA ARG M 68 -29.51 -13.63 34.30
C ARG M 68 -29.54 -14.47 33.02
N LEU M 69 -30.12 -13.93 31.95
CA LEU M 69 -30.08 -14.63 30.66
C LEU M 69 -28.65 -14.83 30.18
N LEU M 70 -27.84 -13.77 30.24
CA LEU M 70 -26.47 -13.88 29.74
C LEU M 70 -25.68 -14.91 30.53
N SER M 71 -26.01 -15.09 31.82
CA SER M 71 -25.30 -16.00 32.71
C SER M 71 -25.77 -17.44 32.59
N ASP M 72 -26.96 -17.66 32.03
CA ASP M 72 -27.61 -18.96 32.07
C ASP M 72 -26.97 -19.93 31.08
N ARG M 73 -26.23 -20.91 31.60
CA ARG M 73 -25.56 -21.88 30.74
CA ARG M 73 -25.56 -21.91 30.76
C ARG M 73 -26.53 -22.79 29.99
N ASP M 74 -27.80 -22.81 30.36
CA ASP M 74 -28.78 -23.59 29.63
C ASP M 74 -29.37 -22.84 28.44
N ILE M 75 -28.99 -21.59 28.24
CA ILE M 75 -29.52 -20.78 27.15
C ILE M 75 -28.36 -20.36 26.26
N THR M 76 -28.40 -20.76 24.99
CA THR M 76 -27.42 -20.29 24.03
C THR M 76 -27.73 -18.85 23.63
N LYS M 77 -26.74 -17.99 23.73
CA LYS M 77 -26.88 -16.62 23.25
C LYS M 77 -26.45 -16.58 21.78
N ILE M 78 -27.37 -16.25 20.89
CA ILE M 78 -27.06 -16.15 19.46
C ILE M 78 -26.72 -14.71 19.12
N PHE M 79 -25.60 -14.51 18.42
CA PHE M 79 -25.19 -13.20 17.95
C PHE M 79 -24.86 -13.27 16.47
N HIS M 80 -24.87 -12.11 15.84
CA HIS M 80 -24.11 -11.89 14.61
C HIS M 80 -22.91 -11.05 14.96
N PHE M 81 -21.72 -11.57 14.69
CA PHE M 81 -20.46 -10.99 15.16
C PHE M 81 -20.50 -10.73 16.66
N GLY M 82 -20.70 -11.81 17.41
CA GLY M 82 -20.72 -11.73 18.85
C GLY M 82 -19.44 -11.21 19.48
N ARG M 83 -18.31 -11.31 18.77
CA ARG M 83 -17.06 -10.76 19.28
C ARG M 83 -17.24 -9.35 19.84
N PHE M 84 -17.98 -8.51 19.11
CA PHE M 84 -18.22 -7.15 19.58
C PHE M 84 -19.20 -7.12 20.74
N ASP M 85 -20.35 -7.80 20.59
CA ASP M 85 -21.39 -7.72 21.62
C ASP M 85 -20.90 -8.28 22.94
N LEU M 86 -20.19 -9.40 22.89
CA LEU M 86 -19.65 -10.01 24.11
C LEU M 86 -18.75 -9.04 24.85
N ALA M 87 -17.89 -8.32 24.13
CA ALA M 87 -16.97 -7.40 24.78
C ALA M 87 -17.73 -6.29 25.50
N ILE M 88 -18.67 -5.63 24.81
CA ILE M 88 -19.32 -4.47 25.43
C ILE M 88 -20.23 -4.92 26.58
N LEU M 89 -20.89 -6.08 26.43
CA LEU M 89 -21.74 -6.56 27.51
C LEU M 89 -20.93 -6.90 28.74
N ALA M 90 -19.82 -7.63 28.54
CA ALA M 90 -19.01 -8.04 29.69
C ALA M 90 -18.37 -6.82 30.34
N HIS M 91 -17.92 -5.86 29.53
CA HIS M 91 -17.32 -4.66 30.06
C HIS M 91 -18.33 -3.82 30.84
N THR M 92 -19.59 -3.81 30.41
CA THR M 92 -20.58 -2.95 31.05
C THR M 92 -21.15 -3.59 32.31
N PHE M 93 -21.51 -4.87 32.26
CA PHE M 93 -22.20 -5.50 33.37
C PHE M 93 -21.34 -6.51 34.12
N GLY M 94 -20.15 -6.84 33.63
CA GLY M 94 -19.26 -7.70 34.36
C GLY M 94 -19.46 -9.19 34.16
N VAL M 95 -20.33 -9.60 33.24
CA VAL M 95 -20.60 -11.01 33.00
C VAL M 95 -20.29 -11.32 31.55
N MET M 96 -19.45 -12.34 31.32
CA MET M 96 -19.13 -12.79 29.98
C MET M 96 -19.95 -14.04 29.68
N PRO M 97 -20.87 -14.01 28.71
CA PRO M 97 -21.59 -15.24 28.36
C PRO M 97 -20.63 -16.30 27.83
N ASP M 98 -20.91 -17.56 28.17
CA ASP M 98 -20.03 -18.66 27.79
C ASP M 98 -20.74 -19.74 26.98
N VAL M 99 -21.95 -19.48 26.49
CA VAL M 99 -22.67 -20.43 25.64
C VAL M 99 -23.20 -19.61 24.47
N VAL M 100 -22.50 -19.63 23.35
CA VAL M 100 -22.78 -18.69 22.27
C VAL M 100 -22.80 -19.37 20.92
N PHE M 101 -23.51 -18.73 20.00
CA PHE M 101 -23.50 -19.04 18.58
C PHE M 101 -23.38 -17.74 17.83
N CYS M 102 -22.44 -17.69 16.88
CA CYS M 102 -22.20 -16.48 16.08
C CYS M 102 -22.47 -16.78 14.62
N THR M 103 -23.43 -16.05 14.03
CA THR M 103 -23.75 -16.25 12.62
C THR M 103 -22.66 -15.75 11.68
N LYS M 104 -21.79 -14.83 12.12
CA LYS M 104 -20.73 -14.41 11.20
C LYS M 104 -19.63 -15.46 11.10
N ILE M 105 -19.19 -16.00 12.24
CA ILE M 105 -18.30 -17.16 12.19
C ILE M 105 -18.95 -18.31 11.42
N ALA M 106 -20.24 -18.55 11.64
CA ALA M 106 -20.88 -19.66 10.94
C ALA M 106 -20.89 -19.41 9.43
N SER M 107 -21.14 -18.16 9.02
CA SER M 107 -21.10 -17.81 7.60
C SER M 107 -19.71 -18.03 7.03
N LYS M 108 -18.68 -17.56 7.73
CA LYS M 108 -17.31 -17.76 7.27
C LYS M 108 -16.94 -19.24 7.16
N LEU M 109 -17.59 -20.12 7.93
CA LEU M 109 -17.32 -21.55 7.88
C LEU M 109 -18.19 -22.29 6.87
N THR M 110 -19.23 -21.66 6.31
CA THR M 110 -20.14 -22.37 5.42
C THR M 110 -20.33 -21.69 4.08
N ARG M 111 -20.52 -20.36 4.07
CA ARG M 111 -20.71 -19.60 2.85
C ARG M 111 -19.35 -19.29 2.24
N THR M 112 -18.65 -20.38 1.88
CA THR M 112 -17.34 -20.34 1.25
C THR M 112 -17.39 -19.86 -0.20
N TYR M 113 -18.59 -19.65 -0.74
CA TYR M 113 -18.78 -19.23 -2.12
C TYR M 113 -18.92 -17.73 -2.26
N THR M 114 -18.67 -16.98 -1.19
CA THR M 114 -18.72 -15.53 -1.21
C THR M 114 -17.69 -15.00 -0.23
N ASP M 115 -17.41 -13.71 -0.32
CA ASP M 115 -16.62 -13.02 0.68
C ASP M 115 -17.44 -12.00 1.45
N ARG M 116 -18.76 -11.99 1.28
CA ARG M 116 -19.63 -11.05 1.96
C ARG M 116 -20.34 -11.75 3.10
N HIS M 117 -19.93 -11.45 4.33
CA HIS M 117 -20.45 -12.14 5.50
C HIS M 117 -21.18 -11.20 6.45
N GLY M 118 -21.56 -10.01 5.99
CA GLY M 118 -22.34 -9.12 6.82
C GLY M 118 -23.76 -9.61 7.01
N LEU M 119 -24.39 -9.13 8.09
CA LEU M 119 -25.72 -9.60 8.44
C LEU M 119 -26.73 -9.25 7.35
N LYS M 120 -26.61 -8.05 6.77
CA LYS M 120 -27.49 -7.66 5.67
C LYS M 120 -27.38 -8.64 4.51
N GLU M 121 -26.15 -8.99 4.15
CA GLU M 121 -25.95 -9.90 3.02
CA GLU M 121 -25.93 -9.92 3.03
C GLU M 121 -26.46 -11.30 3.35
N ILE M 122 -26.22 -11.77 4.58
CA ILE M 122 -26.69 -13.10 4.97
C ILE M 122 -28.21 -13.16 4.97
N CYS M 123 -28.86 -12.16 5.58
CA CYS M 123 -30.31 -12.16 5.61
C CYS M 123 -30.89 -12.12 4.20
N GLY M 124 -30.25 -11.35 3.30
CA GLY M 124 -30.73 -11.28 1.93
C GLY M 124 -30.64 -12.60 1.20
N GLU M 125 -29.51 -13.30 1.34
CA GLU M 125 -29.33 -14.56 0.63
C GLU M 125 -30.17 -15.68 1.24
N LEU M 126 -30.12 -15.83 2.57
CA LEU M 126 -30.73 -17.01 3.17
C LEU M 126 -32.22 -16.86 3.40
N LEU M 127 -32.71 -15.64 3.64
CA LEU M 127 -34.10 -15.45 4.05
C LEU M 127 -34.89 -14.55 3.13
N ASN M 128 -34.26 -13.96 2.11
CA ASN M 128 -34.89 -12.92 1.31
C ASN M 128 -35.46 -11.83 2.20
N VAL M 129 -34.74 -11.52 3.28
CA VAL M 129 -35.11 -10.45 4.21
C VAL M 129 -34.17 -9.28 3.98
N ASN M 130 -34.74 -8.08 3.96
CA ASN M 130 -33.99 -6.86 3.66
C ASN M 130 -33.69 -6.11 4.96
N ILE M 131 -32.41 -6.07 5.33
CA ILE M 131 -31.94 -5.26 6.44
C ILE M 131 -31.53 -3.89 5.90
N SER M 132 -32.00 -2.82 6.55
CA SER M 132 -31.61 -1.46 6.17
C SER M 132 -30.60 -0.94 7.18
N LYS M 133 -29.42 -0.53 6.69
CA LYS M 133 -28.33 -0.09 7.56
C LYS M 133 -28.35 1.41 7.83
N GLN M 134 -29.43 2.10 7.47
CA GLN M 134 -29.41 3.56 7.48
C GLN M 134 -29.13 4.11 8.88
N GLN M 135 -29.68 3.47 9.91
CA GLN M 135 -29.52 3.94 11.29
C GLN M 135 -28.34 3.29 12.01
N GLN M 136 -27.55 2.45 11.34
CA GLN M 136 -26.39 1.85 11.99
C GLN M 136 -25.52 2.92 12.62
N SER M 137 -25.22 3.97 11.85
CA SER M 137 -24.49 5.13 12.35
C SER M 137 -25.51 6.21 12.72
N SER M 138 -25.87 6.25 14.01
CA SER M 138 -26.81 7.24 14.52
C SER M 138 -26.51 7.45 15.99
N ASP M 139 -27.18 8.42 16.60
CA ASP M 139 -26.94 8.71 18.02
C ASP M 139 -27.73 7.71 18.86
N TRP M 140 -27.08 6.58 19.16
CA TRP M 140 -27.76 5.57 19.97
C TRP M 140 -27.87 5.96 21.43
N ALA M 141 -27.22 7.05 21.87
CA ALA M 141 -27.33 7.51 23.25
C ALA M 141 -28.53 8.44 23.47
N ALA M 142 -29.34 8.67 22.44
CA ALA M 142 -30.44 9.62 22.58
C ALA M 142 -31.41 9.16 23.65
N GLU M 143 -31.95 10.13 24.39
CA GLU M 143 -32.94 9.83 25.43
C GLU M 143 -34.11 9.05 24.86
N THR M 144 -34.62 9.48 23.71
CA THR M 144 -35.68 8.78 23.00
C THR M 144 -35.14 8.33 21.65
N LEU M 145 -35.19 7.02 21.40
CA LEU M 145 -34.80 6.50 20.10
C LEU M 145 -35.87 6.78 19.07
N SER M 146 -35.45 7.09 17.85
CA SER M 146 -36.42 7.27 16.77
C SER M 146 -37.06 5.94 16.40
N ARG M 147 -38.19 6.02 15.71
CA ARG M 147 -38.84 4.81 15.23
C ARG M 147 -37.91 4.04 14.29
N ALA M 148 -37.16 4.75 13.45
CA ALA M 148 -36.22 4.07 12.55
C ALA M 148 -35.12 3.36 13.33
N GLN M 149 -34.65 3.95 14.43
CA GLN M 149 -33.61 3.31 15.24
C GLN M 149 -34.13 2.06 15.93
N ILE M 150 -35.33 2.16 16.53
CA ILE M 150 -35.92 1.02 17.20
C ILE M 150 -36.09 -0.14 16.23
N GLU M 151 -36.50 0.15 14.99
CA GLU M 151 -36.76 -0.93 14.04
C GLU M 151 -35.46 -1.53 13.52
N TYR M 152 -34.42 -0.71 13.32
CA TYR M 152 -33.13 -1.27 12.94
C TYR M 152 -32.59 -2.18 14.03
N ALA M 153 -32.64 -1.70 15.29
CA ALA M 153 -32.12 -2.48 16.40
C ALA M 153 -32.84 -3.81 16.53
N ALA M 154 -34.15 -3.81 16.32
CA ALA M 154 -34.92 -5.05 16.41
C ALA M 154 -34.60 -5.98 15.25
N SER M 155 -34.46 -5.43 14.03
CA SER M 155 -34.14 -6.24 12.86
C SER M 155 -32.86 -7.06 13.06
N ASP M 156 -31.95 -6.58 13.90
CA ASP M 156 -30.69 -7.30 14.10
C ASP M 156 -30.86 -8.56 14.94
N VAL M 157 -31.93 -8.70 15.70
CA VAL M 157 -32.18 -9.93 16.46
C VAL M 157 -33.37 -10.73 15.95
N LEU M 158 -34.25 -10.13 15.15
CA LEU M 158 -35.48 -10.82 14.77
C LEU M 158 -35.21 -12.07 13.94
N TYR M 159 -34.04 -12.20 13.33
CA TYR M 159 -33.82 -13.26 12.36
C TYR M 159 -32.71 -14.24 12.74
N LEU M 160 -32.04 -14.04 13.88
CA LEU M 160 -30.86 -14.85 14.20
C LEU M 160 -31.22 -16.32 14.42
N HIS M 161 -32.39 -16.62 14.99
CA HIS M 161 -32.82 -18.01 15.15
C HIS M 161 -32.93 -18.71 13.81
N ARG M 162 -33.61 -18.08 12.85
CA ARG M 162 -33.76 -18.68 11.53
C ARG M 162 -32.41 -18.83 10.83
N LEU M 163 -31.52 -17.85 10.98
CA LEU M 163 -30.18 -17.99 10.42
C LEU M 163 -29.41 -19.13 11.08
N LYS M 164 -29.53 -19.26 12.40
CA LYS M 164 -28.79 -20.31 13.11
C LYS M 164 -29.22 -21.69 12.63
N ASP M 165 -30.53 -21.88 12.40
CA ASP M 165 -31.03 -23.16 11.91
C ASP M 165 -30.42 -23.52 10.56
N ILE M 166 -30.35 -22.56 9.64
CA ILE M 166 -29.81 -22.83 8.33
C ILE M 166 -28.32 -23.11 8.42
N PHE M 167 -27.58 -22.29 9.18
CA PHE M 167 -26.15 -22.52 9.32
C PHE M 167 -25.86 -23.88 9.95
N GLU M 168 -26.67 -24.30 10.92
CA GLU M 168 -26.48 -25.63 11.50
C GLU M 168 -26.68 -26.73 10.47
N GLU M 169 -27.63 -26.56 9.55
CA GLU M 169 -27.75 -27.49 8.44
C GLU M 169 -26.48 -27.49 7.59
N ARG M 170 -25.94 -26.31 7.30
CA ARG M 170 -24.74 -26.21 6.46
C ARG M 170 -23.52 -26.78 7.19
N LEU M 171 -23.42 -26.53 8.50
CA LEU M 171 -22.29 -27.07 9.23
C LEU M 171 -22.34 -28.59 9.27
N LYS M 172 -23.54 -29.15 9.40
CA LYS M 172 -23.70 -30.59 9.35
C LYS M 172 -23.36 -31.12 7.96
N ARG M 173 -23.91 -30.47 6.92
CA ARG M 173 -23.70 -30.95 5.55
C ARG M 173 -22.22 -31.03 5.20
N GLU M 174 -21.45 -30.01 5.55
CA GLU M 174 -20.03 -29.96 5.22
C GLU M 174 -19.16 -30.50 6.35
N GLU M 175 -19.77 -31.02 7.42
CA GLU M 175 -19.07 -31.74 8.49
C GLU M 175 -18.09 -30.85 9.25
N ARG M 176 -18.56 -29.66 9.64
CA ARG M 176 -17.75 -28.66 10.33
C ARG M 176 -18.32 -28.31 11.69
N GLU M 177 -19.19 -29.16 12.23
CA GLU M 177 -19.86 -28.85 13.49
C GLU M 177 -18.86 -28.66 14.63
N SER M 178 -17.84 -29.52 14.73
CA SER M 178 -16.92 -29.40 15.85
C SER M 178 -15.96 -28.23 15.66
N VAL M 179 -15.66 -27.87 14.41
CA VAL M 179 -14.88 -26.66 14.14
C VAL M 179 -15.64 -25.43 14.63
N ALA M 180 -16.90 -25.31 14.23
CA ALA M 180 -17.72 -24.20 14.70
C ALA M 180 -17.77 -24.17 16.23
N LYS M 181 -17.98 -25.34 16.85
CA LYS M 181 -18.12 -25.38 18.30
C LYS M 181 -16.87 -24.88 19.01
N ALA M 182 -15.68 -25.26 18.52
CA ALA M 182 -14.46 -24.74 19.12
C ALA M 182 -14.32 -23.24 18.90
N CYS M 183 -14.74 -22.74 17.73
CA CYS M 183 -14.68 -21.29 17.51
C CYS M 183 -15.61 -20.55 18.48
N PHE M 184 -16.83 -21.06 18.68
CA PHE M 184 -17.74 -20.43 19.65
C PHE M 184 -17.18 -20.53 21.06
N GLN M 185 -16.55 -21.65 21.41
CA GLN M 185 -15.98 -21.79 22.74
CA GLN M 185 -15.96 -21.81 22.74
C GLN M 185 -14.89 -20.76 23.01
N PHE M 186 -14.10 -20.43 21.99
CA PHE M 186 -13.05 -19.41 22.18
C PHE M 186 -13.58 -17.98 22.09
N LEU M 187 -14.71 -17.75 21.40
CA LEU M 187 -15.16 -16.38 21.15
C LEU M 187 -15.24 -15.51 22.39
N PRO M 188 -15.73 -15.96 23.56
CA PRO M 188 -15.72 -15.09 24.74
C PRO M 188 -14.32 -14.64 25.15
N MET M 189 -13.32 -15.53 25.04
CA MET M 189 -11.95 -15.13 25.35
C MET M 189 -11.36 -14.21 24.27
N ARG M 190 -11.77 -14.41 23.01
CA ARG M 190 -11.42 -13.44 21.96
C ARG M 190 -11.96 -12.06 22.29
N ALA M 191 -13.20 -11.99 22.81
CA ALA M 191 -13.74 -10.69 23.22
C ALA M 191 -12.97 -10.12 24.42
N ASN M 192 -12.59 -10.99 25.38
CA ASN M 192 -11.78 -10.55 26.51
C ASN M 192 -10.43 -10.01 26.05
N LEU M 193 -9.78 -10.71 25.10
CA LEU M 193 -8.53 -10.23 24.55
C LEU M 193 -8.68 -8.84 23.98
N ASP M 194 -9.82 -8.55 23.31
CA ASP M 194 -10.08 -7.21 22.80
C ASP M 194 -10.11 -6.18 23.94
N LEU M 195 -10.83 -6.50 25.01
CA LEU M 195 -10.96 -5.57 26.13
C LEU M 195 -9.62 -5.32 26.82
N LEU M 196 -8.78 -6.35 26.89
CA LEU M 196 -7.50 -6.27 27.59
C LEU M 196 -6.44 -5.54 26.78
N GLY M 197 -6.66 -5.29 25.49
CA GLY M 197 -5.68 -4.54 24.73
C GLY M 197 -5.18 -5.20 23.45
N TRP M 198 -5.72 -6.35 23.06
CA TRP M 198 -5.29 -7.03 21.83
C TRP M 198 -6.33 -6.93 20.72
N SER M 199 -7.16 -5.88 20.71
CA SER M 199 -8.26 -5.82 19.73
C SER M 199 -7.73 -5.73 18.30
N GLU M 200 -6.52 -5.22 18.09
CA GLU M 200 -5.93 -5.12 16.77
C GLU M 200 -4.98 -6.27 16.44
N ILE M 201 -4.92 -7.29 17.27
CA ILE M 201 -3.93 -8.36 17.14
C ILE M 201 -4.66 -9.67 16.88
N ASP M 202 -4.29 -10.36 15.81
CA ASP M 202 -4.67 -11.75 15.62
C ASP M 202 -3.70 -12.57 16.44
N ILE M 203 -4.15 -13.04 17.61
CA ILE M 203 -3.24 -13.66 18.57
C ILE M 203 -2.60 -14.91 18.00
N PHE M 204 -3.19 -15.51 16.97
CA PHE M 204 -2.69 -16.76 16.40
C PHE M 204 -1.81 -16.56 15.18
N ALA M 205 -1.61 -15.33 14.72
CA ALA M 205 -0.80 -15.10 13.52
C ALA M 205 0.68 -15.31 13.82
N HIS M 206 1.43 -15.68 12.79
CA HIS M 206 2.87 -15.81 12.93
C HIS M 206 3.52 -14.44 13.13
N SER M 207 3.04 -13.43 12.41
CA SER M 207 3.51 -12.06 12.65
C SER M 207 2.35 -11.09 12.54
N GLU O 4 -33.72 -23.61 -23.72
CA GLU O 4 -33.87 -25.01 -23.28
C GLU O 4 -32.68 -25.42 -22.44
N ILE O 5 -32.93 -25.82 -21.21
CA ILE O 5 -31.89 -26.23 -20.28
C ILE O 5 -32.26 -27.60 -19.73
N ARG O 6 -31.40 -28.58 -19.96
CA ARG O 6 -31.63 -29.94 -19.50
C ARG O 6 -30.86 -30.15 -18.20
N VAL O 7 -31.57 -30.46 -17.12
CA VAL O 7 -30.96 -30.69 -15.81
C VAL O 7 -30.82 -32.19 -15.60
N HIS O 8 -29.63 -32.61 -15.22
CA HIS O 8 -29.33 -34.03 -15.03
C HIS O 8 -28.74 -34.24 -13.63
N GLN O 9 -28.87 -35.47 -13.15
CA GLN O 9 -28.29 -35.88 -11.89
C GLN O 9 -27.06 -36.75 -12.18
N GLY O 10 -25.92 -36.32 -11.68
CA GLY O 10 -24.69 -37.12 -11.79
C GLY O 10 -23.91 -37.09 -13.08
N ASP O 11 -24.59 -37.25 -14.22
CA ASP O 11 -23.91 -37.37 -15.50
C ASP O 11 -24.92 -37.16 -16.61
N LEU O 12 -24.41 -36.88 -17.81
CA LEU O 12 -25.26 -36.91 -18.99
C LEU O 12 -25.82 -38.32 -19.18
N PRO O 13 -27.03 -38.45 -19.70
CA PRO O 13 -27.55 -39.80 -20.01
C PRO O 13 -26.80 -40.45 -21.15
N ASN O 14 -26.26 -39.67 -22.07
CA ASN O 14 -25.55 -40.17 -23.24
C ASN O 14 -24.83 -38.98 -23.87
N LEU O 15 -24.11 -39.25 -24.95
CA LEU O 15 -23.36 -38.22 -25.67
C LEU O 15 -24.02 -37.84 -27.00
N ASP O 16 -25.33 -38.06 -27.14
CA ASP O 16 -25.98 -37.85 -28.43
C ASP O 16 -25.96 -36.40 -28.86
N ASN O 17 -26.00 -35.47 -27.91
CA ASN O 17 -25.97 -34.05 -28.25
C ASN O 17 -24.56 -33.50 -28.37
N TYR O 18 -23.53 -34.35 -28.22
CA TYR O 18 -22.15 -33.88 -28.16
C TYR O 18 -21.25 -34.66 -29.11
N ARG O 19 -21.79 -35.06 -30.27
CA ARG O 19 -20.97 -35.56 -31.38
C ARG O 19 -20.53 -34.37 -32.22
N ILE O 20 -19.63 -33.58 -31.63
CA ILE O 20 -19.27 -32.26 -32.14
C ILE O 20 -17.78 -32.05 -31.99
N ASP O 21 -17.28 -30.96 -32.60
CA ASP O 21 -15.86 -30.65 -32.58
C ASP O 21 -15.42 -29.91 -31.32
N ALA O 22 -16.33 -29.18 -30.68
CA ALA O 22 -15.98 -28.40 -29.51
C ALA O 22 -17.20 -28.28 -28.61
N VAL O 23 -16.97 -28.37 -27.30
CA VAL O 23 -18.03 -28.28 -26.31
C VAL O 23 -17.69 -27.17 -25.31
N ALA O 24 -18.70 -26.37 -24.96
CA ALA O 24 -18.54 -25.36 -23.93
C ALA O 24 -18.75 -25.99 -22.57
N VAL O 25 -17.89 -25.63 -21.61
CA VAL O 25 -17.82 -26.28 -20.31
C VAL O 25 -17.71 -25.23 -19.23
N ASP O 26 -18.46 -25.39 -18.15
CA ASP O 26 -18.30 -24.55 -16.98
C ASP O 26 -18.64 -25.41 -15.76
N THR O 27 -18.31 -24.88 -14.56
CA THR O 27 -18.52 -25.59 -13.31
C THR O 27 -19.03 -24.62 -12.26
N GLU O 28 -19.84 -25.13 -11.34
CA GLU O 28 -20.17 -24.42 -10.12
C GLU O 28 -19.74 -25.27 -8.93
N THR O 29 -19.39 -24.60 -7.83
CA THR O 29 -18.76 -25.23 -6.68
C THR O 29 -19.25 -24.54 -5.41
N LEU O 30 -18.78 -25.03 -4.27
CA LEU O 30 -19.01 -24.37 -2.99
C LEU O 30 -17.98 -23.27 -2.70
N GLY O 31 -17.08 -22.97 -3.63
CA GLY O 31 -16.08 -21.95 -3.38
C GLY O 31 -14.89 -22.11 -4.30
N LEU O 32 -13.88 -21.26 -4.05
CA LEU O 32 -12.74 -21.15 -4.97
C LEU O 32 -11.59 -22.09 -4.62
N GLN O 33 -11.70 -22.86 -3.55
CA GLN O 33 -10.60 -23.71 -3.12
C GLN O 33 -10.91 -25.18 -3.42
N PRO O 34 -10.32 -25.75 -4.47
CA PRO O 34 -10.76 -27.09 -4.92
C PRO O 34 -10.56 -28.20 -3.90
N HIS O 35 -9.60 -28.08 -2.98
CA HIS O 35 -9.42 -29.12 -1.97
C HIS O 35 -10.45 -29.04 -0.87
N ARG O 36 -11.06 -27.88 -0.66
CA ARG O 36 -12.09 -27.68 0.35
C ARG O 36 -13.50 -27.67 -0.23
N ASP O 37 -13.67 -27.04 -1.39
CA ASP O 37 -14.98 -26.67 -1.93
C ASP O 37 -15.33 -27.62 -3.07
N ARG O 38 -16.30 -28.49 -2.82
CA ARG O 38 -16.58 -29.58 -3.75
C ARG O 38 -17.21 -29.07 -5.05
N LEU O 39 -17.05 -29.87 -6.10
CA LEU O 39 -17.76 -29.61 -7.34
C LEU O 39 -19.24 -29.90 -7.15
N CYS O 40 -20.08 -28.96 -7.58
CA CYS O 40 -21.53 -29.08 -7.41
C CYS O 40 -22.28 -29.20 -8.72
N VAL O 41 -21.82 -28.50 -9.76
CA VAL O 41 -22.52 -28.49 -11.04
C VAL O 41 -21.46 -28.52 -12.15
N VAL O 42 -21.75 -29.24 -13.21
CA VAL O 42 -21.01 -29.12 -14.46
C VAL O 42 -22.01 -28.73 -15.54
N GLN O 43 -21.66 -27.69 -16.30
CA GLN O 43 -22.52 -27.19 -17.37
C GLN O 43 -21.85 -27.44 -18.70
N LEU O 44 -22.65 -27.84 -19.69
CA LEU O 44 -22.16 -28.08 -21.04
C LEU O 44 -23.14 -27.47 -22.03
N SER O 45 -22.59 -27.00 -23.15
CA SER O 45 -23.42 -26.62 -24.29
C SER O 45 -22.71 -27.02 -25.57
N SER O 46 -23.48 -27.47 -26.54
CA SER O 46 -22.96 -27.77 -27.87
C SER O 46 -22.85 -26.53 -28.74
N GLY O 47 -23.36 -25.38 -28.28
CA GLY O 47 -23.41 -24.19 -29.10
C GLY O 47 -24.72 -23.99 -29.82
N ASP O 48 -25.68 -24.90 -29.70
CA ASP O 48 -26.95 -24.77 -30.40
C ASP O 48 -27.98 -23.95 -29.63
N GLY O 49 -27.53 -23.18 -28.64
CA GLY O 49 -28.46 -22.42 -27.82
C GLY O 49 -29.15 -23.21 -26.72
N THR O 50 -28.81 -24.48 -26.53
CA THR O 50 -29.30 -25.26 -25.41
C THR O 50 -28.14 -25.62 -24.50
N ALA O 51 -28.46 -25.97 -23.25
CA ALA O 51 -27.45 -26.29 -22.26
C ALA O 51 -27.86 -27.50 -21.44
N ASP O 52 -26.86 -28.24 -20.97
CA ASP O 52 -27.03 -29.33 -20.03
C ASP O 52 -26.41 -28.93 -18.70
N VAL O 53 -27.21 -29.00 -17.64
CA VAL O 53 -26.78 -28.64 -16.29
C VAL O 53 -26.77 -29.93 -15.47
N ILE O 54 -25.60 -30.33 -15.01
CA ILE O 54 -25.41 -31.61 -14.34
C ILE O 54 -25.07 -31.35 -12.89
N GLN O 55 -25.95 -31.78 -11.98
CA GLN O 55 -25.69 -31.69 -10.55
C GLN O 55 -24.78 -32.83 -10.11
N ILE O 56 -23.70 -32.49 -9.41
CA ILE O 56 -22.70 -33.45 -8.96
C ILE O 56 -22.92 -33.67 -7.47
N ALA O 57 -23.02 -34.94 -7.07
CA ALA O 57 -23.32 -35.24 -5.68
C ALA O 57 -22.06 -35.13 -4.82
N LYS O 58 -22.26 -34.85 -3.54
CA LYS O 58 -21.15 -34.86 -2.61
C LYS O 58 -20.53 -36.25 -2.58
N GLY O 59 -19.21 -36.31 -2.69
CA GLY O 59 -18.52 -37.57 -2.73
C GLY O 59 -18.62 -38.33 -4.04
N GLN O 60 -19.22 -37.74 -5.08
CA GLN O 60 -19.32 -38.42 -6.36
C GLN O 60 -17.94 -38.50 -7.01
N LYS O 61 -17.58 -39.69 -7.47
CA LYS O 61 -16.23 -39.95 -7.97
C LYS O 61 -16.16 -40.17 -9.48
N SER O 62 -17.28 -40.43 -10.15
CA SER O 62 -17.26 -40.74 -11.56
C SER O 62 -18.44 -40.10 -12.27
N ALA O 63 -18.24 -39.83 -13.55
CA ALA O 63 -19.22 -39.27 -14.46
C ALA O 63 -18.81 -39.73 -15.86
N PRO O 64 -19.02 -41.01 -16.18
CA PRO O 64 -18.39 -41.58 -17.39
C PRO O 64 -18.62 -40.79 -18.67
N ASN O 65 -19.86 -40.37 -18.93
CA ASN O 65 -20.13 -39.67 -20.19
C ASN O 65 -19.44 -38.32 -20.22
N LEU O 66 -19.53 -37.56 -19.13
CA LEU O 66 -18.83 -36.28 -19.05
C LEU O 66 -17.33 -36.48 -19.21
N VAL O 67 -16.77 -37.45 -18.49
CA VAL O 67 -15.33 -37.66 -18.52
C VAL O 67 -14.88 -38.14 -19.91
N ARG O 68 -15.75 -38.87 -20.61
CA ARG O 68 -15.43 -39.24 -21.98
C ARG O 68 -15.23 -38.01 -22.85
N LEU O 69 -16.15 -37.04 -22.75
CA LEU O 69 -15.97 -35.77 -23.47
C LEU O 69 -14.68 -35.09 -23.07
N LEU O 70 -14.43 -34.98 -21.76
CA LEU O 70 -13.23 -34.30 -21.28
C LEU O 70 -11.96 -34.95 -21.80
N SER O 71 -11.98 -36.28 -22.00
CA SER O 71 -10.79 -37.00 -22.42
C SER O 71 -10.64 -37.06 -23.93
N ASP O 72 -11.64 -36.62 -24.68
CA ASP O 72 -11.69 -36.83 -26.12
C ASP O 72 -10.77 -35.83 -26.80
N ARG O 73 -9.60 -36.29 -27.26
CA ARG O 73 -8.63 -35.41 -27.92
C ARG O 73 -9.19 -34.77 -29.18
N ASP O 74 -10.26 -35.31 -29.75
CA ASP O 74 -10.85 -34.75 -30.95
C ASP O 74 -11.83 -33.62 -30.67
N ILE O 75 -12.11 -33.34 -29.41
CA ILE O 75 -13.12 -32.34 -29.05
C ILE O 75 -12.45 -31.27 -28.21
N THR O 76 -12.46 -30.03 -28.71
CA THR O 76 -11.92 -28.93 -27.93
C THR O 76 -12.89 -28.57 -26.81
N LYS O 77 -12.37 -28.44 -25.60
CA LYS O 77 -13.17 -27.95 -24.48
C LYS O 77 -12.99 -26.44 -24.37
N ILE O 78 -14.08 -25.70 -24.54
CA ILE O 78 -14.07 -24.24 -24.46
C ILE O 78 -14.48 -23.84 -23.06
N PHE O 79 -13.65 -23.02 -22.40
CA PHE O 79 -13.96 -22.48 -21.10
C PHE O 79 -13.85 -20.96 -21.12
N HIS O 80 -14.48 -20.31 -20.15
CA HIS O 80 -14.06 -18.98 -19.75
C HIS O 80 -13.33 -19.12 -18.43
N PHE O 81 -12.06 -18.69 -18.41
CA PHE O 81 -11.15 -18.93 -17.29
C PHE O 81 -11.12 -20.41 -16.92
N GLY O 82 -10.72 -21.22 -17.90
CA GLY O 82 -10.61 -22.66 -17.69
C GLY O 82 -9.61 -23.05 -16.62
N ARG O 83 -8.69 -22.17 -16.27
CA ARG O 83 -7.76 -22.48 -15.19
C ARG O 83 -8.49 -23.03 -13.97
N PHE O 84 -9.63 -22.43 -13.63
CA PHE O 84 -10.39 -22.90 -12.48
C PHE O 84 -11.11 -24.22 -12.80
N ASP O 85 -11.90 -24.22 -13.88
CA ASP O 85 -12.70 -25.40 -14.20
C ASP O 85 -11.84 -26.64 -14.39
N LEU O 86 -10.68 -26.48 -15.05
CA LEU O 86 -9.79 -27.62 -15.25
C LEU O 86 -9.32 -28.19 -13.92
N ALA O 87 -9.01 -27.31 -12.96
CA ALA O 87 -8.51 -27.77 -11.66
C ALA O 87 -9.56 -28.59 -10.93
N ILE O 88 -10.79 -28.07 -10.82
CA ILE O 88 -11.79 -28.79 -10.03
C ILE O 88 -12.26 -30.06 -10.75
N LEU O 89 -12.37 -30.01 -12.09
CA LEU O 89 -12.78 -31.21 -12.82
C LEU O 89 -11.75 -32.32 -12.69
N ALA O 90 -10.47 -31.97 -12.87
CA ALA O 90 -9.41 -32.96 -12.71
C ALA O 90 -9.35 -33.49 -11.28
N HIS O 91 -9.45 -32.59 -10.30
CA HIS O 91 -9.36 -33.03 -8.92
C HIS O 91 -10.54 -33.92 -8.54
N THR O 92 -11.69 -33.73 -9.17
CA THR O 92 -12.89 -34.48 -8.80
C THR O 92 -12.93 -35.85 -9.47
N PHE O 93 -12.69 -35.91 -10.79
CA PHE O 93 -12.87 -37.13 -11.54
C PHE O 93 -11.56 -37.76 -12.03
N GLY O 94 -10.42 -37.11 -11.84
CA GLY O 94 -9.13 -37.70 -12.14
C GLY O 94 -8.64 -37.54 -13.55
N VAL O 95 -9.31 -36.73 -14.37
CA VAL O 95 -8.97 -36.58 -15.78
C VAL O 95 -8.76 -35.11 -16.07
N MET O 96 -7.60 -34.78 -16.64
CA MET O 96 -7.31 -33.40 -17.00
C MET O 96 -7.48 -33.23 -18.50
N PRO O 97 -8.46 -32.45 -18.96
CA PRO O 97 -8.56 -32.17 -20.39
C PRO O 97 -7.27 -31.57 -20.92
N ASP O 98 -6.94 -31.91 -22.16
CA ASP O 98 -5.70 -31.44 -22.76
C ASP O 98 -5.88 -30.77 -24.12
N VAL O 99 -7.13 -30.53 -24.54
CA VAL O 99 -7.42 -29.76 -25.75
C VAL O 99 -8.43 -28.71 -25.34
N VAL O 100 -7.97 -27.47 -25.16
CA VAL O 100 -8.78 -26.45 -24.51
C VAL O 100 -8.66 -25.12 -25.24
N PHE O 101 -9.67 -24.29 -25.05
CA PHE O 101 -9.69 -22.89 -25.46
C PHE O 101 -10.25 -22.11 -24.28
N CYS O 102 -9.61 -21.00 -23.94
CA CYS O 102 -10.07 -20.16 -22.83
C CYS O 102 -10.40 -18.78 -23.34
N THR O 103 -11.65 -18.34 -23.15
CA THR O 103 -12.01 -17.01 -23.63
C THR O 103 -11.40 -15.91 -22.78
N LYS O 104 -11.03 -16.19 -21.53
CA LYS O 104 -10.42 -15.12 -20.75
C LYS O 104 -8.97 -14.88 -21.19
N ILE O 105 -8.21 -15.95 -21.38
CA ILE O 105 -6.89 -15.80 -21.99
C ILE O 105 -7.01 -15.17 -23.38
N ALA O 106 -7.96 -15.65 -24.19
CA ALA O 106 -8.19 -15.04 -25.50
C ALA O 106 -8.45 -13.55 -25.38
N SER O 107 -9.28 -13.14 -24.43
CA SER O 107 -9.59 -11.73 -24.25
C SER O 107 -8.36 -10.93 -23.82
N LYS O 108 -7.56 -11.49 -22.92
CA LYS O 108 -6.33 -10.80 -22.50
C LYS O 108 -5.35 -10.64 -23.65
N LEU O 109 -5.40 -11.52 -24.65
CA LEU O 109 -4.52 -11.45 -25.82
C LEU O 109 -5.07 -10.59 -26.96
N THR O 110 -6.33 -10.13 -26.88
CA THR O 110 -6.95 -9.43 -28.01
C THR O 110 -7.67 -8.16 -27.59
N ARG O 111 -8.38 -8.18 -26.47
CA ARG O 111 -9.09 -7.00 -25.99
C ARG O 111 -8.11 -6.16 -25.19
N THR O 112 -7.12 -5.65 -25.92
CA THR O 112 -6.04 -4.88 -25.35
C THR O 112 -6.46 -3.46 -25.01
N TYR O 113 -7.69 -3.07 -25.36
CA TYR O 113 -8.24 -1.74 -25.18
C TYR O 113 -9.06 -1.60 -23.92
N THR O 114 -8.99 -2.59 -23.03
CA THR O 114 -9.69 -2.55 -21.76
C THR O 114 -8.89 -3.37 -20.77
N ASP O 115 -9.22 -3.23 -19.49
CA ASP O 115 -8.69 -4.12 -18.46
C ASP O 115 -9.79 -4.99 -17.84
N ARG O 116 -10.98 -5.02 -18.45
CA ARG O 116 -12.09 -5.80 -17.94
C ARG O 116 -12.25 -7.04 -18.82
N HIS O 117 -11.90 -8.19 -18.27
CA HIS O 117 -11.90 -9.44 -19.03
C HIS O 117 -12.87 -10.46 -18.47
N GLY O 118 -13.79 -10.04 -17.59
CA GLY O 118 -14.79 -10.95 -17.08
C GLY O 118 -15.76 -11.40 -18.16
N LEU O 119 -16.38 -12.55 -17.93
CA LEU O 119 -17.32 -13.07 -18.92
C LEU O 119 -18.49 -12.12 -19.14
N LYS O 120 -18.94 -11.44 -18.09
CA LYS O 120 -20.06 -10.52 -18.24
C LYS O 120 -19.70 -9.37 -19.17
N GLU O 121 -18.51 -8.78 -18.96
CA GLU O 121 -18.07 -7.66 -19.77
C GLU O 121 -17.87 -8.08 -21.22
N ILE O 122 -17.34 -9.29 -21.44
CA ILE O 122 -17.07 -9.75 -22.80
C ILE O 122 -18.37 -9.98 -23.55
N CYS O 123 -19.33 -10.66 -22.91
CA CYS O 123 -20.61 -10.92 -23.56
C CYS O 123 -21.31 -9.61 -23.91
N GLY O 124 -21.26 -8.64 -22.99
CA GLY O 124 -21.89 -7.36 -23.27
C GLY O 124 -21.27 -6.67 -24.46
N GLU O 125 -19.95 -6.65 -24.53
CA GLU O 125 -19.29 -5.94 -25.62
C GLU O 125 -19.41 -6.70 -26.94
N LEU O 126 -19.11 -8.01 -26.92
CA LEU O 126 -18.99 -8.75 -28.17
C LEU O 126 -20.33 -9.23 -28.70
N LEU O 127 -21.30 -9.50 -27.82
CA LEU O 127 -22.58 -10.08 -28.23
C LEU O 127 -23.79 -9.23 -27.89
N ASN O 128 -23.63 -8.15 -27.13
CA ASN O 128 -24.77 -7.41 -26.56
C ASN O 128 -25.68 -8.35 -25.77
N VAL O 129 -25.07 -9.31 -25.07
CA VAL O 129 -25.78 -10.22 -24.19
C VAL O 129 -25.46 -9.84 -22.76
N ASN O 130 -26.50 -9.73 -21.93
CA ASN O 130 -26.36 -9.37 -20.53
C ASN O 130 -26.31 -10.63 -19.68
N ILE O 131 -25.16 -10.88 -19.07
CA ILE O 131 -25.00 -11.92 -18.05
C ILE O 131 -25.32 -11.30 -16.70
N SER O 132 -26.24 -11.91 -15.96
CA SER O 132 -26.50 -11.52 -14.59
C SER O 132 -25.67 -12.36 -13.63
N LYS O 133 -24.97 -11.71 -12.72
CA LYS O 133 -24.09 -12.39 -11.77
C LYS O 133 -24.77 -12.68 -10.44
N GLN O 134 -26.08 -12.43 -10.32
CA GLN O 134 -26.73 -12.46 -9.02
C GLN O 134 -26.53 -13.80 -8.30
N GLN O 135 -26.59 -14.90 -9.05
CA GLN O 135 -26.52 -16.24 -8.45
C GLN O 135 -25.10 -16.79 -8.39
N GLN O 136 -24.09 -16.03 -8.79
CA GLN O 136 -22.72 -16.51 -8.72
C GLN O 136 -22.39 -17.01 -7.33
N SER O 137 -22.64 -16.18 -6.32
CA SER O 137 -22.47 -16.56 -4.91
C SER O 137 -23.82 -17.06 -4.40
N SER O 138 -24.03 -18.37 -4.47
CA SER O 138 -25.24 -18.99 -3.97
C SER O 138 -24.90 -20.40 -3.52
N ASP O 139 -25.85 -21.07 -2.87
CA ASP O 139 -25.58 -22.43 -2.42
C ASP O 139 -25.69 -23.37 -3.61
N TRP O 140 -24.57 -23.56 -4.31
CA TRP O 140 -24.58 -24.47 -5.46
C TRP O 140 -24.72 -25.93 -5.06
N ALA O 141 -24.60 -26.25 -3.77
CA ALA O 141 -24.74 -27.63 -3.31
C ALA O 141 -26.17 -27.98 -2.94
N ALA O 142 -27.12 -27.06 -3.12
CA ALA O 142 -28.51 -27.32 -2.78
C ALA O 142 -29.02 -28.54 -3.53
N GLU O 143 -29.85 -29.35 -2.86
CA GLU O 143 -30.42 -30.51 -3.53
C GLU O 143 -31.19 -30.09 -4.77
N THR O 144 -31.95 -29.00 -4.70
CA THR O 144 -32.69 -28.49 -5.85
C THR O 144 -32.18 -27.10 -6.18
N LEU O 145 -31.69 -26.93 -7.40
CA LEU O 145 -31.24 -25.63 -7.86
C LEU O 145 -32.44 -24.78 -8.24
N SER O 146 -32.38 -23.49 -7.89
CA SER O 146 -33.43 -22.59 -8.30
C SER O 146 -33.37 -22.38 -9.80
N ARG O 147 -34.47 -21.86 -10.36
CA ARG O 147 -34.46 -21.52 -11.77
C ARG O 147 -33.37 -20.48 -12.07
N ALA O 148 -33.22 -19.48 -11.20
CA ALA O 148 -32.20 -18.46 -11.43
C ALA O 148 -30.80 -19.05 -11.39
N GLN O 149 -30.57 -20.02 -10.50
CA GLN O 149 -29.28 -20.70 -10.47
C GLN O 149 -29.05 -21.45 -11.77
N ILE O 150 -30.05 -22.22 -12.20
CA ILE O 150 -29.93 -22.99 -13.42
C ILE O 150 -29.67 -22.08 -14.61
N GLU O 151 -30.34 -20.93 -14.66
CA GLU O 151 -30.14 -20.03 -15.80
C GLU O 151 -28.75 -19.40 -15.77
N TYR O 152 -28.24 -19.07 -14.58
CA TYR O 152 -26.88 -18.54 -14.51
C TYR O 152 -25.87 -19.59 -14.98
N ALA O 153 -25.99 -20.81 -14.46
CA ALA O 153 -25.12 -21.90 -14.88
C ALA O 153 -25.15 -22.06 -16.41
N ALA O 154 -26.36 -22.10 -16.98
CA ALA O 154 -26.47 -22.27 -18.43
C ALA O 154 -25.92 -21.08 -19.19
N SER O 155 -26.16 -19.86 -18.70
CA SER O 155 -25.68 -18.66 -19.37
CA SER O 155 -25.69 -18.70 -19.44
C SER O 155 -24.17 -18.65 -19.50
N ASP O 156 -23.47 -19.33 -18.59
CA ASP O 156 -22.01 -19.37 -18.62
C ASP O 156 -21.48 -20.23 -19.76
N VAL O 157 -22.27 -21.14 -20.32
CA VAL O 157 -21.81 -21.96 -21.44
C VAL O 157 -22.53 -21.65 -22.75
N LEU O 158 -23.69 -20.98 -22.71
CA LEU O 158 -24.49 -20.81 -23.92
C LEU O 158 -23.78 -19.99 -24.99
N TYR O 159 -22.78 -19.18 -24.63
CA TYR O 159 -22.22 -18.22 -25.55
C TYR O 159 -20.76 -18.45 -25.89
N LEU O 160 -20.14 -19.49 -25.33
CA LEU O 160 -18.69 -19.65 -25.47
C LEU O 160 -18.29 -19.95 -26.91
N HIS O 161 -19.11 -20.74 -27.63
CA HIS O 161 -18.83 -21.00 -29.04
C HIS O 161 -18.77 -19.70 -29.83
N ARG O 162 -19.78 -18.84 -29.65
CA ARG O 162 -19.80 -17.58 -30.39
C ARG O 162 -18.62 -16.70 -30.00
N LEU O 163 -18.26 -16.71 -28.71
CA LEU O 163 -17.11 -15.91 -28.27
C LEU O 163 -15.82 -16.46 -28.84
N LYS O 164 -15.64 -17.78 -28.79
CA LYS O 164 -14.47 -18.40 -29.39
C LYS O 164 -14.33 -18.02 -30.87
N ASP O 165 -15.44 -18.04 -31.62
CA ASP O 165 -15.39 -17.66 -33.03
CA ASP O 165 -15.40 -17.65 -33.03
C ASP O 165 -14.89 -16.23 -33.18
N ILE O 166 -15.40 -15.31 -32.36
CA ILE O 166 -14.94 -13.92 -32.47
C ILE O 166 -13.48 -13.80 -32.06
N PHE O 167 -13.10 -14.46 -30.96
CA PHE O 167 -11.72 -14.33 -30.49
C PHE O 167 -10.75 -14.95 -31.48
N GLU O 168 -11.18 -15.98 -32.22
CA GLU O 168 -10.31 -16.56 -33.22
C GLU O 168 -10.07 -15.59 -34.37
N GLU O 169 -11.11 -14.86 -34.77
CA GLU O 169 -10.91 -13.81 -35.76
C GLU O 169 -9.91 -12.76 -35.28
N ARG O 170 -10.02 -12.34 -34.01
CA ARG O 170 -9.11 -11.34 -33.47
C ARG O 170 -7.68 -11.87 -33.37
N LEU O 171 -7.53 -13.13 -32.95
CA LEU O 171 -6.19 -13.72 -32.85
C LEU O 171 -5.53 -13.79 -34.23
N LYS O 172 -6.31 -14.09 -35.26
CA LYS O 172 -5.78 -14.11 -36.61
C LYS O 172 -5.47 -12.69 -37.09
N ARG O 173 -6.41 -11.76 -36.87
CA ARG O 173 -6.21 -10.37 -37.29
C ARG O 173 -4.93 -9.78 -36.70
N GLU O 174 -4.69 -10.01 -35.41
CA GLU O 174 -3.51 -9.46 -34.76
C GLU O 174 -2.33 -10.41 -34.78
N GLU O 175 -2.46 -11.56 -35.43
CA GLU O 175 -1.34 -12.48 -35.68
C GLU O 175 -0.79 -13.05 -34.38
N ARG O 176 -1.68 -13.52 -33.51
CA ARG O 176 -1.31 -14.07 -32.22
C ARG O 176 -1.80 -15.50 -32.05
N GLU O 177 -2.05 -16.20 -33.16
CA GLU O 177 -2.62 -17.54 -33.05
C GLU O 177 -1.68 -18.50 -32.31
N SER O 178 -0.39 -18.44 -32.61
CA SER O 178 0.53 -19.37 -31.98
C SER O 178 0.78 -19.02 -30.51
N VAL O 179 0.71 -17.73 -30.17
CA VAL O 179 0.77 -17.33 -28.76
C VAL O 179 -0.39 -17.95 -27.99
N ALA O 180 -1.61 -17.78 -28.50
CA ALA O 180 -2.76 -18.33 -27.80
C ALA O 180 -2.66 -19.86 -27.68
N LYS O 181 -2.25 -20.52 -28.77
CA LYS O 181 -2.12 -21.97 -28.74
C LYS O 181 -1.17 -22.43 -27.63
N ALA O 182 -0.01 -21.76 -27.51
CA ALA O 182 0.94 -22.12 -26.46
C ALA O 182 0.37 -21.87 -25.07
N CYS O 183 -0.39 -20.77 -24.92
CA CYS O 183 -1.04 -20.52 -23.63
C CYS O 183 -2.04 -21.61 -23.31
N PHE O 184 -2.88 -21.98 -24.28
CA PHE O 184 -3.86 -23.04 -24.06
C PHE O 184 -3.16 -24.37 -23.79
N GLN O 185 -1.98 -24.58 -24.37
CA GLN O 185 -1.26 -25.83 -24.18
C GLN O 185 -0.77 -25.95 -22.74
N PHE O 186 -0.32 -24.85 -22.14
CA PHE O 186 0.14 -24.86 -20.76
C PHE O 186 -0.99 -24.80 -19.76
N LEU O 187 -2.17 -24.31 -20.15
CA LEU O 187 -3.24 -24.09 -19.18
C LEU O 187 -3.55 -25.32 -18.33
N PRO O 188 -3.63 -26.54 -18.85
CA PRO O 188 -3.86 -27.69 -17.96
C PRO O 188 -2.80 -27.85 -16.89
N MET O 189 -1.54 -27.58 -17.22
CA MET O 189 -0.49 -27.68 -16.22
C MET O 189 -0.58 -26.53 -15.21
N ARG O 190 -0.98 -25.34 -15.67
CA ARG O 190 -1.22 -24.24 -14.74
C ARG O 190 -2.29 -24.62 -13.73
N ALA O 191 -3.32 -25.34 -14.18
CA ALA O 191 -4.35 -25.85 -13.27
C ALA O 191 -3.76 -26.91 -12.34
N ASN O 192 -2.89 -27.77 -12.86
CA ASN O 192 -2.24 -28.77 -12.02
C ASN O 192 -1.33 -28.11 -10.98
N LEU O 193 -0.59 -27.08 -11.39
CA LEU O 193 0.22 -26.33 -10.43
C LEU O 193 -0.64 -25.79 -9.30
N ASP O 194 -1.86 -25.33 -9.63
CA ASP O 194 -2.79 -24.87 -8.61
C ASP O 194 -3.13 -25.98 -7.64
N LEU O 195 -3.50 -27.15 -8.17
CA LEU O 195 -3.86 -28.28 -7.32
C LEU O 195 -2.69 -28.73 -6.46
N LEU O 196 -1.46 -28.63 -6.97
CA LEU O 196 -0.29 -29.12 -6.25
C LEU O 196 0.19 -28.17 -5.17
N GLY O 197 -0.32 -26.94 -5.11
CA GLY O 197 0.08 -26.01 -4.08
C GLY O 197 0.70 -24.71 -4.55
N TRP O 198 0.74 -24.42 -5.86
CA TRP O 198 1.26 -23.15 -6.35
C TRP O 198 0.17 -22.20 -6.83
N SER O 199 -1.05 -22.31 -6.29
CA SER O 199 -2.14 -21.51 -6.84
C SER O 199 -1.91 -20.02 -6.67
N GLU O 200 -1.12 -19.60 -5.67
CA GLU O 200 -0.84 -18.19 -5.43
C GLU O 200 0.45 -17.72 -6.07
N ILE O 201 1.10 -18.56 -6.88
CA ILE O 201 2.44 -18.26 -7.38
C ILE O 201 2.38 -18.14 -8.90
N ASP O 202 2.86 -17.02 -9.42
CA ASP O 202 3.14 -16.91 -10.86
C ASP O 202 4.49 -17.59 -11.07
N ILE O 203 4.48 -18.81 -11.60
CA ILE O 203 5.70 -19.59 -11.66
C ILE O 203 6.73 -18.98 -12.61
N PHE O 204 6.33 -18.04 -13.47
CA PHE O 204 7.25 -17.42 -14.40
C PHE O 204 7.79 -16.08 -13.93
N ALA O 205 7.32 -15.59 -12.79
CA ALA O 205 7.75 -14.27 -12.33
C ALA O 205 9.18 -14.32 -11.81
N HIS O 206 9.84 -13.17 -11.87
CA HIS O 206 11.19 -13.07 -11.32
C HIS O 206 11.15 -13.17 -9.80
N SER O 207 10.17 -12.54 -9.17
CA SER O 207 10.02 -12.66 -7.73
C SER O 207 8.55 -12.79 -7.37
#